data_7VL6
#
_entry.id   7VL6
#
_cell.length_a   165.530
_cell.length_b   71.846
_cell.length_c   130.716
_cell.angle_alpha   90.000
_cell.angle_beta   104.990
_cell.angle_gamma   90.000
#
_symmetry.space_group_name_H-M   'C 1 2 1'
#
loop_
_entity.id
_entity.type
_entity.pdbx_description
1 polymer beta-1,2-glucosyltransferase
2 non-polymer (2R,3S,4S,5R,6S)-2-(hydroxymethyl)-6-(4-oxidanylphenoxy)oxane-3,4,5-triol
3 non-polymer 'CALCIUM ION'
4 water water
#
_entity_poly.entity_id   1
_entity_poly.type   'polypeptide(L)'
_entity_poly.pdbx_seq_one_letter_code
;SEKYFVKNGQPHFLISGEVHYFRINPKLWRNHLQLLKQTGADTVSTYIPWDWHEIEEDDFDFEGKTHPARNLIRFIKLCK
EENLDLIVKPGPYILAEYENQGLPSWLLKKLSKNAFALDENGNVISPDLVSYLSDEFLEYTFKWYDKVMPIISKHQKEHY
GPITMMQLCNEIGVFQWLSGKSDYNPKVINLYKEFIIQRYKTIEKLNSVYSTNYNSFDDLKAPSGKIKLRSDYCAYFDFH
LFFREYYNKYISILKNKIRSFGINIKLTHNIPGWIYGNASELPMLISTYSEIMKNHPDIIFGLDHIPEFVSFRNAHSDLA
CNKILEAMQPEAPVWAAEFQAGTREHHVKAYAKDLETFYIASLAHGIKGFNYYMFSQGINPEGKGFYGKTFYFQTALDAA
SNKLALYDSIKKVNRFIRKEQKDLLRTNVNSEICVGFYKPYFFTELISSQLLKEKKLNVEELGLYIDPRFLREEILFNGL
LRGLQTLNYNYDVVDLENCDLKSLTAYKQLWITSAEFMDAETQNLLSEFVLNGGNLILYPAVPTLDNYLNRCEILKNNFG
IEFITKDSSHKVSAFGIEDVFTAFSKKQIYNDTNSKPIAFTQENEICGIRKKIGKGELTILGFAFGYTSDEHLELIDKLV
KLNKIKRELFVSDKDIQFVVRENNKSRYIFFLNYHNERKTFNYRKSSELKKKKSEEISIAPFSYKVIKENK
;
_entity_poly.pdbx_strand_id   A,B
#
loop_
_chem_comp.id
_chem_comp.type
_chem_comp.name
_chem_comp.formula
7OQ non-polymer (2R,3S,4S,5R,6S)-2-(hydroxymethyl)-6-(4-oxidanylphenoxy)oxane-3,4,5-triol 'C12 H16 O7'
CA non-polymer 'CALCIUM ION' 'Ca 2'
#
# COMPACT_ATOMS: atom_id res chain seq x y z
N SER A 1 -25.12 9.75 28.73
CA SER A 1 -23.75 9.37 29.23
C SER A 1 -22.67 9.46 28.12
N GLU A 2 -22.79 10.39 27.16
CA GLU A 2 -21.67 10.67 26.20
C GLU A 2 -20.53 11.35 26.97
N LYS A 3 -19.28 11.16 26.55
CA LYS A 3 -18.11 11.90 27.10
C LYS A 3 -17.80 13.04 26.14
N TYR A 4 -17.69 14.26 26.65
CA TYR A 4 -17.41 15.46 25.82
C TYR A 4 -16.69 16.48 26.67
N PHE A 5 -16.02 17.44 26.02
CA PHE A 5 -15.34 18.55 26.72
C PHE A 5 -16.44 19.46 27.24
N VAL A 6 -16.16 20.13 28.35
CA VAL A 6 -17.10 21.06 29.03
C VAL A 6 -16.42 22.41 29.14
N LYS A 7 -17.11 23.48 28.82
CA LYS A 7 -16.65 24.86 29.10
C LYS A 7 -17.75 25.56 29.87
N ASN A 8 -17.46 26.00 31.10
CA ASN A 8 -18.39 26.84 31.88
C ASN A 8 -19.68 26.05 32.07
N GLY A 9 -19.54 24.75 32.39
CA GLY A 9 -20.63 23.78 32.66
C GLY A 9 -21.51 23.46 31.46
N GLN A 10 -21.08 23.71 30.22
CA GLN A 10 -21.86 23.37 29.00
C GLN A 10 -21.02 22.52 28.07
N PRO A 11 -21.62 21.70 27.19
CA PRO A 11 -20.84 20.94 26.20
C PRO A 11 -20.05 21.96 25.36
N HIS A 12 -18.78 21.64 25.09
CA HIS A 12 -17.88 22.48 24.29
C HIS A 12 -17.20 21.60 23.23
N PHE A 13 -17.39 21.86 21.95
CA PHE A 13 -16.66 21.09 20.92
C PHE A 13 -15.28 21.74 20.81
N LEU A 14 -14.22 21.02 21.19
CA LEU A 14 -12.84 21.58 21.09
C LEU A 14 -12.47 21.70 19.62
N ILE A 15 -12.34 22.93 19.12
CA ILE A 15 -11.84 23.21 17.75
C ILE A 15 -10.52 23.97 17.87
N SER A 16 -9.43 23.28 17.58
CA SER A 16 -8.06 23.84 17.61
C SER A 16 -7.50 23.85 16.19
N GLY A 17 -6.55 24.74 15.96
CA GLY A 17 -5.72 24.77 14.73
C GLY A 17 -4.25 24.82 15.08
N GLU A 18 -3.44 24.02 14.41
CA GLU A 18 -1.98 23.95 14.64
C GLU A 18 -1.34 25.10 13.86
N VAL A 19 -0.60 25.95 14.55
CA VAL A 19 0.11 27.14 13.99
C VAL A 19 1.51 27.18 14.60
N HIS A 20 2.56 26.89 13.81
CA HIS A 20 3.96 26.80 14.32
C HIS A 20 4.58 28.20 14.27
N TYR A 21 4.56 28.93 15.41
CA TYR A 21 5.15 30.28 15.54
C TYR A 21 6.59 30.27 15.03
N PHE A 22 7.35 29.17 15.25
CA PHE A 22 8.80 29.08 14.93
C PHE A 22 9.03 28.99 13.42
N ARG A 23 7.96 28.77 12.63
CA ARG A 23 8.04 28.61 11.15
C ARG A 23 7.20 29.67 10.42
N ILE A 24 6.89 30.77 11.10
CA ILE A 24 6.08 31.89 10.56
C ILE A 24 6.82 33.19 10.91
N ASN A 25 6.87 34.12 9.95
CA ASN A 25 7.36 35.50 10.19
C ASN A 25 6.61 36.06 11.39
N PRO A 26 7.27 36.44 12.50
CA PRO A 26 6.54 36.97 13.65
C PRO A 26 5.69 38.22 13.41
N LYS A 27 6.02 38.99 12.38
CA LYS A 27 5.20 40.16 11.99
C LYS A 27 3.81 39.67 11.52
N LEU A 28 3.66 38.38 11.19
CA LEU A 28 2.41 37.81 10.66
C LEU A 28 1.74 36.87 11.68
N TRP A 29 2.30 36.69 12.87
CA TRP A 29 1.64 35.82 13.90
C TRP A 29 0.20 36.30 14.18
N ARG A 30 0.01 37.59 14.44
CA ARG A 30 -1.33 38.09 14.79
C ARG A 30 -2.31 37.79 13.65
N ASN A 31 -1.94 37.97 12.40
CA ASN A 31 -2.86 37.72 11.26
C ASN A 31 -3.26 36.22 11.23
N HIS A 32 -2.29 35.30 11.41
CA HIS A 32 -2.62 33.85 11.46
C HIS A 32 -3.65 33.59 12.57
N LEU A 33 -3.41 34.11 13.75
CA LEU A 33 -4.30 33.86 14.91
C LEU A 33 -5.68 34.46 14.63
N GLN A 34 -5.75 35.68 14.10
CA GLN A 34 -7.04 36.33 13.80
C GLN A 34 -7.84 35.46 12.82
N LEU A 35 -7.20 35.02 11.74
CA LEU A 35 -7.85 34.22 10.67
C LEU A 35 -8.29 32.86 11.24
N LEU A 36 -7.50 32.25 12.13
CA LEU A 36 -7.91 30.98 12.80
C LEU A 36 -9.16 31.26 13.66
N LYS A 37 -9.13 32.31 14.48
CA LYS A 37 -10.29 32.69 15.33
C LYS A 37 -11.52 32.92 14.48
N GLN A 38 -11.39 33.52 13.30
CA GLN A 38 -12.55 33.86 12.43
C GLN A 38 -13.17 32.58 11.83
N THR A 39 -12.49 31.43 11.87
CA THR A 39 -13.14 30.16 11.43
C THR A 39 -14.05 29.58 12.53
N GLY A 40 -14.03 30.14 13.72
CA GLY A 40 -14.85 29.69 14.88
C GLY A 40 -14.05 28.77 15.79
N ALA A 41 -12.78 28.52 15.47
CA ALA A 41 -11.86 27.77 16.35
C ALA A 41 -11.75 28.49 17.70
N ASP A 42 -11.60 27.75 18.78
CA ASP A 42 -11.43 28.36 20.14
C ASP A 42 -9.99 28.24 20.66
N THR A 43 -9.17 27.38 20.06
CA THR A 43 -7.84 27.00 20.56
C THR A 43 -6.83 27.01 19.41
N VAL A 44 -5.58 27.24 19.74
CA VAL A 44 -4.42 27.11 18.84
C VAL A 44 -3.42 26.17 19.49
N SER A 45 -2.68 25.45 18.69
CA SER A 45 -1.79 24.36 19.17
C SER A 45 -0.41 24.52 18.51
N THR A 46 0.66 24.32 19.26
CA THR A 46 2.05 24.42 18.75
C THR A 46 3.02 23.60 19.58
N TYR A 47 3.99 23.07 18.88
CA TYR A 47 5.24 22.57 19.47
C TYR A 47 6.06 23.75 19.96
N ILE A 48 6.81 23.50 21.02
CA ILE A 48 7.89 24.41 21.49
C ILE A 48 9.19 23.64 21.37
N PRO A 49 9.95 23.80 20.25
CA PRO A 49 11.07 22.90 19.97
C PRO A 49 12.28 23.20 20.85
N TRP A 50 12.78 22.17 21.52
CA TRP A 50 13.97 22.27 22.41
C TRP A 50 15.17 22.83 21.63
N ASP A 51 15.45 22.29 20.43
CA ASP A 51 16.54 22.80 19.56
C ASP A 51 16.38 24.28 19.21
N TRP A 52 15.16 24.77 19.08
CA TRP A 52 14.90 26.15 18.63
C TRP A 52 15.27 27.11 19.78
N HIS A 53 15.11 26.67 21.05
CA HIS A 53 15.13 27.59 22.22
C HIS A 53 16.42 27.41 23.04
N GLU A 54 17.01 26.22 23.09
CA GLU A 54 18.33 26.03 23.73
C GLU A 54 19.38 26.02 22.61
N ILE A 55 19.75 27.23 22.17
CA ILE A 55 20.48 27.49 20.90
C ILE A 55 21.91 26.93 21.01
N GLU A 56 22.48 26.91 22.20
CA GLU A 56 23.72 26.18 22.51
C GLU A 56 23.54 25.65 23.92
N GLU A 57 24.42 24.76 24.39
CA GLU A 57 24.24 24.18 25.73
C GLU A 57 24.19 25.31 26.77
N ASP A 58 23.08 25.40 27.50
CA ASP A 58 22.83 26.33 28.62
C ASP A 58 22.71 27.77 28.13
N ASP A 59 22.28 27.97 26.87
CA ASP A 59 22.02 29.30 26.27
C ASP A 59 20.58 29.31 25.75
N PHE A 60 19.66 29.92 26.49
CA PHE A 60 18.19 29.81 26.24
C PHE A 60 17.68 31.13 25.69
N ASP A 61 16.82 31.05 24.68
CA ASP A 61 16.17 32.28 24.17
C ASP A 61 14.69 31.98 23.95
N PHE A 62 13.81 32.62 24.74
CA PHE A 62 12.34 32.52 24.59
C PHE A 62 11.75 33.90 24.23
N GLU A 63 12.63 34.88 24.00
CA GLU A 63 12.21 36.31 23.89
C GLU A 63 12.53 36.92 22.55
N GLY A 64 13.03 36.14 21.58
CA GLY A 64 13.41 36.67 20.27
C GLY A 64 14.71 37.49 20.31
N LYS A 65 15.61 37.27 21.26
CA LYS A 65 16.89 38.03 21.37
C LYS A 65 17.85 37.66 20.24
N THR A 66 17.87 36.40 19.79
CA THR A 66 18.81 35.91 18.77
C THR A 66 18.12 35.65 17.44
N HIS A 67 16.81 35.50 17.44
CA HIS A 67 15.99 35.35 16.21
C HIS A 67 14.59 35.76 16.60
N PRO A 68 13.92 36.65 15.85
CA PRO A 68 12.57 37.11 16.22
C PRO A 68 11.57 35.98 16.50
N ALA A 69 11.71 34.85 15.82
CA ALA A 69 10.73 33.74 15.92
C ALA A 69 11.06 32.84 17.11
N ARG A 70 12.06 33.18 17.93
CA ARG A 70 12.33 32.55 19.24
C ARG A 70 11.50 33.23 20.34
N ASN A 71 10.69 34.25 19.98
CA ASN A 71 9.88 35.03 20.93
C ASN A 71 8.59 34.26 21.27
N LEU A 72 8.76 33.11 21.92
CA LEU A 72 7.62 32.33 22.51
C LEU A 72 6.76 33.25 23.35
N ILE A 73 7.36 34.08 24.20
CA ILE A 73 6.59 34.85 25.21
C ILE A 73 5.60 35.75 24.45
N ARG A 74 6.06 36.39 23.39
CA ARG A 74 5.15 37.23 22.57
C ARG A 74 4.02 36.37 21.97
N PHE A 75 4.33 35.19 21.45
CA PHE A 75 3.30 34.34 20.81
C PHE A 75 2.22 34.01 21.83
N ILE A 76 2.62 33.64 23.06
CA ILE A 76 1.65 33.35 24.15
C ILE A 76 0.76 34.57 24.37
N LYS A 77 1.37 35.75 24.50
CA LYS A 77 0.62 37.01 24.77
C LYS A 77 -0.36 37.28 23.62
N LEU A 78 0.02 37.05 22.36
CA LEU A 78 -0.86 37.29 21.19
C LEU A 78 -2.03 36.30 21.25
N CYS A 79 -1.81 35.06 21.68
CA CYS A 79 -2.93 34.09 21.76
C CYS A 79 -3.99 34.69 22.69
N LYS A 80 -3.57 35.19 23.85
CA LYS A 80 -4.50 35.77 24.84
C LYS A 80 -5.19 37.01 24.24
N GLU A 81 -4.46 37.90 23.55
CA GLU A 81 -5.02 39.14 22.95
C GLU A 81 -6.07 38.77 21.89
N GLU A 82 -5.92 37.63 21.23
CA GLU A 82 -6.82 37.25 20.09
C GLU A 82 -7.83 36.20 20.56
N ASN A 83 -7.95 36.02 21.88
CA ASN A 83 -9.03 35.22 22.49
C ASN A 83 -8.96 33.79 21.97
N LEU A 84 -7.75 33.22 21.91
CA LEU A 84 -7.56 31.77 21.68
C LEU A 84 -6.88 31.16 22.90
N ASP A 85 -7.42 30.02 23.34
CA ASP A 85 -6.70 29.14 24.28
C ASP A 85 -5.53 28.46 23.54
N LEU A 86 -4.56 27.97 24.29
CA LEU A 86 -3.31 27.43 23.69
C LEU A 86 -3.00 26.05 24.25
N ILE A 87 -2.66 25.14 23.34
CA ILE A 87 -2.04 23.83 23.62
C ILE A 87 -0.55 23.95 23.33
N VAL A 88 0.29 23.63 24.33
CA VAL A 88 1.78 23.68 24.16
C VAL A 88 2.32 22.25 24.17
N LYS A 89 3.37 22.01 23.39
CA LYS A 89 3.94 20.66 23.24
C LYS A 89 5.45 20.78 23.23
N PRO A 90 6.11 20.83 24.41
CA PRO A 90 7.56 21.09 24.48
C PRO A 90 8.47 19.86 24.36
N GLY A 91 7.91 18.70 24.07
CA GLY A 91 8.74 17.52 23.81
C GLY A 91 9.08 16.75 25.09
N PRO A 92 10.29 16.18 25.20
CA PRO A 92 11.47 16.57 24.40
C PRO A 92 11.39 16.25 22.89
N TYR A 93 10.84 15.11 22.49
CA TYR A 93 10.68 14.83 21.03
C TYR A 93 9.46 15.59 20.53
N ILE A 94 9.54 16.16 19.32
CA ILE A 94 8.34 16.73 18.64
C ILE A 94 8.11 16.08 17.27
N LEU A 95 9.12 15.45 16.68
CA LEU A 95 9.00 14.95 15.29
C LEU A 95 8.81 16.18 14.38
N ALA A 96 7.59 16.44 13.90
CA ALA A 96 7.20 17.71 13.23
C ALA A 96 8.09 18.03 12.01
N GLU A 97 8.75 17.05 11.38
CA GLU A 97 9.68 17.30 10.25
C GLU A 97 10.68 18.36 10.65
N TYR A 98 11.05 18.40 11.92
CA TYR A 98 12.09 19.32 12.43
C TYR A 98 13.39 18.53 12.52
N GLU A 99 14.52 19.13 12.14
CA GLU A 99 15.82 18.41 12.19
C GLU A 99 16.01 17.74 13.55
N ASN A 100 16.52 16.51 13.51
CA ASN A 100 16.78 15.65 14.68
C ASN A 100 15.53 15.40 15.53
N GLN A 101 14.34 15.47 14.93
CA GLN A 101 13.02 15.27 15.61
C GLN A 101 12.84 16.26 16.78
N GLY A 102 13.54 17.40 16.76
CA GLY A 102 13.38 18.48 17.76
C GLY A 102 14.52 18.55 18.76
N LEU A 103 15.37 17.54 18.84
CA LEU A 103 16.48 17.50 19.84
C LEU A 103 17.58 18.42 19.34
N PRO A 104 18.27 19.14 20.24
CA PRO A 104 19.38 19.99 19.83
C PRO A 104 20.51 19.20 19.16
N SER A 105 21.04 19.71 18.03
CA SER A 105 22.30 19.22 17.40
C SER A 105 23.41 19.12 18.44
N TRP A 106 23.57 20.13 19.30
CA TRP A 106 24.67 20.16 20.31
C TRP A 106 24.49 18.96 21.26
N LEU A 107 23.24 18.59 21.57
CA LEU A 107 22.98 17.46 22.50
C LEU A 107 23.37 16.17 21.80
N LEU A 108 22.92 15.93 20.58
CA LEU A 108 23.18 14.62 19.92
C LEU A 108 24.67 14.47 19.68
N LYS A 109 25.40 15.58 19.49
CA LYS A 109 26.87 15.52 19.27
C LYS A 109 27.55 15.21 20.59
N LYS A 110 27.00 15.62 21.73
CA LYS A 110 27.67 15.47 23.02
C LYS A 110 27.38 14.12 23.72
N LEU A 111 26.19 13.55 23.50
CA LEU A 111 25.73 12.35 24.26
C LEU A 111 26.73 11.20 24.08
N SER A 112 26.95 10.40 25.12
CA SER A 112 27.80 9.18 25.00
C SER A 112 26.98 8.10 24.28
N LYS A 113 27.67 7.11 23.72
CA LYS A 113 27.05 6.00 22.93
C LYS A 113 25.90 5.35 23.73
N ASN A 114 26.03 5.24 25.05
CA ASN A 114 25.03 4.50 25.87
C ASN A 114 23.75 5.33 26.06
N ALA A 115 23.66 6.54 25.50
CA ALA A 115 22.38 7.29 25.53
C ALA A 115 21.45 6.83 24.40
N PHE A 116 21.97 6.18 23.36
CA PHE A 116 21.23 5.89 22.11
C PHE A 116 20.53 4.54 22.23
N ALA A 117 19.42 4.39 21.52
CA ALA A 117 18.76 3.10 21.25
C ALA A 117 19.72 2.21 20.44
N LEU A 118 19.87 0.94 20.78
CA LEU A 118 20.88 0.04 20.18
C LEU A 118 20.21 -1.23 19.67
N ASP A 119 20.70 -1.77 18.56
CA ASP A 119 20.20 -3.07 18.00
C ASP A 119 20.83 -4.20 18.83
N GLU A 120 20.51 -5.48 18.56
CA GLU A 120 21.02 -6.62 19.41
C GLU A 120 22.54 -6.75 19.28
N ASN A 121 23.12 -6.24 18.17
CA ASN A 121 24.59 -6.24 17.94
C ASN A 121 25.27 -5.10 18.70
N GLY A 122 24.52 -4.17 19.30
CA GLY A 122 25.09 -3.06 20.09
C GLY A 122 25.35 -1.82 19.25
N ASN A 123 24.84 -1.80 18.01
CA ASN A 123 24.98 -0.67 17.04
C ASN A 123 23.81 0.33 17.16
N VAL A 124 24.13 1.62 16.98
CA VAL A 124 23.18 2.75 17.06
C VAL A 124 22.15 2.55 15.95
N ILE A 125 20.88 2.50 16.33
CA ILE A 125 19.77 2.33 15.36
C ILE A 125 19.69 3.58 14.47
N SER A 126 19.79 4.77 15.06
CA SER A 126 19.67 6.07 14.34
C SER A 126 20.32 7.19 15.13
N PRO A 127 21.11 8.10 14.49
CA PRO A 127 21.82 9.14 15.21
C PRO A 127 20.92 10.17 15.90
N ASP A 128 19.60 10.18 15.66
CA ASP A 128 18.68 11.05 16.44
C ASP A 128 17.75 10.25 17.37
N LEU A 129 17.97 8.94 17.56
CA LEU A 129 17.07 8.08 18.39
C LEU A 129 17.76 7.77 19.74
N VAL A 130 17.37 8.48 20.81
CA VAL A 130 17.89 8.22 22.19
C VAL A 130 17.10 7.05 22.78
N SER A 131 17.67 6.45 23.80
CA SER A 131 16.98 5.50 24.71
C SER A 131 16.15 6.32 25.70
N TYR A 132 14.84 6.12 25.77
CA TYR A 132 13.95 6.98 26.61
C TYR A 132 14.45 7.08 28.06
N LEU A 133 14.93 6.01 28.69
CA LEU A 133 15.29 6.08 30.13
C LEU A 133 16.81 6.24 30.31
N SER A 134 17.54 6.55 29.25
CA SER A 134 18.97 6.99 29.34
C SER A 134 19.12 8.04 30.45
N ASP A 135 20.07 7.83 31.38
CA ASP A 135 20.29 8.81 32.47
C ASP A 135 20.69 10.16 31.88
N GLU A 136 21.51 10.12 30.82
CA GLU A 136 22.09 11.35 30.20
C GLU A 136 20.96 12.09 29.48
N PHE A 137 20.12 11.35 28.77
CA PHE A 137 18.96 11.91 28.06
C PHE A 137 18.05 12.63 29.04
N LEU A 138 17.68 11.98 30.15
CA LEU A 138 16.73 12.53 31.14
C LEU A 138 17.37 13.73 31.88
N GLU A 139 18.68 13.73 32.09
CA GLU A 139 19.36 14.87 32.77
C GLU A 139 19.16 16.14 31.90
N TYR A 140 19.40 16.04 30.60
CA TYR A 140 19.31 17.20 29.69
C TYR A 140 17.84 17.53 29.47
N THR A 141 16.99 16.53 29.34
CA THR A 141 15.53 16.78 29.22
C THR A 141 15.10 17.60 30.42
N PHE A 142 15.54 17.25 31.63
CA PHE A 142 15.14 17.97 32.86
C PHE A 142 15.65 19.43 32.80
N LYS A 143 16.87 19.68 32.31
CA LYS A 143 17.43 21.05 32.21
C LYS A 143 16.62 21.87 31.20
N TRP A 144 16.10 21.22 30.14
CA TRP A 144 15.19 21.88 29.17
C TRP A 144 13.89 22.24 29.89
N TYR A 145 13.27 21.28 30.58
CA TYR A 145 12.04 21.48 31.37
C TYR A 145 12.26 22.61 32.37
N ASP A 146 13.42 22.66 33.04
CA ASP A 146 13.70 23.71 34.05
C ASP A 146 13.50 25.11 33.43
N LYS A 147 13.72 25.30 32.13
CA LYS A 147 13.61 26.63 31.48
C LYS A 147 12.23 26.84 30.83
N VAL A 148 11.66 25.85 30.14
CA VAL A 148 10.36 26.01 29.41
C VAL A 148 9.21 25.86 30.39
N MET A 149 9.30 25.00 31.41
CA MET A 149 8.11 24.72 32.25
C MET A 149 7.74 25.92 33.12
N PRO A 150 8.66 26.78 33.63
CA PRO A 150 8.21 27.95 34.39
C PRO A 150 7.39 28.92 33.54
N ILE A 151 7.73 29.01 32.27
CA ILE A 151 6.99 29.86 31.30
C ILE A 151 5.59 29.29 31.11
N ILE A 152 5.48 28.00 30.85
CA ILE A 152 4.17 27.31 30.71
C ILE A 152 3.34 27.50 31.99
N SER A 153 3.95 27.34 33.17
CA SER A 153 3.23 27.45 34.46
C SER A 153 2.67 28.85 34.64
N LYS A 154 3.47 29.87 34.36
CA LYS A 154 3.11 31.32 34.52
C LYS A 154 1.88 31.64 33.66
N HIS A 155 1.73 31.02 32.48
CA HIS A 155 0.71 31.39 31.45
C HIS A 155 -0.45 30.40 31.37
N GLN A 156 -0.60 29.56 32.39
CA GLN A 156 -1.75 28.63 32.56
C GLN A 156 -3.07 29.41 32.70
N LYS A 157 -4.18 28.79 32.28
CA LYS A 157 -5.55 29.33 32.44
C LYS A 157 -5.77 29.77 33.90
N GLU A 158 -5.38 28.97 34.90
CA GLU A 158 -5.70 29.31 36.31
C GLU A 158 -4.98 30.60 36.74
N HIS A 159 -3.96 31.06 36.00
CA HIS A 159 -3.30 32.36 36.26
C HIS A 159 -3.72 33.39 35.21
N TYR A 160 -4.85 33.19 34.54
CA TYR A 160 -5.48 34.10 33.54
C TYR A 160 -4.70 34.09 32.22
N GLY A 161 -3.79 33.13 32.02
CA GLY A 161 -3.07 32.96 30.76
C GLY A 161 -3.90 32.10 29.80
N PRO A 162 -3.44 31.91 28.55
CA PRO A 162 -4.22 31.16 27.57
C PRO A 162 -4.01 29.63 27.58
N ILE A 163 -3.02 29.14 28.35
CA ILE A 163 -2.58 27.71 28.19
C ILE A 163 -3.56 26.78 28.92
N THR A 164 -4.22 25.88 28.16
CA THR A 164 -5.26 24.97 28.72
C THR A 164 -4.78 23.53 28.73
N MET A 165 -3.80 23.14 27.91
CA MET A 165 -3.41 21.71 27.75
C MET A 165 -1.94 21.66 27.36
N MET A 166 -1.27 20.58 27.73
CA MET A 166 0.13 20.33 27.34
C MET A 166 0.33 18.86 26.99
N GLN A 167 0.98 18.62 25.85
CA GLN A 167 1.36 17.27 25.40
C GLN A 167 2.70 16.91 26.01
N LEU A 168 2.82 15.69 26.51
CA LEU A 168 4.09 15.13 27.00
C LEU A 168 4.76 14.40 25.84
N CYS A 169 5.98 14.80 25.50
CA CYS A 169 6.77 14.21 24.40
C CYS A 169 5.87 14.12 23.17
N ASN A 170 6.04 13.10 22.32
CA ASN A 170 5.28 13.01 21.04
C ASN A 170 5.26 11.55 20.57
N GLU A 171 4.09 10.95 20.47
CA GLU A 171 3.91 9.58 19.90
C GLU A 171 4.97 8.60 20.43
N ILE A 172 5.01 8.38 21.72
CA ILE A 172 6.01 7.48 22.35
C ILE A 172 6.01 6.16 21.60
N GLY A 173 7.23 5.71 21.25
CA GLY A 173 7.50 4.49 20.47
C GLY A 173 7.41 4.65 18.95
N VAL A 174 7.03 5.80 18.40
CA VAL A 174 6.80 5.95 16.93
C VAL A 174 8.11 5.64 16.18
N PHE A 175 9.27 5.99 16.76
CA PHE A 175 10.58 5.75 16.11
C PHE A 175 10.97 4.30 16.13
N GLN A 176 10.83 3.63 17.26
CA GLN A 176 11.01 2.18 17.36
C GLN A 176 10.22 1.61 16.15
N TRP A 177 8.90 1.85 16.10
CA TRP A 177 8.00 1.31 15.05
C TRP A 177 8.53 1.64 13.64
N LEU A 178 8.80 2.89 13.26
CA LEU A 178 9.16 3.27 11.86
C LEU A 178 10.59 2.85 11.50
N SER A 179 11.50 2.77 12.48
CA SER A 179 12.92 2.34 12.30
C SER A 179 12.92 0.87 11.92
N GLY A 180 11.88 0.15 12.34
CA GLY A 180 11.72 -1.28 12.04
C GLY A 180 12.52 -2.18 12.94
N LYS A 181 12.99 -1.68 14.09
CA LYS A 181 13.87 -2.39 15.05
C LYS A 181 13.56 -1.97 16.49
N SER A 182 13.76 -2.87 17.47
CA SER A 182 13.48 -2.63 18.91
C SER A 182 14.76 -2.27 19.69
N ASP A 183 14.64 -1.60 20.83
CA ASP A 183 15.76 -1.02 21.62
C ASP A 183 16.35 -2.10 22.52
N TYR A 184 17.65 -2.45 22.34
CA TYR A 184 18.40 -3.41 23.19
C TYR A 184 19.49 -2.69 24.00
N ASN A 185 19.29 -1.40 24.29
CA ASN A 185 20.16 -0.59 25.18
C ASN A 185 20.32 -1.30 26.53
N PRO A 186 21.49 -1.26 27.21
CA PRO A 186 21.69 -2.00 28.45
C PRO A 186 20.85 -1.52 29.66
N LYS A 187 20.48 -0.24 29.69
CA LYS A 187 19.46 0.31 30.62
C LYS A 187 18.15 -0.48 30.48
N VAL A 188 17.74 -0.74 29.22
CA VAL A 188 16.49 -1.43 28.85
C VAL A 188 16.59 -2.90 29.27
N ILE A 189 17.66 -3.57 28.84
CA ILE A 189 17.89 -5.03 29.13
C ILE A 189 17.95 -5.25 30.65
N ASN A 190 18.59 -4.36 31.41
CA ASN A 190 18.64 -4.47 32.89
C ASN A 190 17.26 -4.26 33.50
N LEU A 191 16.47 -3.31 33.01
CA LEU A 191 15.11 -3.10 33.57
C LEU A 191 14.26 -4.35 33.22
N TYR A 192 14.41 -4.90 32.03
CA TYR A 192 13.72 -6.15 31.61
C TYR A 192 14.03 -7.28 32.60
N LYS A 193 15.30 -7.47 32.92
CA LYS A 193 15.73 -8.55 33.88
C LYS A 193 15.06 -8.35 35.24
N GLU A 194 14.99 -7.11 35.77
CA GLU A 194 14.30 -6.80 37.04
C GLU A 194 12.81 -7.16 36.93
N PHE A 195 12.20 -6.80 35.80
CA PHE A 195 10.78 -7.08 35.51
C PHE A 195 10.53 -8.59 35.56
N ILE A 196 11.36 -9.38 34.91
CA ILE A 196 11.18 -10.87 34.88
C ILE A 196 11.32 -11.42 36.31
N ILE A 197 12.31 -10.98 37.08
CA ILE A 197 12.54 -11.51 38.46
C ILE A 197 11.32 -11.15 39.31
N GLN A 198 10.84 -9.92 39.20
CA GLN A 198 9.65 -9.49 39.93
C GLN A 198 8.46 -10.34 39.50
N ARG A 199 8.34 -10.68 38.20
CA ARG A 199 7.12 -11.36 37.75
C ARG A 199 7.11 -12.81 38.23
N TYR A 200 8.24 -13.54 38.15
CA TYR A 200 8.32 -15.02 38.35
C TYR A 200 8.91 -15.43 39.71
N LYS A 201 9.74 -14.60 40.34
CA LYS A 201 10.28 -14.79 41.72
C LYS A 201 11.41 -15.81 41.74
N THR A 202 11.22 -16.95 41.09
CA THR A 202 12.25 -18.03 41.06
C THR A 202 12.46 -18.51 39.64
N ILE A 203 13.67 -18.96 39.35
CA ILE A 203 13.94 -19.50 38.00
C ILE A 203 13.08 -20.74 37.74
N GLU A 204 12.70 -21.47 38.78
CA GLU A 204 11.90 -22.70 38.61
C GLU A 204 10.50 -22.36 38.11
N LYS A 205 9.91 -21.28 38.63
CA LYS A 205 8.56 -20.82 38.22
C LYS A 205 8.63 -20.32 36.77
N LEU A 206 9.65 -19.55 36.38
CA LEU A 206 9.81 -19.12 34.97
C LEU A 206 9.94 -20.38 34.09
N ASN A 207 10.81 -21.32 34.49
CA ASN A 207 11.06 -22.54 33.66
C ASN A 207 9.76 -23.31 33.47
N SER A 208 8.89 -23.38 34.48
CA SER A 208 7.63 -24.14 34.45
C SER A 208 6.69 -23.50 33.42
N VAL A 209 6.72 -22.18 33.28
CA VAL A 209 5.82 -21.46 32.35
C VAL A 209 6.38 -21.52 30.93
N TYR A 210 7.68 -21.26 30.76
CA TYR A 210 8.35 -21.22 29.43
C TYR A 210 8.68 -22.62 28.88
N SER A 211 8.74 -23.65 29.74
CA SER A 211 9.37 -24.98 29.45
C SER A 211 10.86 -24.81 29.08
N THR A 212 11.58 -23.99 29.84
CA THR A 212 13.05 -23.81 29.68
C THR A 212 13.76 -24.55 30.84
N ASN A 213 15.08 -24.60 30.79
CA ASN A 213 15.95 -25.36 31.73
C ASN A 213 17.05 -24.43 32.27
N TYR A 214 16.76 -23.15 32.50
CA TYR A 214 17.78 -22.21 33.07
C TYR A 214 18.18 -22.65 34.49
N ASN A 215 19.47 -22.50 34.81
CA ASN A 215 19.94 -22.77 36.20
C ASN A 215 19.70 -21.55 37.09
N SER A 216 19.66 -20.34 36.53
CA SER A 216 19.46 -19.11 37.32
C SER A 216 18.99 -17.98 36.40
N PHE A 217 18.47 -16.91 36.99
CA PHE A 217 18.02 -15.71 36.24
C PHE A 217 19.19 -15.12 35.44
N ASP A 218 20.44 -15.34 35.87
CA ASP A 218 21.66 -14.85 35.18
C ASP A 218 21.78 -15.49 33.78
N ASP A 219 21.20 -16.67 33.55
CA ASP A 219 21.29 -17.38 32.26
C ASP A 219 20.30 -16.78 31.25
N LEU A 220 19.29 -16.06 31.71
CA LEU A 220 18.17 -15.54 30.86
C LEU A 220 18.65 -14.25 30.19
N LYS A 221 18.56 -14.19 28.87
CA LYS A 221 18.99 -13.05 28.02
C LYS A 221 17.73 -12.45 27.39
N ALA A 222 17.76 -11.18 27.01
CA ALA A 222 16.63 -10.54 26.33
C ALA A 222 16.42 -11.30 25.04
N PRO A 223 15.17 -11.64 24.68
CA PRO A 223 14.92 -12.39 23.46
C PRO A 223 15.34 -11.60 22.23
N SER A 224 15.93 -12.29 21.27
CA SER A 224 16.38 -11.74 19.97
C SER A 224 16.19 -12.81 18.90
N GLY A 225 16.20 -12.39 17.66
CA GLY A 225 16.13 -13.35 16.55
C GLY A 225 14.72 -13.92 16.42
N LYS A 226 14.56 -14.83 15.49
CA LYS A 226 13.24 -15.37 15.11
C LYS A 226 12.73 -16.30 16.22
N ILE A 227 11.41 -16.38 16.37
CA ILE A 227 10.74 -17.34 17.29
C ILE A 227 10.71 -18.72 16.62
N LYS A 228 11.34 -19.73 17.23
CA LYS A 228 11.43 -21.12 16.73
C LYS A 228 10.73 -22.10 17.68
N LEU A 229 10.64 -21.78 18.97
CA LEU A 229 10.06 -22.64 20.03
C LEU A 229 8.99 -21.86 20.79
N ARG A 230 8.06 -22.58 21.42
CA ARG A 230 7.02 -21.95 22.27
C ARG A 230 7.72 -21.18 23.39
N SER A 231 8.90 -21.63 23.81
CA SER A 231 9.65 -20.91 24.87
C SER A 231 10.11 -19.53 24.36
N ASP A 232 10.43 -19.40 23.07
CA ASP A 232 10.86 -18.10 22.49
C ASP A 232 9.63 -17.18 22.45
N TYR A 233 8.47 -17.72 22.07
CA TYR A 233 7.18 -16.97 22.04
C TYR A 233 6.87 -16.43 23.45
N CYS A 234 6.97 -17.26 24.48
CA CYS A 234 6.76 -16.82 25.90
C CYS A 234 7.72 -15.68 26.26
N ALA A 235 9.01 -15.79 25.92
CA ALA A 235 10.03 -14.78 26.26
C ALA A 235 9.65 -13.46 25.56
N TYR A 236 9.29 -13.52 24.30
CA TYR A 236 8.88 -12.28 23.60
C TYR A 236 7.58 -11.72 24.15
N PHE A 237 6.62 -12.55 24.56
CA PHE A 237 5.35 -12.04 25.11
C PHE A 237 5.64 -11.20 26.36
N ASP A 238 6.46 -11.71 27.26
CA ASP A 238 6.87 -10.96 28.47
C ASP A 238 7.65 -9.69 28.07
N PHE A 239 8.45 -9.75 27.02
CA PHE A 239 9.24 -8.59 26.53
C PHE A 239 8.26 -7.48 26.08
N HIS A 240 7.14 -7.87 25.45
CA HIS A 240 6.04 -6.94 25.09
C HIS A 240 5.45 -6.34 26.35
N LEU A 241 5.12 -7.15 27.37
CA LEU A 241 4.54 -6.64 28.64
C LEU A 241 5.54 -5.67 29.25
N PHE A 242 6.83 -5.98 29.17
CA PHE A 242 7.90 -5.12 29.74
C PHE A 242 7.91 -3.75 29.02
N PHE A 243 7.86 -3.71 27.69
CA PHE A 243 7.88 -2.39 26.99
C PHE A 243 6.66 -1.54 27.39
N ARG A 244 5.52 -2.16 27.67
CA ARG A 244 4.37 -1.34 28.12
C ARG A 244 4.65 -0.71 29.48
N GLU A 245 5.35 -1.45 30.37
CA GLU A 245 5.75 -0.87 31.70
C GLU A 245 6.83 0.19 31.46
N TYR A 246 7.76 -0.04 30.52
CA TYR A 246 8.87 0.89 30.18
C TYR A 246 8.30 2.25 29.71
N TYR A 247 7.34 2.26 28.78
CA TYR A 247 6.77 3.54 28.29
C TYR A 247 5.99 4.24 29.42
N ASN A 248 5.35 3.46 30.31
CA ASN A 248 4.65 4.01 31.48
C ASN A 248 5.68 4.65 32.43
N LYS A 249 6.83 4.02 32.61
CA LYS A 249 7.90 4.63 33.45
C LYS A 249 8.37 5.96 32.81
N TYR A 250 8.57 6.01 31.49
CA TYR A 250 9.05 7.24 30.79
C TYR A 250 8.04 8.36 31.04
N ILE A 251 6.76 8.14 30.73
CA ILE A 251 5.76 9.22 30.78
C ILE A 251 5.58 9.62 32.26
N SER A 252 5.67 8.67 33.19
CA SER A 252 5.54 8.88 34.65
C SER A 252 6.64 9.85 35.12
N ILE A 253 7.85 9.65 34.63
CA ILE A 253 9.00 10.51 35.03
C ILE A 253 8.75 11.93 34.48
N LEU A 254 8.36 12.07 33.21
CA LEU A 254 8.02 13.42 32.67
C LEU A 254 6.88 14.05 33.47
N LYS A 255 5.79 13.32 33.73
CA LYS A 255 4.61 13.87 34.44
C LYS A 255 5.00 14.36 35.84
N ASN A 256 5.77 13.55 36.57
CA ASN A 256 6.20 13.91 37.96
C ASN A 256 7.01 15.22 37.93
N LYS A 257 7.92 15.36 36.96
CA LYS A 257 8.78 16.56 36.78
C LYS A 257 7.90 17.78 36.48
N ILE A 258 7.01 17.66 35.51
CA ILE A 258 6.07 18.74 35.12
C ILE A 258 5.23 19.22 36.31
N ARG A 259 4.66 18.31 37.09
CA ARG A 259 3.75 18.69 38.19
C ARG A 259 4.53 19.52 39.24
N SER A 260 5.85 19.33 39.35
CA SER A 260 6.68 20.03 40.37
C SER A 260 6.76 21.53 40.07
N PHE A 261 6.38 22.01 38.88
CA PHE A 261 6.36 23.44 38.49
C PHE A 261 5.01 24.10 38.78
N GLY A 262 4.05 23.42 39.39
CA GLY A 262 2.76 24.05 39.66
C GLY A 262 1.88 23.99 38.43
N ILE A 263 2.15 23.05 37.51
CA ILE A 263 1.38 22.94 36.24
C ILE A 263 0.22 21.99 36.50
N ASN A 264 -1.00 22.53 36.52
CA ASN A 264 -2.23 21.77 36.84
C ASN A 264 -3.15 21.62 35.63
N ILE A 265 -2.80 22.14 34.45
CA ILE A 265 -3.58 21.99 33.18
C ILE A 265 -3.70 20.50 32.80
N LYS A 266 -4.58 20.21 31.85
CA LYS A 266 -4.80 18.86 31.28
C LYS A 266 -3.54 18.43 30.54
N LEU A 267 -3.05 17.25 30.82
CA LEU A 267 -1.91 16.63 30.11
C LEU A 267 -2.44 15.68 29.02
N THR A 268 -1.76 15.64 27.88
CA THR A 268 -2.18 14.85 26.70
C THR A 268 -1.04 13.97 26.19
N HIS A 269 -1.40 13.02 25.34
CA HIS A 269 -0.44 12.32 24.49
C HIS A 269 -1.17 12.02 23.21
N ASN A 270 -0.41 11.66 22.20
CA ASN A 270 -0.93 11.54 20.81
C ASN A 270 -0.56 10.19 20.23
N ILE A 271 -1.54 9.58 19.56
CA ILE A 271 -1.42 8.17 19.07
C ILE A 271 -1.10 8.13 17.58
N PRO A 272 0.05 7.52 17.21
CA PRO A 272 0.43 7.31 15.82
C PRO A 272 -0.24 6.05 15.26
N GLY A 273 -0.15 5.82 13.94
CA GLY A 273 -0.48 4.51 13.36
C GLY A 273 -1.01 4.57 11.95
N TRP A 274 -1.43 5.73 11.45
CA TRP A 274 -1.85 5.79 10.02
C TRP A 274 -0.58 5.78 9.18
N ILE A 275 -0.62 5.07 8.06
CA ILE A 275 0.43 5.18 7.02
C ILE A 275 -0.24 4.81 5.68
N TYR A 276 0.13 5.55 4.64
CA TYR A 276 -0.40 5.39 3.27
C TYR A 276 -1.93 5.49 3.24
N GLY A 277 -2.54 6.21 4.19
CA GLY A 277 -3.98 6.49 4.17
C GLY A 277 -4.83 5.41 4.83
N ASN A 278 -4.23 4.44 5.55
CA ASN A 278 -5.06 3.52 6.37
C ASN A 278 -4.42 3.30 7.74
N ALA A 279 -5.22 2.79 8.65
CA ALA A 279 -4.88 2.80 10.09
C ALA A 279 -4.97 1.39 10.68
N SER A 280 -4.91 0.35 9.84
CA SER A 280 -5.02 -1.05 10.31
C SER A 280 -3.92 -1.40 11.35
N GLU A 281 -2.79 -0.68 11.40
CA GLU A 281 -1.71 -0.94 12.41
C GLU A 281 -1.90 -0.05 13.64
N LEU A 282 -2.77 0.96 13.60
CA LEU A 282 -2.89 1.86 14.76
C LEU A 282 -3.27 1.07 16.04
N PRO A 283 -4.19 0.07 15.96
CA PRO A 283 -4.55 -0.70 17.17
C PRO A 283 -3.35 -1.33 17.87
N MET A 284 -2.35 -1.75 17.13
CA MET A 284 -1.08 -2.27 17.71
C MET A 284 -0.41 -1.16 18.51
N LEU A 285 -0.34 0.05 17.95
CA LEU A 285 0.38 1.19 18.58
C LEU A 285 -0.41 1.62 19.81
N ILE A 286 -1.74 1.69 19.74
CA ILE A 286 -2.50 2.12 20.94
C ILE A 286 -2.30 1.08 22.05
N SER A 287 -2.11 -0.19 21.67
CA SER A 287 -1.90 -1.30 22.64
C SER A 287 -0.61 -1.06 23.43
N THR A 288 0.38 -0.37 22.86
CA THR A 288 1.70 -0.12 23.54
C THR A 288 1.47 0.87 24.71
N TYR A 289 0.32 1.54 24.76
CA TYR A 289 -0.02 2.52 25.82
C TYR A 289 -0.90 1.89 26.93
N SER A 290 -1.10 0.58 26.91
CA SER A 290 -2.07 -0.08 27.84
C SER A 290 -1.75 0.27 29.31
N GLU A 291 -0.49 0.25 29.68
CA GLU A 291 -0.07 0.46 31.11
C GLU A 291 -0.13 1.97 31.41
N ILE A 292 0.19 2.86 30.46
CA ILE A 292 -0.01 4.32 30.72
C ILE A 292 -1.49 4.58 31.01
N MET A 293 -2.39 4.10 30.16
CA MET A 293 -3.82 4.42 30.29
C MET A 293 -4.44 3.84 31.59
N LYS A 294 -3.95 2.69 32.07
CA LYS A 294 -4.38 2.16 33.39
C LYS A 294 -3.84 3.02 34.56
N ASN A 295 -2.63 3.53 34.49
CA ASN A 295 -1.97 4.20 35.63
C ASN A 295 -2.28 5.70 35.65
N HIS A 296 -2.64 6.30 34.52
CA HIS A 296 -2.77 7.77 34.43
C HIS A 296 -4.16 8.13 33.92
N PRO A 297 -5.19 8.15 34.79
CA PRO A 297 -6.52 8.60 34.37
C PRO A 297 -6.55 10.10 34.01
N ASP A 298 -5.49 10.85 34.31
CA ASP A 298 -5.46 12.32 34.07
C ASP A 298 -4.69 12.66 32.78
N ILE A 299 -4.18 11.69 32.03
CA ILE A 299 -3.54 11.99 30.72
C ILE A 299 -4.53 11.59 29.63
N ILE A 300 -4.95 12.54 28.83
CA ILE A 300 -5.95 12.23 27.77
C ILE A 300 -5.19 11.94 26.49
N PHE A 301 -5.39 10.75 25.91
CA PHE A 301 -4.82 10.40 24.60
C PHE A 301 -5.78 10.86 23.50
N GLY A 302 -5.23 11.43 22.44
CA GLY A 302 -6.00 11.73 21.21
C GLY A 302 -5.35 11.08 20.01
N LEU A 303 -6.12 10.98 18.94
CA LEU A 303 -5.68 10.29 17.71
C LEU A 303 -4.96 11.25 16.78
N ASP A 304 -3.99 10.71 16.05
CA ASP A 304 -3.34 11.44 14.92
C ASP A 304 -3.89 10.86 13.61
N HIS A 305 -4.94 11.50 13.05
CA HIS A 305 -5.67 10.99 11.86
C HIS A 305 -5.00 11.53 10.59
N ILE A 306 -4.49 10.66 9.73
CA ILE A 306 -3.84 11.00 8.44
C ILE A 306 -4.47 10.14 7.31
N PRO A 307 -5.74 10.42 6.92
CA PRO A 307 -6.41 9.66 5.85
C PRO A 307 -5.84 9.82 4.44
N GLU A 308 -5.25 10.98 4.11
CA GLU A 308 -4.66 11.34 2.80
C GLU A 308 -5.71 11.50 1.69
N PHE A 309 -6.75 10.66 1.65
CA PHE A 309 -7.88 10.71 0.70
C PHE A 309 -9.09 10.15 1.47
N VAL A 310 -10.27 10.20 0.86
CA VAL A 310 -11.51 9.80 1.55
C VAL A 310 -12.36 9.01 0.57
N SER A 311 -12.26 7.68 0.66
CA SER A 311 -12.96 6.79 -0.28
C SER A 311 -13.30 5.48 0.45
N PHE A 312 -13.95 4.58 -0.26
CA PHE A 312 -14.24 3.24 0.29
C PHE A 312 -12.93 2.53 0.64
N ARG A 313 -11.83 2.85 -0.03
CA ARG A 313 -10.51 2.18 0.25
C ARG A 313 -10.09 2.41 1.71
N ASN A 314 -10.46 3.55 2.34
CA ASN A 314 -10.09 3.77 3.76
C ASN A 314 -11.27 4.22 4.64
N ALA A 315 -12.54 4.09 4.23
CA ALA A 315 -13.69 4.67 4.99
C ALA A 315 -13.80 4.12 6.42
N HIS A 316 -13.37 2.88 6.65
CA HIS A 316 -13.55 2.13 7.93
C HIS A 316 -12.43 2.50 8.92
N SER A 317 -11.28 2.99 8.47
CA SER A 317 -10.11 3.25 9.36
C SER A 317 -10.50 4.21 10.51
N ASP A 318 -11.12 5.36 10.22
CA ASP A 318 -11.31 6.39 11.28
C ASP A 318 -12.33 5.89 12.30
N LEU A 319 -13.41 5.25 11.86
CA LEU A 319 -14.43 4.77 12.82
C LEU A 319 -13.83 3.69 13.71
N ALA A 320 -13.14 2.70 13.17
CA ALA A 320 -12.54 1.61 13.98
C ALA A 320 -11.53 2.19 14.96
N CYS A 321 -10.75 3.19 14.54
CA CYS A 321 -9.79 3.86 15.46
C CYS A 321 -10.52 4.62 16.59
N ASN A 322 -11.57 5.38 16.29
CA ASN A 322 -12.32 6.16 17.30
C ASN A 322 -12.96 5.18 18.30
N LYS A 323 -13.47 4.05 17.79
CA LYS A 323 -14.10 3.03 18.66
C LYS A 323 -13.09 2.35 19.57
N ILE A 324 -11.88 2.06 19.08
CA ILE A 324 -10.84 1.36 19.87
C ILE A 324 -10.28 2.33 20.91
N LEU A 325 -10.13 3.61 20.57
CA LEU A 325 -9.71 4.60 21.61
C LEU A 325 -10.75 4.63 22.73
N GLU A 326 -12.04 4.71 22.38
CA GLU A 326 -13.12 4.72 23.37
C GLU A 326 -13.01 3.45 24.24
N ALA A 327 -12.69 2.30 23.65
CA ALA A 327 -12.62 1.04 24.43
C ALA A 327 -11.49 1.13 25.47
N MET A 328 -10.36 1.73 25.12
CA MET A 328 -9.21 1.77 26.02
C MET A 328 -9.28 3.00 26.94
N GLN A 329 -10.09 4.00 26.60
CA GLN A 329 -10.16 5.27 27.35
C GLN A 329 -11.61 5.69 27.45
N PRO A 330 -12.46 4.86 28.11
CA PRO A 330 -13.90 5.12 28.16
C PRO A 330 -14.35 6.31 29.00
N GLU A 331 -13.48 6.88 29.85
CA GLU A 331 -13.84 8.02 30.74
C GLU A 331 -13.45 9.38 30.12
N ALA A 332 -12.88 9.44 28.92
CA ALA A 332 -12.53 10.73 28.27
C ALA A 332 -13.14 10.81 26.88
N PRO A 333 -13.39 12.04 26.41
CA PRO A 333 -13.87 12.21 25.04
C PRO A 333 -12.87 11.64 24.04
N VAL A 334 -13.40 11.11 22.94
CA VAL A 334 -12.63 10.75 21.72
C VAL A 334 -12.31 12.02 20.93
N TRP A 335 -11.03 12.33 20.75
CA TRP A 335 -10.57 13.60 20.12
C TRP A 335 -9.36 13.27 19.22
N ALA A 336 -9.14 14.11 18.20
CA ALA A 336 -7.97 14.00 17.34
C ALA A 336 -6.95 15.08 17.71
N ALA A 337 -5.85 14.69 18.31
CA ALA A 337 -4.71 15.60 18.63
C ALA A 337 -4.10 16.20 17.36
N GLU A 338 -4.14 15.46 16.28
CA GLU A 338 -3.68 15.90 14.95
C GLU A 338 -4.74 15.41 13.97
N PHE A 339 -5.42 16.36 13.31
CA PHE A 339 -6.60 16.09 12.46
C PHE A 339 -6.31 16.64 11.08
N GLN A 340 -6.01 15.76 10.13
CA GLN A 340 -5.34 16.17 8.86
C GLN A 340 -5.98 17.41 8.24
N ALA A 341 -5.13 18.41 8.01
CA ALA A 341 -5.38 19.65 7.24
C ALA A 341 -4.17 19.83 6.34
N GLY A 342 -4.38 19.83 5.01
CA GLY A 342 -3.24 19.86 4.09
C GLY A 342 -2.47 18.56 4.18
N THR A 343 -1.25 18.59 3.67
CA THR A 343 -0.40 17.38 3.54
C THR A 343 1.02 17.68 3.95
N ARG A 344 1.60 16.75 4.71
CA ARG A 344 3.03 16.79 5.07
C ARG A 344 3.92 16.55 3.85
N GLU A 345 3.42 15.90 2.80
CA GLU A 345 4.26 15.39 1.67
C GLU A 345 3.74 16.00 0.39
N HIS A 346 4.56 16.78 -0.30
CA HIS A 346 4.15 17.49 -1.53
C HIS A 346 3.50 16.55 -2.55
N HIS A 347 4.07 15.35 -2.69
CA HIS A 347 3.67 14.32 -3.69
C HIS A 347 2.44 13.53 -3.25
N VAL A 348 1.89 13.78 -2.07
CA VAL A 348 0.72 13.07 -1.53
C VAL A 348 -0.36 14.12 -1.28
N LYS A 349 -1.24 14.32 -2.27
CA LYS A 349 -2.11 15.51 -2.29
C LYS A 349 -3.18 15.37 -1.20
N ALA A 350 -3.63 16.50 -0.65
CA ALA A 350 -4.75 16.57 0.29
C ALA A 350 -5.76 17.56 -0.26
N TYR A 351 -6.87 17.08 -0.81
CA TYR A 351 -7.90 17.91 -1.48
C TYR A 351 -8.89 18.43 -0.44
N ALA A 352 -9.18 19.75 -0.48
CA ALA A 352 -10.20 20.33 0.40
C ALA A 352 -11.49 19.51 0.33
N LYS A 353 -11.95 19.11 -0.86
CA LYS A 353 -13.24 18.37 -1.04
C LYS A 353 -13.17 16.96 -0.44
N ASP A 354 -11.99 16.35 -0.34
CA ASP A 354 -11.83 15.10 0.46
C ASP A 354 -11.89 15.43 1.97
N LEU A 355 -11.07 16.36 2.45
CA LEU A 355 -10.94 16.55 3.92
C LEU A 355 -12.25 17.07 4.50
N GLU A 356 -12.99 17.92 3.76
CA GLU A 356 -14.32 18.40 4.22
C GLU A 356 -15.22 17.19 4.52
N THR A 357 -15.27 16.19 3.63
CA THR A 357 -16.05 14.95 3.89
C THR A 357 -15.46 14.21 5.09
N PHE A 358 -14.14 14.09 5.21
CA PHE A 358 -13.52 13.44 6.40
C PHE A 358 -13.98 14.10 7.70
N TYR A 359 -14.02 15.43 7.71
CA TYR A 359 -14.41 16.18 8.92
C TYR A 359 -15.85 15.82 9.31
N ILE A 360 -16.77 15.82 8.36
CA ILE A 360 -18.20 15.46 8.61
C ILE A 360 -18.30 13.97 8.99
N ALA A 361 -17.59 13.09 8.32
CA ALA A 361 -17.60 11.66 8.66
C ALA A 361 -17.09 11.45 10.10
N SER A 362 -16.13 12.24 10.54
CA SER A 362 -15.54 12.15 11.89
C SER A 362 -16.64 12.48 12.91
N LEU A 363 -17.44 13.52 12.64
CA LEU A 363 -18.59 13.85 13.50
C LEU A 363 -19.55 12.66 13.55
N ALA A 364 -19.96 12.12 12.41
CA ALA A 364 -20.83 10.92 12.34
C ALA A 364 -20.23 9.79 13.20
N HIS A 365 -18.91 9.63 13.10
CA HIS A 365 -18.12 8.55 13.74
C HIS A 365 -17.69 8.94 15.17
N GLY A 366 -18.36 9.92 15.78
CA GLY A 366 -18.30 10.16 17.23
C GLY A 366 -17.14 11.01 17.73
N ILE A 367 -16.44 11.77 16.88
CA ILE A 367 -15.33 12.63 17.36
C ILE A 367 -15.96 13.79 18.17
N LYS A 368 -15.29 14.21 19.24
CA LYS A 368 -15.81 15.21 20.19
C LYS A 368 -14.92 16.47 20.22
N GLY A 369 -13.78 16.45 19.52
CA GLY A 369 -12.85 17.57 19.47
C GLY A 369 -11.74 17.26 18.48
N PHE A 370 -11.07 18.28 17.97
CA PHE A 370 -9.94 18.05 17.05
C PHE A 370 -9.11 19.33 16.91
N ASN A 371 -7.89 19.07 16.48
CA ASN A 371 -6.85 20.06 16.22
C ASN A 371 -6.41 19.89 14.77
N TYR A 372 -6.87 20.78 13.93
CA TYR A 372 -6.48 20.78 12.50
C TYR A 372 -4.96 20.89 12.37
N TYR A 373 -4.33 19.89 11.77
CA TYR A 373 -2.86 19.74 11.65
C TYR A 373 -2.54 19.47 10.18
N MET A 374 -2.12 20.51 9.41
CA MET A 374 -1.73 21.85 9.86
C MET A 374 -2.77 22.87 9.40
N PHE A 375 -3.23 23.72 10.31
CA PHE A 375 -4.05 24.87 9.91
C PHE A 375 -3.21 25.87 9.11
N SER A 376 -2.04 26.23 9.62
CA SER A 376 -1.12 27.17 8.95
C SER A 376 0.10 26.41 8.44
N GLN A 377 0.42 26.59 7.17
CA GLN A 377 1.71 26.23 6.57
C GLN A 377 2.82 26.94 7.35
N GLY A 378 4.02 26.36 7.34
CA GLY A 378 5.22 27.07 7.79
C GLY A 378 6.34 27.05 6.78
N ILE A 379 7.30 27.95 6.95
N ILE A 379 7.34 27.89 6.99
CA ILE A 379 8.64 27.91 6.30
CA ILE A 379 8.62 27.84 6.23
C ILE A 379 9.66 27.58 7.39
C ILE A 379 9.74 27.68 7.27
N ASN A 380 10.54 26.61 7.16
CA ASN A 380 11.57 26.28 8.17
C ASN A 380 12.61 27.41 8.18
N PRO A 381 12.92 28.02 9.34
CA PRO A 381 14.00 29.01 9.36
C PRO A 381 15.32 28.25 9.38
N GLU A 382 16.43 28.92 9.08
CA GLU A 382 17.81 28.52 9.50
C GLU A 382 18.07 27.03 9.16
N GLY A 383 17.61 26.51 8.00
CA GLY A 383 17.84 25.10 7.60
C GLY A 383 17.23 24.04 8.54
N LYS A 384 16.26 24.35 9.41
CA LYS A 384 15.76 23.38 10.43
C LYS A 384 14.77 22.35 9.85
N GLY A 385 14.39 22.41 8.56
CA GLY A 385 13.49 21.42 7.97
C GLY A 385 14.19 20.09 7.82
N PHE A 386 13.57 19.00 8.27
CA PHE A 386 14.15 17.64 8.13
C PHE A 386 14.34 17.32 6.63
N TYR A 387 13.36 17.69 5.77
CA TYR A 387 13.13 17.15 4.40
C TYR A 387 13.03 18.20 3.27
N GLY A 388 13.13 19.48 3.56
CA GLY A 388 12.97 20.57 2.59
C GLY A 388 12.58 21.85 3.32
N LYS A 389 12.44 22.97 2.63
CA LYS A 389 12.28 24.32 3.28
C LYS A 389 10.84 24.54 3.73
N THR A 390 9.86 23.95 3.04
CA THR A 390 8.42 24.24 3.29
C THR A 390 7.83 23.19 4.21
N PHE A 391 7.05 23.62 5.21
CA PHE A 391 6.37 22.71 6.16
C PHE A 391 4.87 22.70 5.83
N TYR A 392 4.42 21.60 5.22
CA TYR A 392 3.01 21.33 4.84
C TYR A 392 2.61 22.13 3.62
N PHE A 393 1.60 21.59 2.94
CA PHE A 393 1.06 22.15 1.69
C PHE A 393 -0.44 22.00 1.72
N GLN A 394 -1.16 22.81 0.97
CA GLN A 394 -2.63 22.67 0.83
C GLN A 394 -3.33 22.81 2.19
N THR A 395 -2.82 23.68 3.02
CA THR A 395 -3.35 23.96 4.37
C THR A 395 -4.50 24.98 4.30
N ALA A 396 -4.98 25.46 5.45
CA ALA A 396 -6.01 26.52 5.52
C ALA A 396 -5.42 27.89 5.14
N LEU A 397 -4.26 28.20 5.70
CA LEU A 397 -3.48 29.42 5.39
C LEU A 397 -2.12 29.00 4.86
N ASP A 398 -1.58 29.75 3.91
CA ASP A 398 -0.16 29.57 3.53
C ASP A 398 0.70 30.25 4.61
N ALA A 399 2.01 30.10 4.53
CA ALA A 399 2.93 30.64 5.57
C ALA A 399 2.78 32.16 5.70
N ALA A 400 2.40 32.86 4.63
CA ALA A 400 2.22 34.34 4.58
C ALA A 400 0.86 34.78 5.16
N SER A 401 -0.03 33.85 5.49
CA SER A 401 -1.39 34.03 6.08
C SER A 401 -2.46 34.23 4.99
N ASN A 402 -2.15 33.98 3.70
CA ASN A 402 -3.19 33.96 2.63
C ASN A 402 -4.14 32.77 2.87
N LYS A 403 -5.44 32.99 2.71
CA LYS A 403 -6.43 31.90 2.71
C LYS A 403 -6.27 31.05 1.45
N LEU A 404 -6.23 29.75 1.64
CA LEU A 404 -6.22 28.71 0.61
C LEU A 404 -7.57 28.00 0.60
N ALA A 405 -7.78 27.10 -0.36
CA ALA A 405 -9.10 26.48 -0.58
C ALA A 405 -9.61 25.81 0.72
N LEU A 406 -8.74 25.19 1.51
CA LEU A 406 -9.22 24.45 2.71
C LEU A 406 -9.90 25.41 3.72
N TYR A 407 -9.54 26.70 3.74
CA TYR A 407 -10.06 27.68 4.74
C TYR A 407 -11.59 27.66 4.75
N ASP A 408 -12.24 27.77 3.57
CA ASP A 408 -13.72 27.85 3.50
C ASP A 408 -14.33 26.51 3.90
N SER A 409 -13.67 25.37 3.65
CA SER A 409 -14.19 24.04 4.08
C SER A 409 -14.24 23.98 5.60
N ILE A 410 -13.15 24.40 6.26
CA ILE A 410 -13.04 24.37 7.74
C ILE A 410 -14.06 25.37 8.32
N LYS A 411 -14.26 26.52 7.67
CA LYS A 411 -15.23 27.50 8.20
C LYS A 411 -16.63 26.88 8.14
N LYS A 412 -16.96 26.18 7.06
CA LYS A 412 -18.28 25.56 6.84
C LYS A 412 -18.54 24.52 7.93
N VAL A 413 -17.57 23.65 8.13
CA VAL A 413 -17.70 22.55 9.13
C VAL A 413 -17.83 23.15 10.54
N ASN A 414 -16.96 24.09 10.89
CA ASN A 414 -16.94 24.76 12.21
C ASN A 414 -18.28 25.44 12.45
N ARG A 415 -18.85 26.07 11.44
CA ARG A 415 -20.15 26.79 11.60
C ARG A 415 -21.22 25.80 12.01
N PHE A 416 -21.27 24.66 11.31
CA PHE A 416 -22.27 23.62 11.62
C PHE A 416 -22.05 23.15 13.06
N ILE A 417 -20.78 22.91 13.43
CA ILE A 417 -20.44 22.41 14.81
C ILE A 417 -20.91 23.43 15.86
N ARG A 418 -20.62 24.71 15.65
CA ARG A 418 -20.97 25.73 16.66
C ARG A 418 -22.50 25.84 16.76
N LYS A 419 -23.21 25.75 15.65
CA LYS A 419 -24.69 25.82 15.67
C LYS A 419 -25.25 24.64 16.47
N GLU A 420 -24.65 23.44 16.37
CA GLU A 420 -25.28 22.17 16.79
C GLU A 420 -24.65 21.57 18.04
N GLN A 421 -23.51 22.09 18.52
CA GLN A 421 -22.63 21.36 19.49
C GLN A 421 -23.40 21.00 20.77
N LYS A 422 -24.30 21.87 21.25
CA LYS A 422 -25.08 21.65 22.52
C LYS A 422 -25.85 20.31 22.44
N ASP A 423 -26.50 20.03 21.32
CA ASP A 423 -27.19 18.72 21.11
C ASP A 423 -26.21 17.65 20.59
N LEU A 424 -25.47 17.97 19.51
CA LEU A 424 -24.61 16.98 18.80
C LEU A 424 -23.68 16.29 19.80
N LEU A 425 -23.08 17.03 20.74
CA LEU A 425 -22.12 16.39 21.67
C LEU A 425 -22.80 15.37 22.56
N ARG A 426 -24.10 15.53 22.78
CA ARG A 426 -24.87 14.68 23.72
C ARG A 426 -25.48 13.49 23.00
N THR A 427 -25.38 13.43 21.68
CA THR A 427 -26.02 12.34 20.90
C THR A 427 -25.23 11.04 21.03
N ASN A 428 -25.94 9.92 20.98
CA ASN A 428 -25.33 8.57 20.87
C ASN A 428 -25.85 7.90 19.59
N VAL A 429 -25.18 6.84 19.17
CA VAL A 429 -25.72 5.89 18.18
C VAL A 429 -26.20 4.67 18.99
N ASN A 430 -27.28 4.06 18.57
CA ASN A 430 -27.86 2.87 19.25
C ASN A 430 -27.11 1.61 18.81
N SER A 431 -26.07 1.20 19.52
CA SER A 431 -25.30 -0.01 19.17
C SER A 431 -25.92 -1.21 19.89
N GLU A 432 -26.45 -2.16 19.13
CA GLU A 432 -26.89 -3.46 19.70
C GLU A 432 -25.78 -4.51 19.59
N ILE A 433 -24.67 -4.22 18.87
CA ILE A 433 -23.54 -5.16 18.65
C ILE A 433 -22.33 -4.62 19.39
N CYS A 434 -21.70 -5.47 20.20
CA CYS A 434 -20.43 -5.18 20.89
C CYS A 434 -19.37 -6.09 20.28
N VAL A 435 -18.23 -5.53 19.92
CA VAL A 435 -17.06 -6.30 19.40
C VAL A 435 -15.97 -6.32 20.47
N GLY A 436 -15.46 -7.51 20.81
CA GLY A 436 -14.42 -7.63 21.84
C GLY A 436 -13.05 -7.24 21.32
N PHE A 437 -12.34 -6.44 22.11
CA PHE A 437 -10.91 -6.05 21.88
C PHE A 437 -10.05 -6.82 22.89
N TYR A 438 -9.32 -7.82 22.39
CA TYR A 438 -8.44 -8.72 23.17
C TYR A 438 -7.02 -8.23 22.95
N LYS A 439 -6.56 -7.41 23.86
CA LYS A 439 -5.27 -6.67 23.69
C LYS A 439 -4.09 -7.60 23.41
N PRO A 440 -3.92 -8.79 24.04
CA PRO A 440 -2.76 -9.62 23.74
C PRO A 440 -2.52 -9.97 22.27
N TYR A 441 -3.55 -10.08 21.45
CA TYR A 441 -3.39 -10.34 19.99
C TYR A 441 -2.66 -9.17 19.30
N PHE A 442 -2.66 -7.98 19.92
CA PHE A 442 -2.06 -6.74 19.37
C PHE A 442 -0.61 -6.57 19.86
N PHE A 443 -0.18 -7.35 20.86
CA PHE A 443 1.14 -7.20 21.49
C PHE A 443 2.22 -7.87 20.63
N THR A 444 2.49 -7.39 19.41
CA THR A 444 3.46 -8.05 18.50
C THR A 444 4.42 -7.06 17.86
N GLU A 445 4.52 -5.81 18.34
CA GLU A 445 5.30 -4.78 17.62
C GLU A 445 6.79 -5.16 17.60
N LEU A 446 7.25 -6.09 18.46
CA LEU A 446 8.68 -6.53 18.44
C LEU A 446 8.87 -7.69 17.43
N ILE A 447 7.81 -8.33 16.95
CA ILE A 447 7.95 -9.64 16.22
C ILE A 447 7.12 -9.69 14.94
N SER A 448 6.04 -8.91 14.82
CA SER A 448 5.15 -9.01 13.64
C SER A 448 4.37 -7.72 13.44
N SER A 449 4.68 -6.99 12.37
CA SER A 449 4.00 -5.70 12.07
C SER A 449 4.19 -5.37 10.59
N GLN A 450 3.38 -4.46 10.07
CA GLN A 450 3.55 -3.96 8.69
C GLN A 450 4.93 -3.29 8.55
N LEU A 451 5.53 -2.77 9.62
CA LEU A 451 6.79 -1.99 9.51
C LEU A 451 8.04 -2.75 9.99
N LEU A 452 7.91 -3.84 10.73
CA LEU A 452 9.10 -4.54 11.29
C LEU A 452 9.94 -5.10 10.11
N LYS A 453 11.26 -4.91 10.15
CA LYS A 453 12.24 -5.34 9.10
C LYS A 453 12.13 -6.85 8.88
N GLU A 454 12.27 -7.59 9.97
CA GLU A 454 12.42 -9.06 10.07
C GLU A 454 11.10 -9.62 10.57
N LYS A 455 10.46 -10.56 9.89
CA LYS A 455 9.28 -11.29 10.45
C LYS A 455 9.76 -12.35 11.45
N LYS A 456 9.53 -12.13 12.74
CA LYS A 456 10.08 -13.01 13.82
C LYS A 456 9.05 -14.06 14.24
N LEU A 457 7.76 -13.85 13.95
CA LEU A 457 6.68 -14.75 14.39
C LEU A 457 6.14 -15.51 13.19
N ASN A 458 6.28 -16.85 13.22
CA ASN A 458 5.72 -17.81 12.24
C ASN A 458 4.96 -18.87 13.05
N VAL A 459 3.64 -18.74 13.13
CA VAL A 459 2.87 -19.52 14.13
C VAL A 459 2.95 -21.00 13.75
N GLU A 460 3.17 -21.31 12.47
CA GLU A 460 3.17 -22.74 12.01
C GLU A 460 4.34 -23.46 12.69
N GLU A 461 5.44 -22.79 12.99
CA GLU A 461 6.60 -23.44 13.70
C GLU A 461 6.22 -23.78 15.15
N LEU A 462 5.17 -23.17 15.69
CA LEU A 462 4.70 -23.38 17.06
C LEU A 462 3.54 -24.38 17.09
N GLY A 463 3.22 -25.00 15.95
CA GLY A 463 2.10 -25.94 15.83
C GLY A 463 0.79 -25.21 15.85
N LEU A 464 0.80 -23.91 15.52
CA LEU A 464 -0.45 -23.10 15.42
C LEU A 464 -0.76 -22.83 13.94
N TYR A 465 -1.98 -22.36 13.64
CA TYR A 465 -2.31 -21.93 12.25
C TYR A 465 -2.98 -20.56 12.21
N ILE A 466 -3.49 -20.03 13.32
CA ILE A 466 -4.14 -18.68 13.32
C ILE A 466 -3.20 -17.59 13.84
N ASP A 467 -2.62 -16.82 12.92
CA ASP A 467 -1.67 -15.71 13.25
C ASP A 467 -2.46 -14.56 13.89
N PRO A 468 -2.03 -14.02 15.04
CA PRO A 468 -2.79 -12.98 15.73
C PRO A 468 -2.80 -11.67 14.92
N ARG A 469 -1.74 -11.36 14.18
CA ARG A 469 -1.74 -10.13 13.36
C ARG A 469 -2.66 -10.33 12.15
N PHE A 470 -2.63 -11.47 11.47
CA PHE A 470 -3.58 -11.74 10.36
C PHE A 470 -5.02 -11.64 10.93
N LEU A 471 -5.28 -12.25 12.09
CA LEU A 471 -6.63 -12.21 12.69
C LEU A 471 -7.04 -10.74 12.91
N ARG A 472 -6.20 -9.94 13.57
CA ARG A 472 -6.66 -8.62 14.06
C ARG A 472 -6.70 -7.65 12.88
N GLU A 473 -5.87 -7.82 11.84
CA GLU A 473 -5.90 -6.93 10.64
C GLU A 473 -7.01 -7.36 9.66
N GLU A 474 -7.03 -8.62 9.24
CA GLU A 474 -7.86 -9.04 8.08
C GLU A 474 -9.21 -9.55 8.57
N ILE A 475 -9.29 -10.31 9.68
CA ILE A 475 -10.59 -10.87 10.11
C ILE A 475 -11.33 -9.78 10.90
N LEU A 476 -10.64 -8.99 11.72
CA LEU A 476 -11.30 -7.95 12.56
C LEU A 476 -11.31 -6.57 11.85
N PHE A 477 -10.17 -5.92 11.62
CA PHE A 477 -10.14 -4.49 11.24
C PHE A 477 -10.70 -4.30 9.83
N ASN A 478 -10.14 -5.01 8.87
CA ASN A 478 -10.51 -4.90 7.44
C ASN A 478 -11.70 -5.82 7.15
N GLY A 479 -12.10 -6.69 8.09
CA GLY A 479 -13.15 -7.71 7.87
C GLY A 479 -14.43 -7.35 8.59
N LEU A 480 -14.54 -7.77 9.86
CA LEU A 480 -15.77 -7.57 10.62
C LEU A 480 -16.09 -6.07 10.77
N LEU A 481 -15.14 -5.24 11.21
CA LEU A 481 -15.47 -3.80 11.48
C LEU A 481 -15.81 -3.11 10.15
N ARG A 482 -15.03 -3.37 9.09
CA ARG A 482 -15.28 -2.83 7.72
C ARG A 482 -16.68 -3.27 7.26
N GLY A 483 -17.04 -4.54 7.45
CA GLY A 483 -18.30 -5.13 6.98
C GLY A 483 -19.49 -4.51 7.70
N LEU A 484 -19.43 -4.35 9.04
CA LEU A 484 -20.53 -3.75 9.83
C LEU A 484 -20.75 -2.31 9.39
N GLN A 485 -19.69 -1.53 9.25
CA GLN A 485 -19.82 -0.13 8.80
C GLN A 485 -20.44 -0.09 7.41
N THR A 486 -20.03 -0.96 6.51
CA THR A 486 -20.50 -0.98 5.10
C THR A 486 -21.99 -1.33 5.14
N LEU A 487 -22.37 -2.26 5.99
CA LEU A 487 -23.80 -2.72 6.11
C LEU A 487 -24.62 -1.72 6.94
N ASN A 488 -24.00 -0.68 7.51
CA ASN A 488 -24.71 0.33 8.33
C ASN A 488 -25.33 -0.30 9.60
N TYR A 489 -24.60 -1.21 10.23
CA TYR A 489 -24.92 -1.71 11.59
C TYR A 489 -23.95 -1.03 12.57
N ASN A 490 -24.51 -0.30 13.50
CA ASN A 490 -23.74 0.36 14.60
C ASN A 490 -23.08 -0.73 15.46
N TYR A 491 -21.86 -0.50 15.91
CA TYR A 491 -21.15 -1.40 16.85
C TYR A 491 -20.40 -0.52 17.84
N ASP A 492 -20.20 -1.09 19.03
CA ASP A 492 -19.25 -0.58 20.04
C ASP A 492 -18.10 -1.57 20.20
N VAL A 493 -16.96 -1.10 20.65
CA VAL A 493 -15.81 -1.98 20.98
C VAL A 493 -15.62 -1.95 22.50
N VAL A 494 -15.38 -3.12 23.13
CA VAL A 494 -15.10 -3.17 24.59
C VAL A 494 -13.79 -3.91 24.85
N ASP A 495 -12.94 -3.32 25.70
CA ASP A 495 -11.69 -3.97 26.16
C ASP A 495 -12.08 -5.13 27.07
N LEU A 496 -11.67 -6.34 26.72
CA LEU A 496 -12.06 -7.54 27.51
C LEU A 496 -11.29 -7.62 28.84
N GLU A 497 -10.21 -6.87 29.01
CA GLU A 497 -9.34 -6.90 30.23
C GLU A 497 -10.11 -6.29 31.41
N ASN A 498 -10.31 -7.03 32.51
CA ASN A 498 -11.01 -6.55 33.74
C ASN A 498 -12.38 -5.98 33.38
N CYS A 499 -13.01 -6.57 32.38
CA CYS A 499 -14.28 -6.09 31.80
C CYS A 499 -15.42 -6.48 32.76
N ASP A 500 -16.30 -5.56 33.15
CA ASP A 500 -17.48 -5.88 34.00
C ASP A 500 -18.52 -6.59 33.12
N LEU A 501 -19.05 -7.74 33.56
CA LEU A 501 -20.15 -8.45 32.86
C LEU A 501 -21.33 -7.50 32.58
N LYS A 502 -21.65 -6.64 33.54
CA LYS A 502 -22.79 -5.69 33.42
C LYS A 502 -22.56 -4.70 32.27
N SER A 503 -21.33 -4.43 31.86
CA SER A 503 -21.08 -3.55 30.67
C SER A 503 -21.22 -4.33 29.35
N LEU A 504 -21.53 -5.64 29.39
CA LEU A 504 -21.74 -6.45 28.15
C LEU A 504 -23.22 -6.77 27.96
N THR A 505 -24.03 -6.74 29.01
CA THR A 505 -25.39 -7.35 29.03
C THR A 505 -26.39 -6.44 28.30
N ALA A 506 -26.05 -5.17 28.10
CA ALA A 506 -26.91 -4.21 27.34
C ALA A 506 -26.95 -4.53 25.83
N TYR A 507 -26.02 -5.33 25.29
CA TYR A 507 -25.95 -5.60 23.82
C TYR A 507 -26.80 -6.82 23.46
N LYS A 508 -27.38 -6.87 22.27
CA LYS A 508 -28.08 -8.07 21.74
C LYS A 508 -27.04 -9.12 21.33
N GLN A 509 -25.87 -8.71 20.82
CA GLN A 509 -24.80 -9.65 20.41
C GLN A 509 -23.44 -9.15 20.85
N LEU A 510 -22.61 -10.07 21.35
CA LEU A 510 -21.14 -9.92 21.54
C LEU A 510 -20.40 -10.75 20.48
N TRP A 511 -19.53 -10.11 19.70
CA TRP A 511 -18.71 -10.75 18.64
C TRP A 511 -17.26 -10.86 19.08
N ILE A 512 -16.75 -12.07 19.08
CA ILE A 512 -15.36 -12.35 19.52
C ILE A 512 -14.63 -13.03 18.36
N THR A 513 -13.60 -12.36 17.85
CA THR A 513 -12.66 -12.91 16.85
C THR A 513 -11.52 -13.53 17.63
N SER A 514 -11.43 -14.86 17.60
CA SER A 514 -10.54 -15.64 18.51
C SER A 514 -9.47 -16.40 17.74
N ALA A 515 -8.25 -16.37 18.27
CA ALA A 515 -7.15 -17.26 17.86
C ALA A 515 -7.26 -18.52 18.71
N GLU A 516 -6.23 -19.37 18.62
CA GLU A 516 -6.22 -20.66 19.36
C GLU A 516 -5.84 -20.41 20.82
N PHE A 517 -5.44 -19.19 21.17
CA PHE A 517 -5.03 -18.84 22.55
C PHE A 517 -5.85 -17.68 23.09
N MET A 518 -6.12 -17.73 24.39
CA MET A 518 -6.94 -16.74 25.12
C MET A 518 -6.78 -17.01 26.60
N ASP A 519 -6.54 -15.97 27.41
CA ASP A 519 -6.22 -16.16 28.86
C ASP A 519 -7.44 -16.69 29.62
N ALA A 520 -7.18 -17.29 30.77
CA ALA A 520 -8.21 -17.95 31.60
C ALA A 520 -9.27 -16.92 32.00
N GLU A 521 -8.86 -15.72 32.40
CA GLU A 521 -9.79 -14.61 32.80
C GLU A 521 -10.80 -14.35 31.67
N THR A 522 -10.33 -14.24 30.43
CA THR A 522 -11.23 -13.91 29.29
C THR A 522 -12.08 -15.15 28.93
N GLN A 523 -11.51 -16.35 28.97
CA GLN A 523 -12.29 -17.59 28.74
C GLN A 523 -13.41 -17.68 29.80
N ASN A 524 -13.11 -17.34 31.06
CA ASN A 524 -14.12 -17.40 32.15
C ASN A 524 -15.20 -16.32 31.91
N LEU A 525 -14.80 -15.08 31.60
CA LEU A 525 -15.74 -13.96 31.35
C LEU A 525 -16.73 -14.34 30.25
N LEU A 526 -16.25 -14.89 29.15
CA LEU A 526 -17.14 -15.21 27.99
C LEU A 526 -18.09 -16.35 28.39
N SER A 527 -17.60 -17.32 29.18
CA SER A 527 -18.41 -18.46 29.71
C SER A 527 -19.59 -17.89 30.51
N GLU A 528 -19.30 -17.02 31.47
CA GLU A 528 -20.33 -16.41 32.34
C GLU A 528 -21.27 -15.54 31.49
N PHE A 529 -20.75 -14.86 30.48
CA PHE A 529 -21.57 -13.98 29.63
C PHE A 529 -22.72 -14.82 29.05
N VAL A 530 -22.38 -15.96 28.45
CA VAL A 530 -23.39 -16.80 27.76
C VAL A 530 -24.31 -17.44 28.82
N LEU A 531 -23.74 -18.03 29.87
CA LEU A 531 -24.57 -18.77 30.87
C LEU A 531 -25.64 -17.85 31.43
N ASN A 532 -25.29 -16.58 31.64
CA ASN A 532 -26.18 -15.60 32.32
C ASN A 532 -27.22 -15.02 31.36
N GLY A 533 -27.19 -15.32 30.07
CA GLY A 533 -28.17 -14.80 29.10
C GLY A 533 -27.58 -14.12 27.88
N GLY A 534 -26.26 -14.03 27.75
CA GLY A 534 -25.63 -13.33 26.62
C GLY A 534 -25.75 -14.12 25.32
N ASN A 535 -25.74 -13.41 24.18
CA ASN A 535 -25.70 -14.04 22.83
C ASN A 535 -24.30 -13.81 22.24
N LEU A 536 -23.55 -14.89 22.03
CA LEU A 536 -22.10 -14.80 21.67
C LEU A 536 -21.92 -15.38 20.27
N ILE A 537 -21.26 -14.59 19.41
CA ILE A 537 -20.75 -15.02 18.09
C ILE A 537 -19.23 -15.14 18.20
N LEU A 538 -18.70 -16.35 17.94
CA LEU A 538 -17.27 -16.67 18.17
C LEU A 538 -16.70 -17.41 16.96
N TYR A 539 -15.62 -16.89 16.40
CA TYR A 539 -14.92 -17.45 15.23
C TYR A 539 -13.56 -16.79 15.14
N PRO A 540 -12.56 -17.37 14.42
CA PRO A 540 -12.65 -18.66 13.73
C PRO A 540 -12.32 -19.93 14.54
N ALA A 541 -12.02 -19.75 15.82
CA ALA A 541 -11.56 -20.86 16.68
C ALA A 541 -12.14 -20.74 18.10
N VAL A 542 -12.62 -21.85 18.64
CA VAL A 542 -12.61 -22.06 20.11
C VAL A 542 -11.14 -22.13 20.53
N PRO A 543 -10.66 -21.24 21.43
CA PRO A 543 -9.28 -21.32 21.90
C PRO A 543 -9.09 -22.55 22.81
N THR A 544 -7.88 -23.10 22.88
CA THR A 544 -7.55 -24.25 23.78
C THR A 544 -6.25 -23.98 24.55
N LEU A 545 -5.68 -22.77 24.43
CA LEU A 545 -4.37 -22.43 25.04
C LEU A 545 -4.50 -21.07 25.71
N ASP A 546 -3.55 -20.77 26.59
CA ASP A 546 -3.46 -19.46 27.28
C ASP A 546 -2.40 -18.58 26.57
N ASN A 547 -2.09 -17.40 27.11
CA ASN A 547 -1.22 -16.42 26.42
C ASN A 547 0.21 -16.96 26.32
N TYR A 548 0.56 -18.00 27.09
CA TYR A 548 1.91 -18.66 27.08
C TYR A 548 1.85 -19.98 26.28
N LEU A 549 0.74 -20.22 25.58
CA LEU A 549 0.51 -21.38 24.68
C LEU A 549 0.53 -22.68 25.51
N ASN A 550 0.18 -22.59 26.78
CA ASN A 550 -0.07 -23.76 27.68
C ASN A 550 -1.59 -24.06 27.68
N ARG A 551 -1.94 -25.30 27.99
CA ARG A 551 -3.34 -25.79 27.91
C ARG A 551 -4.28 -24.90 28.74
N CYS A 552 -5.40 -24.48 28.15
CA CYS A 552 -6.50 -23.81 28.86
C CYS A 552 -7.81 -24.02 28.06
N GLU A 553 -8.67 -24.92 28.53
CA GLU A 553 -9.83 -25.39 27.74
C GLU A 553 -11.11 -24.98 28.47
N ILE A 554 -11.02 -23.91 29.25
CA ILE A 554 -12.13 -23.43 30.10
C ILE A 554 -13.39 -23.16 29.25
N LEU A 555 -13.27 -22.37 28.19
CA LEU A 555 -14.43 -21.98 27.38
C LEU A 555 -14.96 -23.20 26.62
N LYS A 556 -14.07 -24.01 26.07
CA LYS A 556 -14.48 -25.22 25.32
C LYS A 556 -15.32 -26.12 26.25
N ASN A 557 -14.83 -26.36 27.44
CA ASN A 557 -15.52 -27.24 28.44
C ASN A 557 -16.84 -26.59 28.90
N ASN A 558 -16.85 -25.30 29.24
CA ASN A 558 -18.07 -24.61 29.74
C ASN A 558 -19.18 -24.59 28.67
N PHE A 559 -18.82 -24.63 27.37
CA PHE A 559 -19.77 -24.59 26.23
C PHE A 559 -20.10 -26.00 25.72
N GLY A 560 -19.49 -27.04 26.28
CA GLY A 560 -19.83 -28.43 25.95
C GLY A 560 -19.53 -28.73 24.50
N ILE A 561 -18.41 -28.18 24.02
CA ILE A 561 -17.95 -28.28 22.60
C ILE A 561 -16.93 -29.40 22.53
N GLU A 562 -17.11 -30.25 21.54
CA GLU A 562 -16.05 -31.21 21.13
C GLU A 562 -15.69 -30.88 19.68
N PHE A 563 -14.41 -30.87 19.33
CA PHE A 563 -14.03 -30.63 17.92
C PHE A 563 -12.71 -31.34 17.60
N ILE A 564 -12.48 -31.54 16.30
CA ILE A 564 -11.16 -31.92 15.75
C ILE A 564 -10.86 -30.94 14.61
N THR A 565 -9.58 -30.68 14.39
CA THR A 565 -9.08 -29.78 13.31
C THR A 565 -8.76 -30.65 12.10
N LYS A 566 -9.40 -30.36 10.97
CA LYS A 566 -9.22 -31.10 9.70
C LYS A 566 -8.99 -30.12 8.54
N ASP A 567 -8.17 -30.54 7.56
CA ASP A 567 -7.96 -29.80 6.28
C ASP A 567 -9.12 -30.02 5.32
N SER A 568 -9.55 -28.98 4.61
CA SER A 568 -10.57 -29.04 3.54
C SER A 568 -10.36 -27.85 2.60
N SER A 569 -11.13 -27.83 1.50
CA SER A 569 -11.22 -26.70 0.55
C SER A 569 -11.39 -25.41 1.38
N HIS A 570 -10.87 -24.30 0.88
CA HIS A 570 -11.10 -22.97 1.48
C HIS A 570 -12.60 -22.65 1.53
N LYS A 571 -13.40 -23.20 0.61
CA LYS A 571 -14.83 -22.82 0.49
C LYS A 571 -15.70 -23.64 1.45
N VAL A 572 -16.61 -22.97 2.17
CA VAL A 572 -17.64 -23.61 3.00
C VAL A 572 -19.00 -23.05 2.62
N SER A 573 -20.03 -23.72 3.08
CA SER A 573 -21.39 -23.14 3.07
C SER A 573 -21.77 -22.79 4.50
N ALA A 574 -22.47 -21.68 4.69
CA ALA A 574 -22.89 -21.23 6.02
C ALA A 574 -24.24 -20.56 5.87
N PHE A 575 -25.22 -20.99 6.68
CA PHE A 575 -26.58 -20.43 6.73
C PHE A 575 -27.21 -20.47 5.32
N GLY A 576 -26.86 -21.46 4.52
CA GLY A 576 -27.46 -21.57 3.17
C GLY A 576 -26.71 -20.76 2.13
N ILE A 577 -25.70 -19.97 2.51
CA ILE A 577 -24.79 -19.27 1.56
C ILE A 577 -23.70 -20.23 1.06
N GLU A 578 -23.65 -20.52 -0.23
CA GLU A 578 -22.65 -21.42 -0.84
C GLU A 578 -21.36 -20.67 -1.21
N ASP A 579 -20.22 -21.37 -1.24
CA ASP A 579 -18.95 -20.83 -1.80
C ASP A 579 -18.50 -19.60 -0.99
N VAL A 580 -18.58 -19.72 0.33
CA VAL A 580 -18.01 -18.71 1.28
C VAL A 580 -16.54 -19.04 1.34
N PHE A 581 -15.69 -18.17 0.80
CA PHE A 581 -14.24 -18.35 0.79
C PHE A 581 -13.70 -18.09 2.19
N THR A 582 -12.97 -19.06 2.76
CA THR A 582 -12.38 -18.93 4.12
C THR A 582 -10.86 -18.92 4.00
N ALA A 583 -10.18 -18.33 5.00
CA ALA A 583 -8.74 -17.99 4.95
C ALA A 583 -7.87 -19.25 5.05
N PHE A 584 -8.32 -20.29 5.75
CA PHE A 584 -7.49 -21.50 6.07
C PHE A 584 -8.08 -22.78 5.47
N SER A 585 -7.19 -23.69 5.07
CA SER A 585 -7.51 -25.12 4.81
C SER A 585 -7.98 -25.78 6.11
N LYS A 586 -7.24 -25.62 7.20
CA LYS A 586 -7.63 -26.20 8.51
C LYS A 586 -8.92 -25.53 9.00
N LYS A 587 -9.85 -26.32 9.52
CA LYS A 587 -11.12 -25.86 10.12
C LYS A 587 -11.39 -26.65 11.41
N GLN A 588 -12.19 -26.07 12.32
CA GLN A 588 -12.72 -26.85 13.47
C GLN A 588 -13.96 -27.59 13.00
N ILE A 589 -14.00 -28.91 13.18
CA ILE A 589 -15.18 -29.77 12.88
C ILE A 589 -15.86 -30.17 14.20
N TYR A 590 -17.08 -29.69 14.43
CA TYR A 590 -17.79 -29.81 15.73
C TYR A 590 -18.70 -31.04 15.74
N ASN A 591 -18.73 -31.75 16.89
CA ASN A 591 -19.79 -32.72 17.25
C ASN A 591 -21.12 -31.97 17.28
N ASP A 592 -22.13 -32.59 16.68
CA ASP A 592 -23.50 -32.05 16.49
C ASP A 592 -24.36 -32.08 17.79
N THR A 593 -23.80 -32.40 18.96
CA THR A 593 -24.53 -32.71 20.21
C THR A 593 -25.30 -31.48 20.69
N ASN A 594 -26.61 -31.60 20.90
CA ASN A 594 -27.43 -30.53 21.53
C ASN A 594 -27.19 -29.22 20.78
N SER A 595 -27.14 -29.27 19.46
CA SER A 595 -26.84 -28.07 18.63
C SER A 595 -27.51 -28.16 17.26
N LYS A 596 -27.62 -27.04 16.59
CA LYS A 596 -28.06 -26.99 15.20
C LYS A 596 -26.85 -26.72 14.31
N PRO A 597 -26.48 -27.65 13.41
CA PRO A 597 -25.38 -27.41 12.47
C PRO A 597 -25.79 -26.40 11.39
N ILE A 598 -24.95 -25.37 11.18
CA ILE A 598 -25.30 -24.23 10.29
C ILE A 598 -24.17 -23.91 9.29
N ALA A 599 -23.07 -24.65 9.28
CA ALA A 599 -21.99 -24.46 8.29
C ALA A 599 -21.32 -25.81 8.01
N PHE A 600 -20.95 -26.02 6.75
CA PHE A 600 -20.54 -27.33 6.20
C PHE A 600 -19.34 -27.15 5.27
N THR A 601 -18.37 -28.06 5.38
CA THR A 601 -17.21 -28.11 4.49
C THR A 601 -17.64 -28.68 3.14
N GLN A 602 -16.71 -28.78 2.21
CA GLN A 602 -16.98 -29.42 0.89
C GLN A 602 -17.23 -30.93 1.07
N GLU A 603 -16.81 -31.55 2.17
CA GLU A 603 -17.13 -32.98 2.50
C GLU A 603 -18.37 -33.07 3.40
N ASN A 604 -19.10 -31.96 3.54
CA ASN A 604 -20.33 -31.79 4.36
C ASN A 604 -20.07 -32.06 5.85
N GLU A 605 -18.83 -31.87 6.32
CA GLU A 605 -18.52 -31.98 7.76
C GLU A 605 -18.90 -30.66 8.43
N ILE A 606 -19.27 -30.73 9.70
CA ILE A 606 -19.88 -29.59 10.43
C ILE A 606 -18.76 -28.64 10.88
N CYS A 607 -18.74 -27.41 10.35
CA CYS A 607 -17.73 -26.39 10.73
C CYS A 607 -18.41 -25.14 11.30
N GLY A 608 -19.65 -25.28 11.77
CA GLY A 608 -20.31 -24.21 12.56
C GLY A 608 -21.60 -24.71 13.14
N ILE A 609 -21.88 -24.33 14.37
CA ILE A 609 -23.09 -24.77 15.12
C ILE A 609 -23.65 -23.59 15.90
N ARG A 610 -24.94 -23.70 16.23
CA ARG A 610 -25.64 -22.78 17.14
C ARG A 610 -26.22 -23.64 18.27
N LYS A 611 -26.18 -23.13 19.48
CA LYS A 611 -26.76 -23.85 20.64
C LYS A 611 -27.19 -22.86 21.71
N LYS A 612 -28.07 -23.35 22.58
CA LYS A 612 -28.60 -22.65 23.76
C LYS A 612 -27.84 -23.22 24.95
N ILE A 613 -27.26 -22.35 25.76
CA ILE A 613 -26.43 -22.70 26.97
C ILE A 613 -26.88 -21.81 28.13
N GLY A 614 -27.44 -22.42 29.17
CA GLY A 614 -28.06 -21.67 30.27
C GLY A 614 -29.10 -20.77 29.68
N LYS A 615 -29.05 -19.47 29.93
CA LYS A 615 -30.11 -18.57 29.42
C LYS A 615 -29.65 -17.91 28.11
N GLY A 616 -28.44 -18.23 27.64
CA GLY A 616 -27.78 -17.57 26.49
C GLY A 616 -27.76 -18.41 25.24
N GLU A 617 -27.13 -17.84 24.20
CA GLU A 617 -27.02 -18.38 22.83
C GLU A 617 -25.56 -18.34 22.41
N LEU A 618 -25.12 -19.40 21.75
CA LEU A 618 -23.75 -19.47 21.21
C LEU A 618 -23.83 -19.81 19.74
N THR A 619 -23.13 -19.03 18.92
CA THR A 619 -22.87 -19.34 17.49
C THR A 619 -21.35 -19.46 17.31
N ILE A 620 -20.84 -20.64 16.93
CA ILE A 620 -19.39 -20.85 16.71
C ILE A 620 -19.19 -21.18 15.24
N LEU A 621 -18.26 -20.48 14.57
CA LEU A 621 -17.85 -20.83 13.19
C LEU A 621 -16.40 -21.24 13.23
N GLY A 622 -16.09 -22.45 12.78
CA GLY A 622 -14.72 -23.01 12.82
C GLY A 622 -13.93 -22.68 11.58
N PHE A 623 -14.07 -21.45 11.07
CA PHE A 623 -13.43 -21.01 9.83
C PHE A 623 -13.31 -19.47 9.93
N ALA A 624 -12.43 -18.90 9.13
CA ALA A 624 -12.08 -17.47 9.13
C ALA A 624 -12.53 -16.81 7.84
N PHE A 625 -13.21 -15.68 7.95
CA PHE A 625 -13.59 -14.83 6.82
C PHE A 625 -13.37 -13.40 7.31
N GLY A 626 -12.93 -12.51 6.44
CA GLY A 626 -13.00 -11.05 6.65
C GLY A 626 -14.03 -10.47 5.70
N TYR A 627 -13.61 -9.57 4.81
CA TYR A 627 -14.49 -8.96 3.79
C TYR A 627 -13.67 -8.88 2.49
N THR A 628 -13.65 -9.97 1.74
CA THR A 628 -12.92 -10.08 0.44
C THR A 628 -13.81 -10.67 -0.65
N SER A 629 -15.13 -10.71 -0.42
CA SER A 629 -16.15 -11.18 -1.38
C SER A 629 -17.52 -10.70 -0.93
N ASP A 630 -18.50 -10.70 -1.85
CA ASP A 630 -19.89 -10.36 -1.50
C ASP A 630 -20.45 -11.39 -0.51
N GLU A 631 -20.06 -12.65 -0.57
CA GLU A 631 -20.61 -13.69 0.34
C GLU A 631 -20.29 -13.30 1.79
N HIS A 632 -19.16 -12.64 2.03
CA HIS A 632 -18.79 -12.25 3.41
C HIS A 632 -19.78 -11.22 3.95
N LEU A 633 -20.22 -10.24 3.16
CA LEU A 633 -21.26 -9.30 3.62
C LEU A 633 -22.59 -10.05 3.83
N GLU A 634 -22.94 -11.02 2.97
CA GLU A 634 -24.19 -11.78 3.15
C GLU A 634 -24.14 -12.54 4.49
N LEU A 635 -22.98 -13.09 4.81
CA LEU A 635 -22.77 -13.87 6.08
C LEU A 635 -22.88 -12.93 7.29
N ILE A 636 -22.19 -11.79 7.28
CA ILE A 636 -22.28 -10.85 8.43
C ILE A 636 -23.76 -10.44 8.63
N ASP A 637 -24.44 -10.17 7.52
CA ASP A 637 -25.88 -9.78 7.56
C ASP A 637 -26.72 -10.91 8.20
N LYS A 638 -26.51 -12.15 7.77
CA LYS A 638 -27.24 -13.32 8.33
C LYS A 638 -26.99 -13.43 9.83
N LEU A 639 -25.74 -13.28 10.25
CA LEU A 639 -25.35 -13.43 11.68
C LEU A 639 -26.05 -12.33 12.51
N VAL A 640 -25.98 -11.08 12.07
CA VAL A 640 -26.65 -9.95 12.76
C VAL A 640 -28.16 -10.26 12.88
N LYS A 641 -28.79 -10.74 11.82
CA LYS A 641 -30.26 -10.94 11.82
C LYS A 641 -30.67 -12.10 12.76
N LEU A 642 -29.74 -12.97 13.20
CA LEU A 642 -30.07 -14.07 14.14
C LEU A 642 -30.78 -13.52 15.39
N ASN A 643 -30.46 -12.30 15.83
CA ASN A 643 -31.10 -11.65 17.00
C ASN A 643 -31.92 -10.45 16.55
N LYS A 644 -32.35 -10.42 15.29
CA LYS A 644 -33.42 -9.51 14.80
C LYS A 644 -32.98 -8.05 14.98
N ILE A 645 -31.69 -7.80 14.82
CA ILE A 645 -31.11 -6.43 14.81
C ILE A 645 -31.47 -5.81 13.45
N LYS A 646 -32.01 -4.61 13.50
CA LYS A 646 -32.37 -3.86 12.27
C LYS A 646 -31.50 -2.62 12.13
N ARG A 647 -31.26 -2.24 10.88
CA ARG A 647 -30.70 -0.91 10.56
C ARG A 647 -31.72 0.16 10.99
N GLU A 648 -31.26 1.38 11.23
CA GLU A 648 -32.10 2.55 11.63
C GLU A 648 -32.91 3.05 10.42
N LEU A 649 -32.38 2.92 9.20
CA LEU A 649 -33.03 3.43 7.98
C LEU A 649 -33.11 2.30 6.95
N PHE A 650 -34.12 2.35 6.09
CA PHE A 650 -34.16 1.68 4.78
C PHE A 650 -33.60 2.70 3.81
N VAL A 651 -32.51 2.38 3.12
CA VAL A 651 -31.88 3.25 2.10
C VAL A 651 -31.82 2.47 0.79
N SER A 652 -32.27 3.06 -0.31
CA SER A 652 -32.47 2.36 -1.61
C SER A 652 -31.13 2.03 -2.29
N ASP A 653 -30.03 2.68 -1.91
CA ASP A 653 -28.69 2.39 -2.47
C ASP A 653 -27.83 1.81 -1.35
N LYS A 654 -27.45 0.55 -1.46
CA LYS A 654 -26.73 -0.15 -0.38
C LYS A 654 -25.31 0.42 -0.22
N ASP A 655 -24.81 1.19 -1.18
CA ASP A 655 -23.42 1.74 -1.17
C ASP A 655 -23.40 3.11 -0.46
N ILE A 656 -24.57 3.63 -0.05
CA ILE A 656 -24.61 4.84 0.82
C ILE A 656 -24.37 4.42 2.27
N GLN A 657 -23.41 5.07 2.93
CA GLN A 657 -23.22 4.93 4.38
C GLN A 657 -24.04 5.99 5.10
N PHE A 658 -24.58 5.61 6.24
CA PHE A 658 -25.28 6.55 7.11
C PHE A 658 -25.00 6.24 8.57
N VAL A 659 -25.14 7.28 9.37
CA VAL A 659 -25.12 7.20 10.85
C VAL A 659 -26.29 8.04 11.37
N VAL A 660 -27.14 7.47 12.24
CA VAL A 660 -28.17 8.23 12.98
C VAL A 660 -27.63 8.47 14.38
N ARG A 661 -27.48 9.71 14.77
CA ARG A 661 -27.08 10.09 16.15
C ARG A 661 -28.29 10.77 16.77
N GLU A 662 -28.65 10.42 18.01
CA GLU A 662 -29.78 11.12 18.63
C GLU A 662 -29.65 11.19 20.14
N ASN A 663 -30.29 12.23 20.68
CA ASN A 663 -30.57 12.39 22.13
C ASN A 663 -32.09 12.60 22.30
N ASN A 664 -32.55 13.13 23.43
CA ASN A 664 -34.01 13.30 23.67
C ASN A 664 -34.57 14.43 22.78
N LYS A 665 -33.79 15.48 22.50
CA LYS A 665 -34.23 16.70 21.77
C LYS A 665 -34.09 16.53 20.25
N SER A 666 -33.06 15.82 19.76
CA SER A 666 -32.54 16.04 18.38
C SER A 666 -32.13 14.73 17.74
N ARG A 667 -32.35 14.61 16.43
CA ARG A 667 -31.84 13.47 15.62
C ARG A 667 -31.03 14.04 14.47
N TYR A 668 -29.82 13.55 14.27
CA TYR A 668 -28.96 13.93 13.12
C TYR A 668 -28.80 12.69 12.26
N ILE A 669 -29.13 12.81 10.98
CA ILE A 669 -28.83 11.75 9.98
C ILE A 669 -27.64 12.20 9.14
N PHE A 670 -26.53 11.48 9.23
CA PHE A 670 -25.32 11.70 8.38
C PHE A 670 -25.35 10.70 7.21
N PHE A 671 -25.34 11.19 5.97
CA PHE A 671 -25.16 10.36 4.75
C PHE A 671 -23.77 10.63 4.20
N LEU A 672 -23.04 9.56 3.93
CA LEU A 672 -21.64 9.60 3.44
C LEU A 672 -21.57 8.79 2.15
N ASN A 673 -21.12 9.42 1.09
CA ASN A 673 -20.88 8.79 -0.22
C ASN A 673 -19.36 8.68 -0.43
N TYR A 674 -18.83 7.51 -0.15
CA TYR A 674 -17.36 7.22 -0.23
C TYR A 674 -16.99 6.78 -1.66
N HIS A 675 -17.83 7.06 -2.66
CA HIS A 675 -17.69 6.46 -4.02
C HIS A 675 -17.65 7.56 -5.08
N ASN A 676 -16.96 7.30 -6.21
CA ASN A 676 -16.86 8.30 -7.29
C ASN A 676 -18.06 8.11 -8.23
N GLU A 677 -19.23 8.48 -7.72
CA GLU A 677 -20.50 8.36 -8.47
C GLU A 677 -21.47 9.37 -7.86
N ARG A 678 -22.15 10.17 -8.68
CA ARG A 678 -23.28 10.99 -8.17
C ARG A 678 -24.42 10.01 -7.90
N LYS A 679 -24.88 9.91 -6.65
CA LYS A 679 -25.93 8.92 -6.27
C LYS A 679 -27.24 9.65 -5.95
N THR A 680 -28.32 9.22 -6.59
CA THR A 680 -29.69 9.58 -6.21
C THR A 680 -30.34 8.35 -5.58
N PHE A 681 -30.93 8.51 -4.40
CA PHE A 681 -31.51 7.43 -3.60
C PHE A 681 -32.67 7.98 -2.78
N ASN A 682 -33.38 7.07 -2.15
CA ASN A 682 -34.46 7.43 -1.21
C ASN A 682 -34.24 6.67 0.07
N TYR A 683 -34.82 7.15 1.17
CA TYR A 683 -34.69 6.49 2.47
C TYR A 683 -35.95 6.76 3.30
N ARG A 684 -36.13 5.94 4.34
CA ARG A 684 -37.11 6.19 5.40
C ARG A 684 -36.66 5.51 6.67
N LYS A 685 -37.17 5.97 7.81
CA LYS A 685 -36.89 5.39 9.15
C LYS A 685 -37.51 3.98 9.20
N SER A 686 -36.77 3.03 9.77
CA SER A 686 -37.20 1.60 9.80
C SER A 686 -38.57 1.48 10.49
N SER A 687 -38.91 2.35 11.44
CA SER A 687 -40.26 2.40 12.08
C SER A 687 -40.68 3.84 12.37
N LYS A 693 -43.45 9.67 0.26
CA LYS A 693 -43.37 9.47 1.73
C LYS A 693 -41.91 9.20 2.12
N SER A 694 -41.19 8.33 1.38
CA SER A 694 -39.70 8.27 1.46
C SER A 694 -39.14 9.59 0.94
N GLU A 695 -38.05 10.10 1.54
CA GLU A 695 -37.33 11.31 1.07
C GLU A 695 -36.34 10.93 -0.05
N GLU A 696 -36.20 11.75 -1.08
CA GLU A 696 -35.17 11.57 -2.16
C GLU A 696 -33.98 12.49 -1.88
N ILE A 697 -32.77 11.98 -2.09
CA ILE A 697 -31.51 12.71 -1.85
C ILE A 697 -30.60 12.46 -3.06
N SER A 698 -29.95 13.52 -3.56
N SER A 698 -29.95 13.52 -3.54
CA SER A 698 -28.83 13.41 -4.52
CA SER A 698 -28.83 13.43 -4.50
C SER A 698 -27.53 13.84 -3.82
C SER A 698 -27.54 13.82 -3.77
N ILE A 699 -26.49 13.03 -3.93
CA ILE A 699 -25.19 13.30 -3.26
C ILE A 699 -24.06 13.17 -4.28
N ALA A 700 -23.16 14.15 -4.26
CA ALA A 700 -21.99 14.23 -5.15
C ALA A 700 -21.03 13.11 -4.79
N PRO A 701 -20.10 12.78 -5.69
CA PRO A 701 -18.98 11.90 -5.38
C PRO A 701 -18.22 12.39 -4.13
N PHE A 702 -17.82 11.44 -3.29
CA PHE A 702 -16.92 11.67 -2.13
C PHE A 702 -17.47 12.82 -1.28
N SER A 703 -18.79 12.82 -1.04
CA SER A 703 -19.49 13.94 -0.40
C SER A 703 -20.41 13.43 0.71
N TYR A 704 -21.19 14.36 1.27
CA TYR A 704 -21.97 14.10 2.50
C TYR A 704 -23.26 14.93 2.50
N LYS A 705 -24.24 14.48 3.26
CA LYS A 705 -25.41 15.32 3.65
C LYS A 705 -25.66 15.13 5.14
N VAL A 706 -26.13 16.20 5.81
CA VAL A 706 -26.55 16.10 7.23
C VAL A 706 -27.97 16.64 7.34
N ILE A 707 -28.88 15.85 7.90
CA ILE A 707 -30.30 16.25 8.09
C ILE A 707 -30.52 16.35 9.61
N LYS A 708 -31.02 17.49 10.12
CA LYS A 708 -31.41 17.57 11.54
C LYS A 708 -32.93 17.47 11.67
N GLU A 709 -33.40 16.65 12.60
CA GLU A 709 -34.84 16.52 12.94
C GLU A 709 -35.03 16.94 14.39
N ASN A 710 -36.05 17.74 14.65
CA ASN A 710 -36.42 18.15 16.03
C ASN A 710 -37.39 17.11 16.60
N LYS A 711 -37.02 16.45 17.71
CA LYS A 711 -37.73 15.40 18.51
C LYS A 711 -37.33 14.01 18.02
N SER B 1 6.00 5.97 -38.82
CA SER B 1 6.92 5.62 -37.69
C SER B 1 6.20 4.90 -36.52
N GLU B 2 4.93 5.20 -36.25
CA GLU B 2 4.17 4.62 -35.12
C GLU B 2 3.87 3.16 -35.44
N LYS B 3 3.70 2.35 -34.41
CA LYS B 3 3.29 0.93 -34.55
C LYS B 3 1.83 0.86 -34.15
N TYR B 4 1.00 0.19 -34.94
CA TYR B 4 -0.44 0.13 -34.67
C TYR B 4 -1.01 -1.08 -35.39
N PHE B 5 -2.11 -1.57 -34.87
CA PHE B 5 -2.89 -2.65 -35.51
C PHE B 5 -3.46 -2.10 -36.83
N VAL B 6 -3.75 -3.02 -37.75
CA VAL B 6 -4.31 -2.63 -39.08
C VAL B 6 -5.52 -3.51 -39.40
N LYS B 7 -6.48 -2.91 -40.10
CA LYS B 7 -7.67 -3.61 -40.62
C LYS B 7 -7.96 -3.01 -42.00
N ASN B 8 -8.16 -3.87 -43.00
CA ASN B 8 -8.47 -3.38 -44.38
C ASN B 8 -7.41 -2.33 -44.78
N GLY B 9 -6.15 -2.58 -44.43
CA GLY B 9 -4.98 -1.77 -44.83
C GLY B 9 -5.00 -0.37 -44.27
N GLN B 10 -5.75 -0.11 -43.20
CA GLN B 10 -5.85 1.22 -42.56
C GLN B 10 -5.56 1.04 -41.08
N PRO B 11 -5.10 2.09 -40.37
CA PRO B 11 -4.93 1.99 -38.91
C PRO B 11 -6.24 1.53 -38.26
N HIS B 12 -6.14 0.56 -37.35
CA HIS B 12 -7.29 -0.01 -36.61
C HIS B 12 -7.00 0.05 -35.11
N PHE B 13 -7.85 0.71 -34.33
CA PHE B 13 -7.69 0.67 -32.87
C PHE B 13 -8.31 -0.65 -32.42
N LEU B 14 -7.52 -1.57 -31.87
CA LEU B 14 -8.07 -2.87 -31.43
C LEU B 14 -8.91 -2.61 -30.17
N ILE B 15 -10.24 -2.78 -30.27
CA ILE B 15 -11.17 -2.72 -29.10
C ILE B 15 -11.78 -4.11 -28.88
N SER B 16 -11.31 -4.77 -27.84
CA SER B 16 -11.76 -6.12 -27.46
C SER B 16 -12.45 -6.04 -26.10
N GLY B 17 -13.39 -6.95 -25.86
CA GLY B 17 -14.02 -7.18 -24.54
C GLY B 17 -13.90 -8.62 -24.11
N GLU B 18 -13.54 -8.88 -22.85
CA GLU B 18 -13.37 -10.26 -22.33
C GLU B 18 -14.74 -10.77 -21.86
N VAL B 19 -15.15 -11.91 -22.41
CA VAL B 19 -16.45 -12.56 -22.17
C VAL B 19 -16.15 -14.04 -22.00
N HIS B 20 -16.36 -14.58 -20.81
CA HIS B 20 -16.01 -15.98 -20.50
C HIS B 20 -17.25 -16.84 -20.72
N TYR B 21 -17.31 -17.49 -21.89
CA TYR B 21 -18.48 -18.33 -22.27
C TYR B 21 -18.70 -19.38 -21.19
N PHE B 22 -17.64 -19.89 -20.57
CA PHE B 22 -17.70 -21.04 -19.63
C PHE B 22 -18.30 -20.58 -18.28
N ARG B 23 -18.47 -19.28 -18.11
CA ARG B 23 -19.03 -18.65 -16.89
C ARG B 23 -20.36 -17.96 -17.19
N ILE B 24 -20.97 -18.20 -18.35
CA ILE B 24 -22.20 -17.47 -18.71
C ILE B 24 -23.23 -18.48 -19.24
N ASN B 25 -24.48 -18.29 -18.85
CA ASN B 25 -25.61 -19.10 -19.34
C ASN B 25 -25.62 -19.09 -20.86
N PRO B 26 -25.51 -20.24 -21.57
CA PRO B 26 -25.42 -20.21 -23.03
C PRO B 26 -26.66 -19.62 -23.73
N LYS B 27 -27.80 -19.60 -23.04
CA LYS B 27 -29.00 -18.92 -23.59
C LYS B 27 -28.74 -17.44 -23.75
N LEU B 28 -27.76 -16.89 -23.02
CA LEU B 28 -27.45 -15.45 -23.00
C LEU B 28 -26.14 -15.12 -23.77
N TRP B 29 -25.49 -16.11 -24.36
CA TRP B 29 -24.21 -15.87 -25.10
C TRP B 29 -24.45 -14.85 -26.22
N ARG B 30 -25.50 -15.02 -27.04
CA ARG B 30 -25.78 -14.07 -28.13
C ARG B 30 -26.03 -12.68 -27.57
N ASN B 31 -26.77 -12.53 -26.47
CA ASN B 31 -27.13 -11.20 -25.92
C ASN B 31 -25.86 -10.47 -25.43
N HIS B 32 -24.92 -11.18 -24.79
CA HIS B 32 -23.63 -10.58 -24.36
C HIS B 32 -22.87 -10.06 -25.58
N LEU B 33 -22.78 -10.88 -26.64
CA LEU B 33 -22.00 -10.56 -27.87
C LEU B 33 -22.65 -9.36 -28.57
N GLN B 34 -23.97 -9.35 -28.71
CA GLN B 34 -24.70 -8.22 -29.34
C GLN B 34 -24.41 -6.94 -28.53
N LEU B 35 -24.53 -6.99 -27.21
CA LEU B 35 -24.30 -5.77 -26.39
C LEU B 35 -22.83 -5.34 -26.49
N LEU B 36 -21.90 -6.28 -26.62
CA LEU B 36 -20.46 -5.92 -26.77
C LEU B 36 -20.31 -5.18 -28.11
N LYS B 37 -20.80 -5.77 -29.18
CA LYS B 37 -20.69 -5.14 -30.52
C LYS B 37 -21.30 -3.72 -30.47
N GLN B 38 -22.43 -3.56 -29.79
CA GLN B 38 -23.19 -2.29 -29.78
C GLN B 38 -22.38 -1.18 -29.07
N THR B 39 -21.31 -1.50 -28.31
CA THR B 39 -20.43 -0.44 -27.75
C THR B 39 -19.40 0.05 -28.78
N GLY B 40 -19.28 -0.62 -29.94
CA GLY B 40 -18.31 -0.27 -30.99
C GLY B 40 -17.08 -1.16 -30.93
N ALA B 41 -16.99 -2.05 -29.94
CA ALA B 41 -15.92 -3.08 -29.90
C ALA B 41 -15.95 -3.91 -31.17
N ASP B 42 -14.77 -4.37 -31.60
CA ASP B 42 -14.62 -5.16 -32.86
C ASP B 42 -14.22 -6.60 -32.55
N THR B 43 -13.75 -6.89 -31.34
CA THR B 43 -13.19 -8.19 -30.94
C THR B 43 -13.72 -8.61 -29.56
N VAL B 44 -13.83 -9.92 -29.38
CA VAL B 44 -14.19 -10.57 -28.08
C VAL B 44 -13.06 -11.52 -27.72
N SER B 45 -12.76 -11.70 -26.43
CA SER B 45 -11.58 -12.45 -25.95
C SER B 45 -12.02 -13.39 -24.82
N THR B 46 -11.51 -14.62 -24.81
CA THR B 46 -11.84 -15.60 -23.76
C THR B 46 -10.69 -16.57 -23.59
N TYR B 47 -10.54 -17.09 -22.38
CA TYR B 47 -9.82 -18.34 -22.13
C TYR B 47 -10.65 -19.53 -22.64
N ILE B 48 -9.94 -20.60 -22.97
CA ILE B 48 -10.53 -21.94 -23.27
C ILE B 48 -9.90 -22.86 -22.24
N PRO B 49 -10.56 -23.09 -21.09
CA PRO B 49 -9.91 -23.78 -19.97
C PRO B 49 -9.79 -25.28 -20.23
N TRP B 50 -8.57 -25.78 -20.11
CA TRP B 50 -8.24 -27.22 -20.25
C TRP B 50 -9.11 -28.08 -19.31
N ASP B 51 -9.19 -27.72 -18.03
CA ASP B 51 -10.01 -28.42 -17.02
C ASP B 51 -11.48 -28.51 -17.47
N TRP B 52 -12.00 -27.48 -18.16
CA TRP B 52 -13.42 -27.36 -18.54
C TRP B 52 -13.78 -28.29 -19.69
N HIS B 53 -12.83 -28.59 -20.59
CA HIS B 53 -13.09 -29.33 -21.86
C HIS B 53 -12.53 -30.78 -21.80
N GLU B 54 -11.40 -31.04 -21.15
CA GLU B 54 -10.94 -32.44 -20.92
C GLU B 54 -11.48 -32.88 -19.56
N ILE B 55 -12.71 -33.35 -19.53
CA ILE B 55 -13.52 -33.50 -18.27
C ILE B 55 -13.02 -34.69 -17.45
N GLU B 56 -12.50 -35.69 -18.14
CA GLU B 56 -11.74 -36.83 -17.58
C GLU B 56 -10.58 -37.10 -18.55
N GLU B 57 -9.59 -37.88 -18.13
CA GLU B 57 -8.45 -38.14 -19.01
C GLU B 57 -8.95 -38.71 -20.34
N ASP B 58 -8.56 -38.08 -21.45
CA ASP B 58 -8.89 -38.48 -22.84
C ASP B 58 -10.39 -38.46 -23.11
N ASP B 59 -11.17 -37.64 -22.41
CA ASP B 59 -12.60 -37.43 -22.68
C ASP B 59 -12.82 -35.94 -22.87
N PHE B 60 -13.06 -35.50 -24.10
CA PHE B 60 -13.11 -34.07 -24.47
C PHE B 60 -14.54 -33.70 -24.86
N ASP B 61 -15.01 -32.54 -24.41
CA ASP B 61 -16.35 -32.02 -24.74
C ASP B 61 -16.17 -30.56 -25.15
N PHE B 62 -16.25 -30.28 -26.44
CA PHE B 62 -16.25 -28.91 -27.01
C PHE B 62 -17.62 -28.56 -27.60
N GLU B 63 -18.64 -29.41 -27.42
CA GLU B 63 -19.97 -29.28 -28.08
C GLU B 63 -21.10 -29.21 -27.06
N GLY B 64 -20.81 -29.17 -25.77
CA GLY B 64 -21.86 -29.06 -24.76
C GLY B 64 -22.62 -30.38 -24.59
N LYS B 65 -21.97 -31.50 -24.84
CA LYS B 65 -22.58 -32.85 -24.65
C LYS B 65 -22.89 -33.07 -23.15
N THR B 66 -21.99 -32.64 -22.25
CA THR B 66 -22.00 -32.93 -20.79
C THR B 66 -22.42 -31.70 -19.98
N HIS B 67 -22.29 -30.48 -20.53
CA HIS B 67 -22.76 -29.23 -19.86
C HIS B 67 -22.94 -28.20 -20.98
N PRO B 68 -24.06 -27.45 -21.03
CA PRO B 68 -24.28 -26.59 -22.19
C PRO B 68 -23.13 -25.59 -22.41
N ALA B 69 -22.49 -25.16 -21.33
CA ALA B 69 -21.44 -24.12 -21.40
C ALA B 69 -20.08 -24.71 -21.83
N ARG B 70 -19.99 -26.02 -22.12
CA ARG B 70 -18.80 -26.63 -22.76
C ARG B 70 -18.89 -26.55 -24.30
N ASN B 71 -19.95 -25.93 -24.83
CA ASN B 71 -20.18 -25.77 -26.30
C ASN B 71 -19.35 -24.60 -26.86
N LEU B 72 -18.02 -24.78 -26.86
CA LEU B 72 -17.03 -23.83 -27.42
C LEU B 72 -17.33 -23.63 -28.91
N ILE B 73 -17.69 -24.70 -29.61
CA ILE B 73 -17.96 -24.61 -31.08
C ILE B 73 -19.09 -23.62 -31.32
N ARG B 74 -20.17 -23.71 -30.54
CA ARG B 74 -21.31 -22.80 -30.70
C ARG B 74 -20.88 -21.34 -30.40
N PHE B 75 -20.13 -21.11 -29.32
CA PHE B 75 -19.69 -19.74 -28.97
C PHE B 75 -18.84 -19.16 -30.12
N ILE B 76 -17.94 -19.95 -30.69
CA ILE B 76 -17.13 -19.46 -31.85
C ILE B 76 -18.08 -19.08 -32.99
N LYS B 77 -19.02 -19.97 -33.31
CA LYS B 77 -20.03 -19.70 -34.38
C LYS B 77 -20.77 -18.39 -34.08
N LEU B 78 -21.13 -18.12 -32.82
CA LEU B 78 -21.90 -16.90 -32.49
C LEU B 78 -21.04 -15.65 -32.67
N CYS B 79 -19.76 -15.70 -32.30
CA CYS B 79 -18.87 -14.52 -32.50
C CYS B 79 -18.93 -14.14 -33.99
N LYS B 80 -18.82 -15.13 -34.87
CA LYS B 80 -18.85 -14.86 -36.33
C LYS B 80 -20.23 -14.32 -36.70
N GLU B 81 -21.33 -14.95 -36.26
CA GLU B 81 -22.70 -14.47 -36.58
C GLU B 81 -22.89 -13.02 -36.11
N GLU B 82 -22.24 -12.59 -35.01
CA GLU B 82 -22.44 -11.25 -34.44
C GLU B 82 -21.33 -10.28 -34.88
N ASN B 83 -20.52 -10.67 -35.84
CA ASN B 83 -19.57 -9.77 -36.53
C ASN B 83 -18.53 -9.29 -35.51
N LEU B 84 -18.01 -10.21 -34.68
CA LEU B 84 -16.87 -9.94 -33.76
C LEU B 84 -15.72 -10.84 -34.15
N ASP B 85 -14.51 -10.30 -34.19
CA ASP B 85 -13.29 -11.12 -34.18
C ASP B 85 -13.15 -11.77 -32.78
N LEU B 86 -12.32 -12.81 -32.69
CA LEU B 86 -12.13 -13.59 -31.44
C LEU B 86 -10.66 -13.79 -31.13
N ILE B 87 -10.30 -13.50 -29.88
CA ILE B 87 -9.00 -13.88 -29.27
C ILE B 87 -9.24 -15.09 -28.36
N VAL B 88 -8.50 -16.17 -28.58
CA VAL B 88 -8.60 -17.41 -27.76
C VAL B 88 -7.33 -17.60 -26.94
N LYS B 89 -7.48 -18.18 -25.75
CA LYS B 89 -6.35 -18.31 -24.81
C LYS B 89 -6.48 -19.66 -24.12
N PRO B 90 -5.96 -20.73 -24.76
CA PRO B 90 -6.18 -22.09 -24.26
C PRO B 90 -5.15 -22.61 -23.25
N GLY B 91 -4.28 -21.75 -22.74
CA GLY B 91 -3.41 -22.16 -21.64
C GLY B 91 -2.12 -22.79 -22.11
N PRO B 92 -1.58 -23.81 -21.40
CA PRO B 92 -2.35 -24.57 -20.42
C PRO B 92 -2.76 -23.85 -19.12
N TYR B 93 -1.94 -22.95 -18.56
CA TYR B 93 -2.36 -22.12 -17.40
C TYR B 93 -3.27 -20.99 -17.88
N ILE B 94 -4.38 -20.70 -17.17
CA ILE B 94 -5.22 -19.49 -17.45
C ILE B 94 -5.31 -18.58 -16.25
N LEU B 95 -4.97 -19.04 -15.05
CA LEU B 95 -5.25 -18.28 -13.81
C LEU B 95 -6.75 -17.97 -13.76
N ALA B 96 -7.18 -16.73 -13.86
CA ALA B 96 -8.59 -16.31 -14.09
C ALA B 96 -9.49 -16.73 -12.91
N GLU B 97 -8.89 -16.88 -11.72
CA GLU B 97 -9.58 -17.34 -10.48
C GLU B 97 -10.31 -18.67 -10.75
N TYR B 98 -9.76 -19.50 -11.65
CA TYR B 98 -10.34 -20.80 -12.03
C TYR B 98 -9.62 -21.85 -11.19
N GLU B 99 -10.33 -22.81 -10.62
CA GLU B 99 -9.70 -23.77 -9.67
C GLU B 99 -8.51 -24.44 -10.37
N ASN B 100 -7.41 -24.63 -9.63
CA ASN B 100 -6.16 -25.25 -10.16
C ASN B 100 -5.57 -24.41 -11.29
N GLN B 101 -5.94 -23.13 -11.38
CA GLN B 101 -5.40 -22.16 -12.37
C GLN B 101 -5.64 -22.69 -13.79
N GLY B 102 -6.64 -23.57 -13.95
CA GLY B 102 -7.14 -24.05 -15.25
C GLY B 102 -6.69 -25.47 -15.56
N LEU B 103 -5.74 -26.03 -14.80
CA LEU B 103 -5.27 -27.42 -15.03
C LEU B 103 -6.35 -28.39 -14.57
N PRO B 104 -6.56 -29.55 -15.23
CA PRO B 104 -7.56 -30.50 -14.78
C PRO B 104 -7.24 -31.11 -13.41
N SER B 105 -8.26 -31.31 -12.59
CA SER B 105 -8.08 -32.05 -11.31
C SER B 105 -7.48 -33.44 -11.58
N TRP B 106 -7.99 -34.15 -12.60
CA TRP B 106 -7.54 -35.54 -12.88
C TRP B 106 -6.04 -35.53 -13.18
N LEU B 107 -5.55 -34.47 -13.83
CA LEU B 107 -4.12 -34.33 -14.21
C LEU B 107 -3.30 -34.17 -12.94
N LEU B 108 -3.68 -33.24 -12.08
CA LEU B 108 -2.90 -32.94 -10.84
C LEU B 108 -2.89 -34.14 -9.90
N LYS B 109 -3.94 -34.97 -9.94
CA LYS B 109 -4.02 -36.17 -9.07
C LYS B 109 -3.04 -37.24 -9.59
N LYS B 110 -2.87 -37.33 -10.90
CA LYS B 110 -2.17 -38.43 -11.62
C LYS B 110 -0.67 -38.10 -11.79
N LEU B 111 -0.28 -36.83 -11.89
CA LEU B 111 1.14 -36.46 -12.16
C LEU B 111 2.04 -37.01 -11.04
N SER B 112 3.20 -37.56 -11.41
CA SER B 112 4.27 -37.94 -10.47
C SER B 112 4.81 -36.69 -9.77
N LYS B 113 5.44 -36.88 -8.62
CA LYS B 113 6.04 -35.80 -7.80
C LYS B 113 7.03 -34.96 -8.63
N ASN B 114 7.78 -35.59 -9.55
CA ASN B 114 8.87 -34.89 -10.30
C ASN B 114 8.29 -34.01 -11.42
N ALA B 115 6.96 -33.99 -11.63
CA ALA B 115 6.30 -33.03 -12.55
C ALA B 115 6.04 -31.68 -11.85
N PHE B 116 6.14 -31.60 -10.52
CA PHE B 116 5.81 -30.39 -9.72
C PHE B 116 7.04 -29.51 -9.51
N ALA B 117 6.82 -28.20 -9.35
CA ALA B 117 7.85 -27.24 -8.92
C ALA B 117 8.21 -27.57 -7.46
N LEU B 118 9.51 -27.73 -7.16
CA LEU B 118 9.97 -28.19 -5.83
C LEU B 118 10.80 -27.09 -5.17
N ASP B 119 10.73 -27.00 -3.84
CA ASP B 119 11.60 -26.14 -3.02
C ASP B 119 12.98 -26.81 -2.92
N GLU B 120 13.94 -26.13 -2.30
CA GLU B 120 15.36 -26.60 -2.26
C GLU B 120 15.48 -27.97 -1.58
N ASN B 121 14.50 -28.33 -0.74
CA ASN B 121 14.48 -29.61 0.02
C ASN B 121 13.78 -30.72 -0.78
N GLY B 122 13.29 -30.45 -2.00
CA GLY B 122 12.58 -31.44 -2.83
C GLY B 122 11.13 -31.63 -2.44
N ASN B 123 10.51 -30.65 -1.78
CA ASN B 123 9.07 -30.71 -1.41
C ASN B 123 8.23 -29.95 -2.44
N VAL B 124 7.04 -30.47 -2.75
CA VAL B 124 6.11 -29.82 -3.72
C VAL B 124 5.75 -28.42 -3.21
N ILE B 125 5.96 -27.38 -4.01
CA ILE B 125 5.69 -25.98 -3.59
C ILE B 125 4.18 -25.79 -3.41
N SER B 126 3.36 -26.32 -4.32
CA SER B 126 1.89 -26.10 -4.33
C SER B 126 1.23 -27.17 -5.20
N PRO B 127 0.12 -27.76 -4.75
CA PRO B 127 -0.48 -28.88 -5.47
C PRO B 127 -0.99 -28.51 -6.87
N ASP B 128 -1.05 -27.22 -7.23
CA ASP B 128 -1.48 -26.86 -8.62
C ASP B 128 -0.33 -26.22 -9.42
N LEU B 129 0.92 -26.27 -8.92
CA LEU B 129 2.10 -25.64 -9.55
C LEU B 129 3.02 -26.73 -10.14
N VAL B 130 2.96 -26.86 -11.46
CA VAL B 130 3.82 -27.81 -12.20
C VAL B 130 5.13 -27.11 -12.52
N SER B 131 6.11 -27.91 -12.86
CA SER B 131 7.38 -27.46 -13.44
C SER B 131 7.13 -27.25 -14.94
N TYR B 132 7.39 -26.05 -15.46
CA TYR B 132 7.03 -25.74 -16.86
C TYR B 132 7.67 -26.75 -17.83
N LEU B 133 8.92 -27.16 -17.61
CA LEU B 133 9.59 -28.10 -18.55
C LEU B 133 9.50 -29.57 -18.09
N SER B 134 8.60 -29.94 -17.19
CA SER B 134 8.33 -31.37 -16.83
C SER B 134 7.97 -32.14 -18.09
N ASP B 135 8.61 -33.28 -18.36
CA ASP B 135 8.29 -34.14 -19.53
C ASP B 135 6.80 -34.52 -19.45
N GLU B 136 6.31 -34.89 -18.28
CA GLU B 136 4.94 -35.41 -18.06
C GLU B 136 3.94 -34.27 -18.29
N PHE B 137 4.22 -33.09 -17.75
CA PHE B 137 3.38 -31.88 -17.96
C PHE B 137 3.30 -31.55 -19.45
N LEU B 138 4.42 -31.48 -20.16
CA LEU B 138 4.43 -31.12 -21.60
C LEU B 138 3.70 -32.20 -22.41
N GLU B 139 3.76 -33.45 -21.97
CA GLU B 139 3.10 -34.55 -22.72
C GLU B 139 1.58 -34.32 -22.67
N TYR B 140 1.06 -34.08 -21.48
CA TYR B 140 -0.40 -33.86 -21.27
C TYR B 140 -0.79 -32.53 -21.94
N THR B 141 0.02 -31.49 -21.82
CA THR B 141 -0.24 -30.19 -22.53
C THR B 141 -0.39 -30.45 -24.03
N PHE B 142 0.54 -31.21 -24.61
CA PHE B 142 0.53 -31.57 -26.04
C PHE B 142 -0.77 -32.32 -26.40
N LYS B 143 -1.25 -33.23 -25.53
CA LYS B 143 -2.52 -33.97 -25.81
C LYS B 143 -3.73 -33.03 -25.77
N TRP B 144 -3.71 -32.04 -24.88
CA TRP B 144 -4.74 -30.95 -24.86
C TRP B 144 -4.65 -30.18 -26.19
N TYR B 145 -3.45 -29.73 -26.57
CA TYR B 145 -3.24 -28.96 -27.81
C TYR B 145 -3.73 -29.77 -29.04
N ASP B 146 -3.49 -31.08 -29.04
CA ASP B 146 -3.90 -32.00 -30.15
C ASP B 146 -5.41 -31.95 -30.34
N LYS B 147 -6.19 -31.64 -29.31
CA LYS B 147 -7.66 -31.53 -29.40
C LYS B 147 -8.14 -30.09 -29.64
N VAL B 148 -7.61 -29.10 -28.91
CA VAL B 148 -8.15 -27.72 -29.02
C VAL B 148 -7.55 -27.02 -30.26
N MET B 149 -6.31 -27.32 -30.66
CA MET B 149 -5.63 -26.53 -31.72
C MET B 149 -6.25 -26.81 -33.09
N PRO B 150 -6.69 -28.04 -33.44
CA PRO B 150 -7.40 -28.23 -34.72
C PRO B 150 -8.68 -27.40 -34.78
N ILE B 151 -9.40 -27.25 -33.66
CA ILE B 151 -10.62 -26.40 -33.61
C ILE B 151 -10.23 -24.94 -33.88
N ILE B 152 -9.22 -24.43 -33.17
CA ILE B 152 -8.75 -23.03 -33.36
C ILE B 152 -8.31 -22.82 -34.83
N SER B 153 -7.54 -23.75 -35.37
CA SER B 153 -7.01 -23.71 -36.76
C SER B 153 -8.15 -23.55 -37.76
N LYS B 154 -9.20 -24.34 -37.63
CA LYS B 154 -10.35 -24.33 -38.56
C LYS B 154 -11.09 -22.99 -38.51
N HIS B 155 -11.07 -22.28 -37.37
CA HIS B 155 -11.93 -21.08 -37.18
C HIS B 155 -11.12 -19.77 -37.31
N GLN B 156 -9.88 -19.81 -37.81
CA GLN B 156 -9.09 -18.62 -38.17
C GLN B 156 -9.82 -17.75 -39.22
N LYS B 157 -9.59 -16.44 -39.17
CA LYS B 157 -10.09 -15.42 -40.17
C LYS B 157 -9.78 -15.90 -41.59
N GLU B 158 -8.56 -16.43 -41.80
CA GLU B 158 -8.06 -17.08 -43.05
C GLU B 158 -9.16 -17.98 -43.67
N HIS B 159 -9.85 -18.75 -42.83
CA HIS B 159 -10.95 -19.66 -43.21
C HIS B 159 -12.32 -19.02 -42.87
N TYR B 160 -12.45 -17.69 -43.00
CA TYR B 160 -13.63 -16.83 -42.70
C TYR B 160 -14.31 -17.25 -41.38
N GLY B 161 -13.51 -17.74 -40.43
CA GLY B 161 -13.86 -17.80 -39.01
C GLY B 161 -13.46 -16.50 -38.32
N PRO B 162 -13.78 -16.36 -37.03
CA PRO B 162 -13.53 -15.10 -36.34
C PRO B 162 -12.14 -14.96 -35.68
N ILE B 163 -11.38 -16.06 -35.56
CA ILE B 163 -10.17 -16.10 -34.67
C ILE B 163 -9.03 -15.32 -35.34
N THR B 164 -8.55 -14.25 -34.70
CA THR B 164 -7.47 -13.35 -35.18
C THR B 164 -6.22 -13.39 -34.30
N MET B 165 -6.29 -13.81 -33.04
CA MET B 165 -5.06 -13.88 -32.19
C MET B 165 -5.23 -14.99 -31.15
N MET B 166 -4.12 -15.47 -30.64
CA MET B 166 -4.10 -16.51 -29.62
C MET B 166 -3.03 -16.20 -28.58
N GLN B 167 -3.37 -16.33 -27.30
CA GLN B 167 -2.38 -16.18 -26.21
C GLN B 167 -1.82 -17.56 -25.87
N LEU B 168 -0.52 -17.64 -25.69
CA LEU B 168 0.23 -18.82 -25.20
C LEU B 168 0.29 -18.73 -23.66
N CYS B 169 -0.28 -19.74 -23.00
CA CYS B 169 -0.27 -19.91 -21.53
C CYS B 169 -0.80 -18.60 -20.92
N ASN B 170 -0.21 -18.15 -19.81
CA ASN B 170 -0.72 -16.95 -19.12
C ASN B 170 0.32 -16.46 -18.11
N GLU B 171 0.79 -15.24 -18.29
CA GLU B 171 1.70 -14.55 -17.33
C GLU B 171 2.79 -15.54 -16.88
N ILE B 172 3.61 -16.03 -17.81
CA ILE B 172 4.69 -17.00 -17.49
C ILE B 172 5.56 -16.42 -16.36
N GLY B 173 5.84 -17.24 -15.34
CA GLY B 173 6.66 -16.88 -14.16
C GLY B 173 5.85 -16.20 -13.05
N VAL B 174 4.58 -15.92 -13.25
CA VAL B 174 3.77 -15.18 -12.24
C VAL B 174 3.84 -15.89 -10.86
N PHE B 175 3.82 -17.23 -10.79
CA PHE B 175 3.86 -17.98 -9.49
C PHE B 175 5.20 -17.79 -8.78
N GLN B 176 6.34 -17.80 -9.49
CA GLN B 176 7.68 -17.51 -8.88
C GLN B 176 7.71 -16.07 -8.32
N TRP B 177 7.11 -15.12 -9.04
CA TRP B 177 7.01 -13.71 -8.56
C TRP B 177 6.22 -13.62 -7.25
N LEU B 178 4.95 -14.07 -7.26
CA LEU B 178 4.02 -13.86 -6.11
C LEU B 178 4.55 -14.57 -4.86
N SER B 179 5.18 -15.74 -5.00
CA SER B 179 5.71 -16.54 -3.86
C SER B 179 7.12 -16.08 -3.47
N GLY B 180 7.88 -15.50 -4.39
CA GLY B 180 9.33 -15.31 -4.21
C GLY B 180 10.11 -16.63 -4.20
N LYS B 181 9.48 -17.75 -4.56
CA LYS B 181 10.13 -19.09 -4.55
C LYS B 181 10.50 -19.49 -5.99
N SER B 182 11.75 -19.90 -6.20
CA SER B 182 12.24 -20.52 -7.46
C SER B 182 11.95 -22.01 -7.46
N ASP B 183 11.77 -22.56 -8.65
CA ASP B 183 11.59 -24.00 -8.89
C ASP B 183 12.98 -24.65 -8.84
N TYR B 184 13.20 -25.54 -7.87
CA TYR B 184 14.44 -26.38 -7.73
C TYR B 184 14.17 -27.83 -8.17
N ASN B 185 13.12 -28.07 -8.97
CA ASN B 185 12.91 -29.39 -9.63
C ASN B 185 14.26 -29.83 -10.21
N PRO B 186 14.74 -31.08 -9.98
CA PRO B 186 16.06 -31.48 -10.48
C PRO B 186 16.22 -31.33 -12.01
N LYS B 187 15.15 -31.36 -12.78
CA LYS B 187 15.25 -31.17 -14.25
C LYS B 187 15.60 -29.70 -14.55
N VAL B 188 14.98 -28.78 -13.81
CA VAL B 188 15.30 -27.34 -13.89
C VAL B 188 16.78 -27.09 -13.52
N ILE B 189 17.24 -27.68 -12.41
CA ILE B 189 18.61 -27.45 -11.90
C ILE B 189 19.60 -28.05 -12.90
N ASN B 190 19.27 -29.18 -13.53
CA ASN B 190 20.15 -29.76 -14.59
C ASN B 190 20.25 -28.78 -15.76
N LEU B 191 19.15 -28.16 -16.16
CA LEU B 191 19.17 -27.11 -17.22
C LEU B 191 19.99 -25.88 -16.79
N TYR B 192 19.92 -25.48 -15.52
CA TYR B 192 20.75 -24.38 -14.95
C TYR B 192 22.24 -24.73 -15.09
N LYS B 193 22.63 -25.95 -14.70
CA LYS B 193 24.01 -26.49 -14.82
C LYS B 193 24.45 -26.38 -16.27
N GLU B 194 23.63 -26.84 -17.21
CA GLU B 194 23.94 -26.74 -18.66
C GLU B 194 24.14 -25.26 -19.06
N PHE B 195 23.25 -24.37 -18.61
CA PHE B 195 23.36 -22.92 -18.87
C PHE B 195 24.73 -22.40 -18.37
N ILE B 196 25.15 -22.78 -17.16
CA ILE B 196 26.43 -22.28 -16.53
C ILE B 196 27.63 -22.82 -17.31
N ILE B 197 27.65 -24.12 -17.59
CA ILE B 197 28.73 -24.79 -18.39
C ILE B 197 28.82 -24.08 -19.75
N GLN B 198 27.69 -23.83 -20.41
CA GLN B 198 27.65 -23.16 -21.72
C GLN B 198 28.26 -21.77 -21.57
N ARG B 199 27.92 -21.06 -20.50
CA ARG B 199 28.31 -19.64 -20.31
C ARG B 199 29.81 -19.53 -20.02
N TYR B 200 30.35 -20.36 -19.12
CA TYR B 200 31.73 -20.18 -18.55
C TYR B 200 32.73 -21.17 -19.17
N LYS B 201 32.26 -22.30 -19.71
CA LYS B 201 33.06 -23.35 -20.40
C LYS B 201 33.88 -24.21 -19.43
N THR B 202 34.64 -23.59 -18.51
CA THR B 202 35.59 -24.24 -17.57
C THR B 202 35.32 -23.74 -16.15
N ILE B 203 35.54 -24.60 -15.14
CA ILE B 203 35.39 -24.23 -13.70
C ILE B 203 36.35 -23.09 -13.37
N GLU B 204 37.52 -23.02 -14.02
CA GLU B 204 38.54 -21.96 -13.76
C GLU B 204 37.93 -20.60 -14.11
N LYS B 205 37.22 -20.53 -15.23
CA LYS B 205 36.62 -19.26 -15.73
C LYS B 205 35.52 -18.83 -14.73
N LEU B 206 34.65 -19.75 -14.31
CA LEU B 206 33.58 -19.42 -13.34
C LEU B 206 34.21 -18.96 -12.03
N ASN B 207 35.19 -19.70 -11.50
CA ASN B 207 35.90 -19.32 -10.25
C ASN B 207 36.50 -17.92 -10.38
N SER B 208 37.06 -17.54 -11.52
CA SER B 208 37.70 -16.20 -11.68
C SER B 208 36.62 -15.12 -11.58
N VAL B 209 35.44 -15.35 -12.17
CA VAL B 209 34.35 -14.33 -12.15
C VAL B 209 33.71 -14.31 -10.76
N TYR B 210 33.35 -15.47 -10.20
CA TYR B 210 32.60 -15.52 -8.92
C TYR B 210 33.48 -15.38 -7.66
N SER B 211 34.81 -15.51 -7.80
CA SER B 211 35.75 -15.74 -6.65
C SER B 211 35.35 -16.99 -5.85
N THR B 212 34.99 -18.10 -6.52
CA THR B 212 34.67 -19.39 -5.85
C THR B 212 35.91 -20.30 -5.89
N ASN B 213 35.81 -21.46 -5.24
CA ASN B 213 36.98 -22.32 -4.91
C ASN B 213 36.64 -23.76 -5.30
N TYR B 214 35.80 -23.89 -6.31
CA TYR B 214 35.33 -25.20 -6.84
C TYR B 214 36.50 -25.90 -7.54
N ASN B 215 36.55 -27.22 -7.44
CA ASN B 215 37.54 -28.07 -8.14
C ASN B 215 36.96 -28.54 -9.49
N SER B 216 35.64 -28.49 -9.64
CA SER B 216 34.95 -28.84 -10.89
C SER B 216 33.49 -28.36 -10.82
N PHE B 217 32.75 -28.45 -11.93
CA PHE B 217 31.31 -28.09 -12.04
C PHE B 217 30.45 -28.99 -11.15
N ASP B 218 30.98 -30.15 -10.79
CA ASP B 218 30.32 -31.11 -9.86
C ASP B 218 30.13 -30.41 -8.50
N ASP B 219 31.05 -29.56 -8.06
CA ASP B 219 30.94 -28.86 -6.74
C ASP B 219 29.76 -27.87 -6.76
N LEU B 220 29.42 -27.28 -7.91
CA LEU B 220 28.44 -26.15 -8.08
C LEU B 220 27.01 -26.58 -7.68
N LYS B 221 26.37 -25.84 -6.75
CA LYS B 221 24.95 -26.06 -6.32
C LYS B 221 24.15 -24.80 -6.67
N ALA B 222 22.87 -24.97 -6.99
CA ALA B 222 21.95 -23.85 -7.31
C ALA B 222 21.92 -22.94 -6.10
N PRO B 223 21.93 -21.60 -6.27
CA PRO B 223 21.91 -20.70 -5.13
C PRO B 223 20.58 -20.81 -4.36
N SER B 224 20.64 -20.57 -3.06
CA SER B 224 19.45 -20.51 -2.17
C SER B 224 19.84 -19.74 -0.91
N GLY B 225 18.86 -19.36 -0.10
CA GLY B 225 19.12 -18.59 1.13
C GLY B 225 19.56 -17.15 0.85
N LYS B 226 19.85 -16.43 1.90
CA LYS B 226 20.22 -15.00 1.81
C LYS B 226 21.60 -14.87 1.19
N ILE B 227 21.83 -13.77 0.45
CA ILE B 227 23.14 -13.41 -0.14
C ILE B 227 23.99 -12.81 0.97
N LYS B 228 25.10 -13.47 1.31
CA LYS B 228 26.02 -13.05 2.39
C LYS B 228 27.35 -12.62 1.78
N LEU B 229 27.70 -13.19 0.63
CA LEU B 229 29.01 -12.97 -0.05
C LEU B 229 28.79 -12.46 -1.47
N ARG B 230 29.77 -11.73 -1.99
CA ARG B 230 29.78 -11.34 -3.42
C ARG B 230 29.68 -12.57 -4.33
N SER B 231 30.22 -13.73 -3.94
CA SER B 231 30.07 -14.95 -4.77
C SER B 231 28.60 -15.45 -4.80
N ASP B 232 27.84 -15.26 -3.72
CA ASP B 232 26.40 -15.60 -3.67
C ASP B 232 25.62 -14.65 -4.61
N TYR B 233 25.96 -13.36 -4.61
CA TYR B 233 25.37 -12.37 -5.54
C TYR B 233 25.57 -12.79 -7.00
N CYS B 234 26.80 -13.11 -7.39
CA CYS B 234 27.13 -13.62 -8.74
C CYS B 234 26.27 -14.83 -9.09
N ALA B 235 26.22 -15.84 -8.21
CA ALA B 235 25.48 -17.10 -8.49
C ALA B 235 23.98 -16.75 -8.70
N TYR B 236 23.43 -15.89 -7.86
CA TYR B 236 21.99 -15.51 -7.98
C TYR B 236 21.77 -14.72 -9.26
N PHE B 237 22.74 -13.90 -9.70
CA PHE B 237 22.56 -13.04 -10.88
C PHE B 237 22.42 -13.98 -12.09
N ASP B 238 23.29 -14.98 -12.17
CA ASP B 238 23.24 -15.95 -13.30
C ASP B 238 21.98 -16.84 -13.20
N PHE B 239 21.47 -17.09 -12.00
CA PHE B 239 20.21 -17.85 -11.79
C PHE B 239 19.04 -17.07 -12.38
N HIS B 240 19.06 -15.74 -12.21
CA HIS B 240 18.04 -14.86 -12.86
C HIS B 240 18.19 -14.96 -14.38
N LEU B 241 19.42 -14.87 -14.92
CA LEU B 241 19.63 -14.97 -16.40
C LEU B 241 19.05 -16.30 -16.89
N PHE B 242 19.34 -17.37 -16.14
CA PHE B 242 18.92 -18.75 -16.47
C PHE B 242 17.38 -18.77 -16.62
N PHE B 243 16.65 -18.23 -15.63
CA PHE B 243 15.17 -18.28 -15.65
C PHE B 243 14.66 -17.55 -16.91
N ARG B 244 15.28 -16.45 -17.35
CA ARG B 244 14.87 -15.75 -18.60
C ARG B 244 15.05 -16.70 -19.79
N GLU B 245 16.16 -17.45 -19.85
CA GLU B 245 16.33 -18.49 -20.92
C GLU B 245 15.28 -19.60 -20.75
N TYR B 246 15.00 -20.00 -19.52
CA TYR B 246 14.09 -21.12 -19.20
C TYR B 246 12.68 -20.79 -19.71
N TYR B 247 12.21 -19.57 -19.48
CA TYR B 247 10.86 -19.11 -19.92
C TYR B 247 10.84 -19.08 -21.45
N ASN B 248 11.96 -18.70 -22.09
CA ASN B 248 12.05 -18.66 -23.58
C ASN B 248 11.96 -20.10 -24.13
N LYS B 249 12.64 -21.02 -23.50
CA LYS B 249 12.56 -22.46 -23.87
C LYS B 249 11.10 -22.97 -23.78
N TYR B 250 10.38 -22.66 -22.69
CA TYR B 250 8.96 -23.06 -22.49
C TYR B 250 8.07 -22.46 -23.60
N ILE B 251 8.08 -21.13 -23.78
CA ILE B 251 7.16 -20.49 -24.76
C ILE B 251 7.52 -20.99 -26.18
N SER B 252 8.80 -21.31 -26.45
CA SER B 252 9.25 -21.80 -27.77
C SER B 252 8.63 -23.18 -28.05
N ILE B 253 8.66 -24.08 -27.07
CA ILE B 253 8.04 -25.43 -27.21
C ILE B 253 6.55 -25.29 -27.51
N LEU B 254 5.83 -24.41 -26.77
CA LEU B 254 4.39 -24.20 -27.07
C LEU B 254 4.21 -23.62 -28.48
N LYS B 255 4.97 -22.58 -28.83
CA LYS B 255 4.84 -21.89 -30.13
C LYS B 255 5.02 -22.91 -31.26
N ASN B 256 6.07 -23.73 -31.21
CA ASN B 256 6.40 -24.68 -32.32
C ASN B 256 5.28 -25.72 -32.43
N LYS B 257 4.74 -26.17 -31.29
CA LYS B 257 3.58 -27.10 -31.30
C LYS B 257 2.36 -26.45 -31.98
N ILE B 258 2.06 -25.20 -31.64
CA ILE B 258 0.91 -24.47 -32.20
C ILE B 258 1.06 -24.32 -33.73
N ARG B 259 2.27 -23.95 -34.17
CA ARG B 259 2.51 -23.67 -35.61
C ARG B 259 2.30 -24.95 -36.44
N SER B 260 2.53 -26.13 -35.86
CA SER B 260 2.36 -27.46 -36.51
C SER B 260 0.91 -27.76 -36.93
N PHE B 261 -0.09 -27.00 -36.48
CA PHE B 261 -1.52 -27.20 -36.81
C PHE B 261 -1.97 -26.25 -37.91
N GLY B 262 -1.03 -25.50 -38.51
CA GLY B 262 -1.30 -24.44 -39.52
C GLY B 262 -1.95 -23.21 -38.91
N ILE B 263 -1.65 -22.93 -37.65
CA ILE B 263 -2.20 -21.73 -36.97
C ILE B 263 -1.24 -20.59 -37.32
N ASN B 264 -1.66 -19.65 -38.16
CA ASN B 264 -0.76 -18.57 -38.67
C ASN B 264 -1.20 -17.20 -38.10
N ILE B 265 -2.20 -17.15 -37.21
CA ILE B 265 -2.68 -15.88 -36.60
C ILE B 265 -1.60 -15.37 -35.64
N LYS B 266 -1.83 -14.17 -35.13
CA LYS B 266 -0.90 -13.44 -34.24
C LYS B 266 -0.90 -14.17 -32.89
N LEU B 267 0.28 -14.42 -32.34
CA LEU B 267 0.45 -15.04 -31.01
C LEU B 267 0.76 -13.94 -30.00
N THR B 268 0.22 -14.07 -28.79
CA THR B 268 0.35 -13.02 -27.74
C THR B 268 0.87 -13.61 -26.43
N HIS B 269 1.39 -12.74 -25.57
CA HIS B 269 1.55 -13.06 -24.14
C HIS B 269 1.15 -11.83 -23.34
N ASN B 270 1.04 -11.98 -22.04
CA ASN B 270 0.48 -10.91 -21.18
C ASN B 270 1.39 -10.68 -19.97
N ILE B 271 1.52 -9.42 -19.56
CA ILE B 271 2.55 -9.00 -18.57
C ILE B 271 1.85 -8.58 -17.28
N PRO B 272 2.13 -9.28 -16.15
CA PRO B 272 1.60 -8.92 -14.85
C PRO B 272 2.45 -7.82 -14.20
N GLY B 273 1.99 -7.29 -13.06
CA GLY B 273 2.86 -6.53 -12.17
C GLY B 273 2.15 -5.43 -11.40
N TRP B 274 0.92 -5.09 -11.76
CA TRP B 274 0.19 -4.12 -10.90
C TRP B 274 -0.20 -4.84 -9.61
N ILE B 275 -0.11 -4.13 -8.49
CA ILE B 275 -0.78 -4.58 -7.24
C ILE B 275 -1.10 -3.35 -6.37
N TYR B 276 -2.28 -3.39 -5.77
CA TYR B 276 -2.87 -2.30 -4.94
C TYR B 276 -2.94 -0.99 -5.74
N GLY B 277 -3.08 -1.04 -7.06
CA GLY B 277 -3.27 0.16 -7.86
C GLY B 277 -2.00 0.90 -8.25
N ASN B 278 -0.81 0.31 -8.06
CA ASN B 278 0.40 0.92 -8.71
C ASN B 278 1.26 -0.20 -9.32
N ALA B 279 2.17 0.22 -10.18
CA ALA B 279 2.82 -0.68 -11.16
C ALA B 279 4.34 -0.56 -11.07
N SER B 280 4.87 -0.03 -9.95
CA SER B 280 6.33 0.14 -9.78
C SER B 280 7.04 -1.23 -9.83
N GLU B 281 6.36 -2.36 -9.65
CA GLU B 281 7.02 -3.69 -9.76
C GLU B 281 6.94 -4.24 -11.19
N LEU B 282 6.07 -3.69 -12.03
CA LEU B 282 5.82 -4.34 -13.34
C LEU B 282 7.10 -4.35 -14.19
N PRO B 283 8.00 -3.33 -14.15
CA PRO B 283 9.25 -3.41 -14.90
C PRO B 283 10.08 -4.65 -14.57
N MET B 284 10.05 -5.08 -13.33
CA MET B 284 10.74 -6.34 -12.92
C MET B 284 10.15 -7.51 -13.71
N LEU B 285 8.83 -7.56 -13.82
CA LEU B 285 8.13 -8.65 -14.54
C LEU B 285 8.43 -8.55 -16.04
N ILE B 286 8.39 -7.35 -16.62
CA ILE B 286 8.80 -7.15 -18.03
C ILE B 286 10.20 -7.75 -18.23
N SER B 287 11.11 -7.52 -17.29
CA SER B 287 12.54 -7.93 -17.39
C SER B 287 12.63 -9.46 -17.46
N THR B 288 11.63 -10.20 -16.95
CA THR B 288 11.72 -11.69 -16.96
C THR B 288 11.48 -12.21 -18.38
N TYR B 289 10.95 -11.38 -19.26
CA TYR B 289 10.65 -11.78 -20.66
C TYR B 289 11.74 -11.29 -21.66
N SER B 290 12.88 -10.82 -21.15
N SER B 290 12.89 -10.83 -21.15
CA SER B 290 13.99 -10.26 -21.99
CA SER B 290 14.01 -10.27 -21.96
C SER B 290 14.35 -11.24 -23.11
C SER B 290 14.39 -11.24 -23.10
N GLU B 291 14.56 -12.52 -22.79
CA GLU B 291 14.98 -13.54 -23.79
C GLU B 291 13.86 -13.89 -24.76
N ILE B 292 12.61 -13.91 -24.30
CA ILE B 292 11.47 -14.16 -25.22
C ILE B 292 11.44 -13.03 -26.22
N MET B 293 11.50 -11.78 -25.75
CA MET B 293 11.33 -10.59 -26.62
C MET B 293 12.47 -10.48 -27.65
N LYS B 294 13.69 -10.85 -27.28
CA LYS B 294 14.85 -10.90 -28.20
C LYS B 294 14.63 -11.98 -29.29
N ASN B 295 14.06 -13.13 -28.95
CA ASN B 295 14.05 -14.32 -29.85
C ASN B 295 12.74 -14.47 -30.63
N HIS B 296 11.68 -13.77 -30.24
CA HIS B 296 10.36 -13.92 -30.90
C HIS B 296 9.83 -12.56 -31.33
N PRO B 297 10.15 -12.10 -32.55
CA PRO B 297 9.61 -10.83 -33.02
C PRO B 297 8.08 -10.98 -33.22
N ASP B 298 7.60 -12.20 -33.43
CA ASP B 298 6.19 -12.47 -33.79
C ASP B 298 5.31 -12.82 -32.58
N ILE B 299 5.81 -12.72 -31.34
CA ILE B 299 4.91 -12.83 -30.17
C ILE B 299 4.70 -11.43 -29.60
N ILE B 300 3.47 -10.94 -29.62
CA ILE B 300 3.18 -9.56 -29.12
C ILE B 300 2.81 -9.66 -27.65
N PHE B 301 3.63 -9.05 -26.80
CA PHE B 301 3.36 -8.90 -25.35
C PHE B 301 2.40 -7.75 -25.17
N GLY B 302 1.32 -7.94 -24.40
CA GLY B 302 0.49 -6.80 -23.96
C GLY B 302 0.49 -6.65 -22.44
N LEU B 303 0.10 -5.49 -21.93
CA LEU B 303 0.12 -5.17 -20.50
C LEU B 303 -1.20 -5.61 -19.83
N ASP B 304 -1.10 -6.05 -18.59
CA ASP B 304 -2.28 -6.29 -17.72
C ASP B 304 -2.38 -5.06 -16.82
N HIS B 305 -3.21 -4.08 -17.16
CA HIS B 305 -3.31 -2.79 -16.42
C HIS B 305 -4.44 -2.88 -15.37
N ILE B 306 -4.10 -2.75 -14.07
CA ILE B 306 -5.07 -2.82 -12.94
C ILE B 306 -4.92 -1.59 -12.06
N PRO B 307 -5.31 -0.38 -12.53
CA PRO B 307 -5.15 0.85 -11.74
C PRO B 307 -6.00 0.93 -10.45
N GLU B 308 -7.19 0.27 -10.42
CA GLU B 308 -8.13 0.25 -9.27
C GLU B 308 -8.81 1.59 -9.02
N PHE B 309 -8.09 2.70 -9.11
CA PHE B 309 -8.62 4.07 -9.02
C PHE B 309 -7.83 4.93 -10.00
N VAL B 310 -8.18 6.21 -10.12
CA VAL B 310 -7.44 7.13 -11.01
C VAL B 310 -7.17 8.47 -10.32
N SER B 311 -5.94 8.67 -9.83
CA SER B 311 -5.59 9.93 -9.16
C SER B 311 -4.10 10.21 -9.26
N PHE B 312 -3.67 11.31 -8.64
CA PHE B 312 -2.24 11.65 -8.61
C PHE B 312 -1.47 10.54 -7.88
N ARG B 313 -2.11 9.80 -6.97
CA ARG B 313 -1.45 8.66 -6.26
C ARG B 313 -0.88 7.64 -7.24
N ASN B 314 -1.51 7.38 -8.40
CA ASN B 314 -1.00 6.36 -9.35
C ASN B 314 -0.92 6.85 -10.81
N ALA B 315 -1.00 8.16 -11.06
CA ALA B 315 -1.10 8.73 -12.43
C ALA B 315 0.10 8.29 -13.27
N HIS B 316 1.25 8.10 -12.65
CA HIS B 316 2.51 7.87 -13.40
C HIS B 316 2.68 6.39 -13.79
N SER B 317 1.93 5.48 -13.17
CA SER B 317 2.18 4.02 -13.33
C SER B 317 1.96 3.61 -14.80
N ASP B 318 0.84 3.96 -15.41
CA ASP B 318 0.51 3.40 -16.75
C ASP B 318 1.46 3.99 -17.81
N LEU B 319 1.82 5.26 -17.73
CA LEU B 319 2.74 5.89 -18.71
C LEU B 319 4.11 5.20 -18.62
N ALA B 320 4.67 5.08 -17.43
CA ALA B 320 5.99 4.43 -17.23
C ALA B 320 5.96 3.01 -17.79
N CYS B 321 4.90 2.24 -17.51
CA CYS B 321 4.77 0.87 -18.08
C CYS B 321 4.70 0.90 -19.63
N ASN B 322 3.85 1.73 -20.19
CA ASN B 322 3.72 1.83 -21.67
C ASN B 322 5.07 2.22 -22.29
N LYS B 323 5.80 3.14 -21.69
CA LYS B 323 7.12 3.57 -22.21
C LYS B 323 8.14 2.45 -22.13
N ILE B 324 8.18 1.70 -21.03
CA ILE B 324 9.14 0.58 -20.87
C ILE B 324 8.77 -0.52 -21.86
N LEU B 325 7.48 -0.78 -22.07
CA LEU B 325 7.13 -1.85 -23.05
C LEU B 325 7.62 -1.44 -24.46
N GLU B 326 7.46 -0.18 -24.84
CA GLU B 326 7.88 0.33 -26.16
C GLU B 326 9.41 0.19 -26.26
N ALA B 327 10.12 0.39 -25.15
CA ALA B 327 11.60 0.27 -25.17
C ALA B 327 12.00 -1.18 -25.49
N MET B 328 11.32 -2.15 -24.93
CA MET B 328 11.73 -3.56 -24.99
C MET B 328 11.07 -4.23 -26.22
N GLN B 329 10.03 -3.63 -26.78
CA GLN B 329 9.20 -4.18 -27.90
C GLN B 329 8.89 -3.07 -28.92
N PRO B 330 9.95 -2.52 -29.58
CA PRO B 330 9.79 -1.34 -30.42
C PRO B 330 9.08 -1.62 -31.75
N GLU B 331 8.92 -2.87 -32.14
CA GLU B 331 8.39 -3.20 -33.49
C GLU B 331 6.93 -3.63 -33.43
N ALA B 332 6.30 -3.58 -32.26
CA ALA B 332 4.88 -3.95 -32.10
C ALA B 332 4.15 -2.78 -31.45
N PRO B 333 2.82 -2.68 -31.63
CA PRO B 333 2.06 -1.67 -30.91
C PRO B 333 2.05 -1.96 -29.40
N VAL B 334 2.04 -0.92 -28.59
CA VAL B 334 1.82 -1.04 -27.12
C VAL B 334 0.31 -1.24 -26.93
N TRP B 335 -0.10 -2.34 -26.31
CA TRP B 335 -1.53 -2.67 -26.12
C TRP B 335 -1.70 -3.32 -24.74
N ALA B 336 -2.92 -3.25 -24.21
CA ALA B 336 -3.32 -3.86 -22.92
C ALA B 336 -4.12 -5.13 -23.20
N ALA B 337 -3.50 -6.27 -22.98
CA ALA B 337 -4.12 -7.61 -23.07
C ALA B 337 -5.22 -7.73 -22.03
N GLU B 338 -5.08 -7.03 -20.88
CA GLU B 338 -6.10 -7.01 -19.82
C GLU B 338 -6.18 -5.58 -19.34
N PHE B 339 -7.30 -4.95 -19.63
CA PHE B 339 -7.45 -3.50 -19.48
C PHE B 339 -8.61 -3.27 -18.53
N GLN B 340 -8.35 -2.80 -17.30
CA GLN B 340 -9.31 -2.95 -16.20
C GLN B 340 -10.71 -2.43 -16.56
N ALA B 341 -11.68 -3.31 -16.43
CA ALA B 341 -13.12 -3.03 -16.53
C ALA B 341 -13.79 -3.76 -15.35
N GLY B 342 -14.45 -3.02 -14.45
CA GLY B 342 -14.91 -3.60 -13.18
C GLY B 342 -13.72 -4.01 -12.33
N THR B 343 -13.96 -4.87 -11.32
CA THR B 343 -12.94 -5.21 -10.31
C THR B 343 -13.02 -6.71 -10.01
N ARG B 344 -11.86 -7.34 -9.88
CA ARG B 344 -11.74 -8.75 -9.46
C ARG B 344 -12.15 -8.89 -7.99
N GLU B 345 -12.15 -7.80 -7.23
CA GLU B 345 -12.31 -7.85 -5.75
C GLU B 345 -13.49 -6.97 -5.34
N HIS B 346 -14.54 -7.56 -4.76
CA HIS B 346 -15.80 -6.88 -4.39
C HIS B 346 -15.52 -5.64 -3.53
N HIS B 347 -14.58 -5.77 -2.59
CA HIS B 347 -14.17 -4.73 -1.61
C HIS B 347 -13.24 -3.66 -2.22
N VAL B 348 -12.83 -3.80 -3.48
CA VAL B 348 -11.90 -2.85 -4.13
C VAL B 348 -12.64 -2.24 -5.32
N LYS B 349 -13.28 -1.10 -5.09
CA LYS B 349 -14.33 -0.62 -6.02
C LYS B 349 -13.65 -0.13 -7.29
N ALA B 350 -14.31 -0.35 -8.42
CA ALA B 350 -13.93 0.20 -9.73
C ALA B 350 -15.06 1.09 -10.23
N TYR B 351 -14.89 2.39 -10.10
CA TYR B 351 -15.93 3.36 -10.52
C TYR B 351 -15.84 3.63 -12.02
N ALA B 352 -17.00 3.61 -12.67
CA ALA B 352 -17.15 3.97 -14.10
C ALA B 352 -16.44 5.30 -14.38
N LYS B 353 -16.64 6.32 -13.53
CA LYS B 353 -16.10 7.68 -13.79
C LYS B 353 -14.59 7.68 -13.59
N ASP B 354 -14.02 6.80 -12.77
CA ASP B 354 -12.53 6.65 -12.68
C ASP B 354 -12.03 5.98 -13.97
N LEU B 355 -12.59 4.82 -14.33
CA LEU B 355 -12.06 4.01 -15.45
C LEU B 355 -12.22 4.79 -16.77
N GLU B 356 -13.29 5.56 -16.93
CA GLU B 356 -13.44 6.38 -18.16
C GLU B 356 -12.23 7.31 -18.33
N THR B 357 -11.81 7.96 -17.26
CA THR B 357 -10.62 8.83 -17.29
C THR B 357 -9.36 7.99 -17.55
N PHE B 358 -9.25 6.82 -16.96
CA PHE B 358 -8.11 5.89 -17.24
C PHE B 358 -8.03 5.56 -18.72
N TYR B 359 -9.17 5.32 -19.35
CA TYR B 359 -9.18 4.90 -20.77
C TYR B 359 -8.65 6.07 -21.62
N ILE B 360 -9.12 7.29 -21.33
CA ILE B 360 -8.65 8.48 -22.08
C ILE B 360 -7.17 8.77 -21.79
N ALA B 361 -6.73 8.72 -20.55
CA ALA B 361 -5.31 8.87 -20.16
C ALA B 361 -4.47 7.85 -20.92
N SER B 362 -4.98 6.63 -21.08
CA SER B 362 -4.23 5.55 -21.76
C SER B 362 -3.98 5.95 -23.23
N LEU B 363 -4.97 6.53 -23.91
CA LEU B 363 -4.78 7.12 -25.25
C LEU B 363 -3.70 8.20 -25.20
N ALA B 364 -3.75 9.12 -24.23
CA ALA B 364 -2.75 10.19 -24.11
C ALA B 364 -1.38 9.52 -23.99
N HIS B 365 -1.32 8.44 -23.23
CA HIS B 365 -0.07 7.74 -22.87
C HIS B 365 0.32 6.66 -23.90
N GLY B 366 -0.20 6.73 -25.12
CA GLY B 366 0.30 5.96 -26.29
C GLY B 366 -0.28 4.57 -26.48
N ILE B 367 -1.35 4.21 -25.82
CA ILE B 367 -1.89 2.84 -25.99
C ILE B 367 -2.53 2.75 -27.39
N LYS B 368 -2.39 1.61 -28.05
CA LYS B 368 -2.82 1.42 -29.45
C LYS B 368 -3.96 0.39 -29.55
N GLY B 369 -4.33 -0.26 -28.47
CA GLY B 369 -5.38 -1.29 -28.48
C GLY B 369 -5.54 -1.82 -27.07
N PHE B 370 -6.70 -2.37 -26.77
CA PHE B 370 -6.96 -2.92 -25.44
C PHE B 370 -8.12 -3.90 -25.43
N ASN B 371 -8.09 -4.72 -24.38
CA ASN B 371 -9.12 -5.74 -24.13
C ASN B 371 -9.72 -5.49 -22.76
N TYR B 372 -10.95 -4.97 -22.71
CA TYR B 372 -11.63 -4.65 -21.44
C TYR B 372 -11.75 -5.94 -20.65
N TYR B 373 -11.16 -5.96 -19.48
CA TYR B 373 -11.06 -7.18 -18.64
C TYR B 373 -11.55 -6.80 -17.25
N MET B 374 -12.81 -7.13 -16.87
CA MET B 374 -13.80 -7.95 -17.58
C MET B 374 -14.90 -7.10 -18.17
N PHE B 375 -15.19 -7.25 -19.45
CA PHE B 375 -16.38 -6.58 -20.04
C PHE B 375 -17.65 -7.18 -19.42
N SER B 376 -17.73 -8.51 -19.43
CA SER B 376 -18.85 -9.29 -18.86
C SER B 376 -18.39 -9.99 -17.58
N GLN B 377 -19.16 -9.84 -16.52
CA GLN B 377 -19.07 -10.63 -15.27
C GLN B 377 -19.33 -12.10 -15.61
N GLY B 378 -18.80 -12.99 -14.77
CA GLY B 378 -19.10 -14.42 -14.86
C GLY B 378 -19.66 -15.02 -13.58
N ILE B 379 -20.34 -16.17 -13.70
CA ILE B 379 -20.70 -17.03 -12.54
C ILE B 379 -19.93 -18.31 -12.73
N ASN B 380 -19.14 -18.68 -11.73
CA ASN B 380 -18.32 -19.92 -11.74
C ASN B 380 -19.27 -21.10 -11.77
N PRO B 381 -19.16 -21.99 -12.77
CA PRO B 381 -19.97 -23.21 -12.78
C PRO B 381 -19.51 -24.08 -11.61
N GLU B 382 -20.48 -24.80 -11.02
CA GLU B 382 -20.25 -25.96 -10.12
C GLU B 382 -18.98 -25.81 -9.29
N GLY B 383 -18.88 -24.75 -8.50
CA GLY B 383 -17.75 -24.44 -7.59
C GLY B 383 -16.36 -24.48 -8.24
N LYS B 384 -16.26 -24.24 -9.57
CA LYS B 384 -14.97 -24.24 -10.29
C LYS B 384 -14.22 -22.92 -9.99
N GLY B 385 -14.80 -22.01 -9.21
CA GLY B 385 -14.11 -20.77 -8.81
C GLY B 385 -13.18 -21.03 -7.65
N PHE B 386 -11.96 -20.49 -7.66
CA PHE B 386 -11.03 -20.52 -6.50
C PHE B 386 -11.73 -19.80 -5.32
N TYR B 387 -12.45 -18.71 -5.58
CA TYR B 387 -13.05 -17.83 -4.54
C TYR B 387 -14.57 -18.09 -4.50
N GLY B 388 -15.39 -17.07 -4.37
CA GLY B 388 -16.86 -17.25 -4.37
C GLY B 388 -17.48 -17.68 -5.72
N LYS B 389 -18.79 -17.59 -5.78
CA LYS B 389 -19.61 -17.93 -6.96
C LYS B 389 -19.37 -16.94 -8.10
N THR B 390 -19.13 -15.66 -7.79
CA THR B 390 -19.15 -14.59 -8.82
C THR B 390 -17.72 -14.25 -9.27
N PHE B 391 -17.54 -13.95 -10.57
CA PHE B 391 -16.24 -13.60 -11.18
C PHE B 391 -16.36 -12.18 -11.71
N TYR B 392 -15.72 -11.25 -10.99
CA TYR B 392 -15.69 -9.78 -11.23
C TYR B 392 -17.02 -9.12 -10.82
N PHE B 393 -16.94 -7.80 -10.59
CA PHE B 393 -18.03 -6.90 -10.12
C PHE B 393 -17.87 -5.57 -10.86
N GLN B 394 -18.98 -4.81 -10.98
CA GLN B 394 -18.96 -3.44 -11.55
C GLN B 394 -18.40 -3.44 -12.99
N THR B 395 -18.68 -4.51 -13.73
CA THR B 395 -18.27 -4.72 -15.14
C THR B 395 -19.16 -3.87 -16.06
N ALA B 396 -19.02 -4.00 -17.38
CA ALA B 396 -19.93 -3.35 -18.36
C ALA B 396 -21.29 -4.06 -18.32
N LEU B 397 -21.27 -5.38 -18.27
CA LEU B 397 -22.48 -6.24 -18.20
C LEU B 397 -22.35 -7.16 -17.00
N ASP B 398 -23.46 -7.46 -16.29
CA ASP B 398 -23.36 -8.54 -15.26
C ASP B 398 -23.46 -9.87 -15.99
N ALA B 399 -23.36 -10.98 -15.25
CA ALA B 399 -23.29 -12.34 -15.84
C ALA B 399 -24.57 -12.61 -16.63
N ALA B 400 -25.69 -11.99 -16.23
CA ALA B 400 -26.98 -12.16 -16.94
C ALA B 400 -27.14 -11.21 -18.14
N SER B 401 -26.09 -10.44 -18.46
CA SER B 401 -26.02 -9.43 -19.56
C SER B 401 -26.82 -8.17 -19.23
N ASN B 402 -27.21 -7.94 -17.95
CA ASN B 402 -27.72 -6.61 -17.53
C ASN B 402 -26.64 -5.56 -17.76
N LYS B 403 -26.97 -4.48 -18.44
CA LYS B 403 -26.08 -3.30 -18.55
C LYS B 403 -25.85 -2.68 -17.16
N LEU B 404 -24.59 -2.37 -16.85
CA LEU B 404 -24.22 -1.66 -15.60
C LEU B 404 -23.64 -0.30 -15.98
N ALA B 405 -23.30 0.52 -14.98
CA ALA B 405 -22.86 1.93 -15.16
C ALA B 405 -21.68 2.00 -16.16
N LEU B 406 -20.76 1.03 -16.14
CA LEU B 406 -19.53 1.15 -16.98
C LEU B 406 -19.91 1.06 -18.47
N TYR B 407 -21.02 0.39 -18.81
CA TYR B 407 -21.41 0.17 -20.23
C TYR B 407 -21.40 1.49 -21.02
N ASP B 408 -22.09 2.50 -20.52
CA ASP B 408 -22.21 3.81 -21.23
C ASP B 408 -20.86 4.53 -21.30
N SER B 409 -19.98 4.38 -20.31
CA SER B 409 -18.62 4.97 -20.36
C SER B 409 -17.81 4.34 -21.50
N ILE B 410 -17.87 3.02 -21.64
CA ILE B 410 -17.09 2.30 -22.67
C ILE B 410 -17.66 2.67 -24.05
N LYS B 411 -18.99 2.75 -24.20
CA LYS B 411 -19.61 3.13 -25.49
C LYS B 411 -19.13 4.55 -25.87
N LYS B 412 -19.09 5.48 -24.92
CA LYS B 412 -18.63 6.87 -25.14
C LYS B 412 -17.17 6.90 -25.63
N VAL B 413 -16.27 6.26 -24.88
CA VAL B 413 -14.81 6.25 -25.18
C VAL B 413 -14.60 5.57 -26.54
N ASN B 414 -15.29 4.46 -26.78
CA ASN B 414 -15.18 3.72 -28.06
C ASN B 414 -15.65 4.60 -29.23
N ARG B 415 -16.71 5.40 -29.03
CA ARG B 415 -17.21 6.29 -30.11
C ARG B 415 -16.12 7.31 -30.51
N PHE B 416 -15.48 7.90 -29.50
CA PHE B 416 -14.35 8.83 -29.73
C PHE B 416 -13.20 8.13 -30.47
N ILE B 417 -12.79 6.94 -30.01
CA ILE B 417 -11.66 6.19 -30.60
C ILE B 417 -11.98 5.92 -32.07
N ARG B 418 -13.18 5.44 -32.37
CA ARG B 418 -13.51 5.09 -33.78
C ARG B 418 -13.49 6.34 -34.64
N LYS B 419 -13.96 7.46 -34.12
CA LYS B 419 -14.00 8.76 -34.85
C LYS B 419 -12.55 9.18 -35.14
N GLU B 420 -11.61 8.94 -34.22
CA GLU B 420 -10.26 9.57 -34.32
C GLU B 420 -9.16 8.58 -34.74
N GLN B 421 -9.42 7.27 -34.81
CA GLN B 421 -8.34 6.27 -34.83
C GLN B 421 -7.38 6.48 -36.01
N LYS B 422 -7.87 6.85 -37.20
CA LYS B 422 -7.03 6.94 -38.42
C LYS B 422 -5.89 7.93 -38.17
N ASP B 423 -6.19 9.05 -37.52
CA ASP B 423 -5.18 10.10 -37.25
C ASP B 423 -4.49 9.84 -35.90
N LEU B 424 -5.27 9.62 -34.85
CA LEU B 424 -4.73 9.39 -33.46
C LEU B 424 -3.67 8.29 -33.48
N LEU B 425 -3.88 7.15 -34.14
CA LEU B 425 -2.92 6.03 -34.07
C LEU B 425 -1.56 6.40 -34.70
N ARG B 426 -1.56 7.37 -35.60
CA ARG B 426 -0.36 7.81 -36.34
C ARG B 426 0.32 8.99 -35.62
N THR B 427 -0.04 9.30 -34.38
CA THR B 427 0.56 10.45 -33.64
C THR B 427 1.60 9.94 -32.64
N ASN B 428 2.63 10.76 -32.40
CA ASN B 428 3.65 10.45 -31.38
C ASN B 428 3.82 11.73 -30.56
N VAL B 429 4.49 11.60 -29.43
CA VAL B 429 4.88 12.79 -28.66
C VAL B 429 6.32 13.13 -29.08
N ASN B 430 6.69 14.40 -28.96
CA ASN B 430 8.05 14.87 -29.32
C ASN B 430 8.90 14.80 -28.04
N SER B 431 9.60 13.69 -27.81
CA SER B 431 10.49 13.54 -26.63
C SER B 431 11.90 14.04 -26.96
N GLU B 432 12.40 15.01 -26.19
CA GLU B 432 13.81 15.46 -26.26
C GLU B 432 14.62 14.85 -25.12
N ILE B 433 13.94 14.14 -24.20
CA ILE B 433 14.55 13.45 -23.04
C ILE B 433 14.49 11.94 -23.27
N CYS B 434 15.61 11.27 -23.06
CA CYS B 434 15.70 9.81 -23.10
C CYS B 434 16.13 9.30 -21.73
N VAL B 435 15.43 8.27 -21.23
CA VAL B 435 15.75 7.70 -19.90
C VAL B 435 16.24 6.27 -20.13
N GLY B 436 17.43 5.95 -19.60
CA GLY B 436 18.01 4.62 -19.77
C GLY B 436 17.33 3.55 -18.94
N PHE B 437 17.04 2.41 -19.55
CA PHE B 437 16.54 1.16 -18.90
C PHE B 437 17.69 0.16 -18.86
N TYR B 438 18.25 -0.04 -17.67
CA TYR B 438 19.39 -0.97 -17.45
C TYR B 438 18.84 -2.24 -16.83
N LYS B 439 18.58 -3.25 -17.63
CA LYS B 439 17.81 -4.46 -17.22
C LYS B 439 18.43 -5.17 -16.03
N PRO B 440 19.77 -5.29 -15.89
CA PRO B 440 20.31 -6.01 -14.75
C PRO B 440 19.88 -5.51 -13.37
N TYR B 441 19.52 -4.23 -13.24
CA TYR B 441 19.03 -3.67 -11.96
C TYR B 441 17.66 -4.30 -11.62
N PHE B 442 16.97 -4.85 -12.61
CA PHE B 442 15.59 -5.35 -12.49
C PHE B 442 15.56 -6.86 -12.26
N PHE B 443 16.70 -7.53 -12.36
CA PHE B 443 16.78 -8.99 -12.33
C PHE B 443 16.86 -9.47 -10.87
N THR B 444 15.79 -9.29 -10.08
CA THR B 444 15.83 -9.57 -8.63
C THR B 444 14.58 -10.31 -8.15
N GLU B 445 13.71 -10.88 -9.00
CA GLU B 445 12.40 -11.43 -8.53
C GLU B 445 12.62 -12.55 -7.51
N LEU B 446 13.78 -13.18 -7.47
CA LEU B 446 14.07 -14.28 -6.49
C LEU B 446 14.69 -13.77 -5.21
N ILE B 447 15.09 -12.49 -5.14
CA ILE B 447 15.91 -12.02 -3.98
C ILE B 447 15.43 -10.70 -3.40
N SER B 448 14.78 -9.86 -4.19
CA SER B 448 14.32 -8.54 -3.71
C SER B 448 13.11 -8.06 -4.52
N SER B 449 11.95 -7.99 -3.89
CA SER B 449 10.69 -7.53 -4.52
C SER B 449 9.74 -7.00 -3.47
N GLN B 450 8.72 -6.28 -3.94
CA GLN B 450 7.57 -5.83 -3.11
C GLN B 450 6.78 -7.02 -2.55
N LEU B 451 6.78 -8.15 -3.25
CA LEU B 451 6.00 -9.36 -2.87
C LEU B 451 6.82 -10.28 -1.97
N LEU B 452 8.14 -10.27 -2.11
CA LEU B 452 9.04 -11.19 -1.37
C LEU B 452 9.09 -10.67 0.07
N LYS B 453 8.56 -11.45 1.01
CA LYS B 453 8.49 -11.10 2.46
C LYS B 453 9.91 -10.95 3.03
N GLU B 454 10.73 -11.98 2.93
CA GLU B 454 12.10 -11.95 3.50
C GLU B 454 13.09 -11.66 2.36
N LYS B 455 13.67 -10.45 2.39
CA LYS B 455 14.73 -9.92 1.48
C LYS B 455 15.96 -10.82 1.53
N LYS B 456 16.38 -11.34 0.39
CA LYS B 456 17.61 -12.16 0.31
C LYS B 456 18.78 -11.25 -0.09
N LEU B 457 18.53 -10.06 -0.65
CA LEU B 457 19.60 -9.11 -1.07
C LEU B 457 19.73 -7.98 -0.03
N ASN B 458 20.92 -7.82 0.55
CA ASN B 458 21.26 -6.76 1.53
C ASN B 458 22.60 -6.19 1.08
N VAL B 459 22.57 -5.11 0.32
CA VAL B 459 23.80 -4.69 -0.40
C VAL B 459 24.86 -4.25 0.61
N GLU B 460 24.50 -3.86 1.82
CA GLU B 460 25.51 -3.37 2.81
C GLU B 460 26.43 -4.54 3.18
N GLU B 461 25.93 -5.77 3.13
CA GLU B 461 26.76 -6.97 3.45
C GLU B 461 27.78 -7.19 2.34
N LEU B 462 27.57 -6.63 1.14
CA LEU B 462 28.46 -6.76 -0.02
C LEU B 462 29.42 -5.56 -0.15
N GLY B 463 29.43 -4.64 0.81
CA GLY B 463 30.27 -3.43 0.72
C GLY B 463 29.70 -2.42 -0.27
N LEU B 464 28.40 -2.45 -0.51
CA LEU B 464 27.66 -1.51 -1.40
C LEU B 464 26.69 -0.70 -0.55
N TYR B 465 26.18 0.41 -1.06
CA TYR B 465 25.14 1.20 -0.36
C TYR B 465 23.95 1.52 -1.26
N ILE B 466 24.05 1.32 -2.59
CA ILE B 466 22.90 1.65 -3.49
C ILE B 466 22.23 0.32 -3.89
N ASP B 467 21.03 0.09 -3.36
CA ASP B 467 20.26 -1.13 -3.65
C ASP B 467 19.57 -0.95 -5.00
N PRO B 468 19.70 -1.88 -5.95
CA PRO B 468 19.14 -1.69 -7.29
C PRO B 468 17.61 -1.59 -7.29
N ARG B 469 16.93 -2.27 -6.37
CA ARG B 469 15.43 -2.17 -6.34
C ARG B 469 15.04 -0.79 -5.80
N PHE B 470 15.70 -0.30 -4.76
CA PHE B 470 15.42 1.06 -4.21
C PHE B 470 15.62 2.07 -5.35
N LEU B 471 16.75 1.94 -6.05
CA LEU B 471 17.10 2.83 -7.20
C LEU B 471 15.94 2.80 -8.23
N ARG B 472 15.58 1.61 -8.70
CA ARG B 472 14.67 1.49 -9.87
C ARG B 472 13.21 1.84 -9.46
N GLU B 473 12.82 1.69 -8.19
CA GLU B 473 11.43 2.01 -7.71
C GLU B 473 11.33 3.46 -7.25
N GLU B 474 12.25 3.92 -6.41
CA GLU B 474 12.10 5.24 -5.75
C GLU B 474 12.83 6.32 -6.56
N ILE B 475 14.01 6.03 -7.12
CA ILE B 475 14.79 7.11 -7.77
C ILE B 475 14.30 7.23 -9.21
N LEU B 476 14.04 6.11 -9.86
CA LEU B 476 13.58 6.08 -11.28
C LEU B 476 12.05 6.13 -11.34
N PHE B 477 11.35 5.05 -10.97
CA PHE B 477 9.90 4.91 -11.33
C PHE B 477 9.05 5.98 -10.61
N ASN B 478 9.17 6.09 -9.29
CA ASN B 478 8.34 7.03 -8.48
C ASN B 478 9.02 8.39 -8.35
N GLY B 479 10.25 8.53 -8.87
CA GLY B 479 11.02 9.78 -8.75
C GLY B 479 11.11 10.48 -10.09
N LEU B 480 12.10 10.12 -10.91
CA LEU B 480 12.35 10.80 -12.21
C LEU B 480 11.13 10.69 -13.13
N LEU B 481 10.61 9.50 -13.36
CA LEU B 481 9.50 9.34 -14.35
C LEU B 481 8.26 10.05 -13.81
N ARG B 482 7.93 9.89 -12.54
CA ARG B 482 6.78 10.62 -11.94
C ARG B 482 7.00 12.13 -12.08
N GLY B 483 8.22 12.59 -11.81
CA GLY B 483 8.51 14.02 -11.84
C GLY B 483 8.37 14.59 -13.25
N LEU B 484 8.94 13.91 -14.25
CA LEU B 484 8.89 14.38 -15.66
C LEU B 484 7.40 14.45 -16.06
N GLN B 485 6.61 13.43 -15.72
CA GLN B 485 5.17 13.41 -16.10
C GLN B 485 4.41 14.54 -15.41
N THR B 486 4.69 14.77 -14.13
CA THR B 486 4.01 15.83 -13.35
C THR B 486 4.35 17.20 -13.96
N LEU B 487 5.61 17.39 -14.41
CA LEU B 487 6.12 18.67 -14.97
C LEU B 487 5.70 18.81 -16.45
N ASN B 488 5.12 17.78 -17.04
CA ASN B 488 4.63 17.76 -18.45
C ASN B 488 5.81 17.85 -19.41
N TYR B 489 6.90 17.14 -19.10
CA TYR B 489 8.00 16.94 -20.06
C TYR B 489 7.89 15.54 -20.63
N ASN B 490 7.81 15.44 -21.94
CA ASN B 490 7.87 14.15 -22.64
C ASN B 490 9.21 13.44 -22.38
N TYR B 491 9.18 12.14 -22.18
CA TYR B 491 10.39 11.30 -22.19
C TYR B 491 10.13 10.06 -23.03
N ASP B 492 11.21 9.48 -23.54
CA ASP B 492 11.18 8.12 -24.08
C ASP B 492 12.09 7.27 -23.19
N VAL B 493 11.85 5.95 -23.15
CA VAL B 493 12.79 5.02 -22.49
C VAL B 493 13.53 4.27 -23.60
N VAL B 494 14.80 3.96 -23.37
CA VAL B 494 15.61 3.10 -24.29
C VAL B 494 16.26 1.96 -23.51
N ASP B 495 16.16 0.73 -24.03
CA ASP B 495 16.84 -0.47 -23.50
C ASP B 495 18.34 -0.31 -23.80
N LEU B 496 19.16 -0.22 -22.77
CA LEU B 496 20.61 0.06 -23.01
C LEU B 496 21.30 -1.18 -23.60
N GLU B 497 20.71 -2.38 -23.47
CA GLU B 497 21.32 -3.63 -23.98
C GLU B 497 21.43 -3.61 -25.52
N ASN B 498 22.65 -3.76 -26.06
CA ASN B 498 22.90 -3.82 -27.53
C ASN B 498 22.34 -2.55 -28.19
N CYS B 499 22.34 -1.42 -27.47
CA CYS B 499 21.69 -0.15 -27.87
C CYS B 499 22.53 0.53 -28.95
N ASP B 500 21.90 0.98 -30.02
CA ASP B 500 22.54 1.67 -31.18
C ASP B 500 22.85 3.12 -30.76
N LEU B 501 24.12 3.54 -30.82
CA LEU B 501 24.50 4.96 -30.57
C LEU B 501 23.66 5.92 -31.41
N LYS B 502 23.38 5.59 -32.66
CA LYS B 502 22.64 6.50 -33.58
C LYS B 502 21.22 6.71 -33.04
N SER B 503 20.62 5.76 -32.33
CA SER B 503 19.27 5.97 -31.75
C SER B 503 19.33 7.04 -30.64
N LEU B 504 20.42 7.12 -29.85
CA LEU B 504 20.53 8.08 -28.72
C LEU B 504 20.76 9.53 -29.20
N THR B 505 21.26 9.79 -30.41
CA THR B 505 21.69 11.16 -30.85
C THR B 505 20.49 12.03 -31.22
N ALA B 506 19.30 11.48 -31.44
CA ALA B 506 18.09 12.30 -31.66
C ALA B 506 17.80 13.16 -30.40
N TYR B 507 18.14 12.69 -29.19
CA TYR B 507 17.72 13.33 -27.91
C TYR B 507 18.68 14.44 -27.49
N LYS B 508 18.17 15.46 -26.82
CA LYS B 508 18.98 16.55 -26.24
C LYS B 508 19.57 16.13 -24.90
N GLN B 509 18.97 15.18 -24.18
CA GLN B 509 19.55 14.67 -22.92
C GLN B 509 19.25 13.19 -22.77
N LEU B 510 20.21 12.48 -22.22
CA LEU B 510 20.06 11.08 -21.79
C LEU B 510 20.24 11.05 -20.27
N TRP B 511 19.25 10.53 -19.56
CA TRP B 511 19.26 10.40 -18.08
C TRP B 511 19.56 8.96 -17.71
N ILE B 512 20.60 8.76 -16.90
CA ILE B 512 21.01 7.40 -16.45
C ILE B 512 20.96 7.41 -14.92
N THR B 513 20.07 6.62 -14.35
CA THR B 513 20.02 6.32 -12.89
C THR B 513 20.93 5.10 -12.69
N SER B 514 22.06 5.32 -12.03
CA SER B 514 23.17 4.35 -11.92
C SER B 514 23.38 3.93 -10.45
N ALA B 515 23.59 2.63 -10.25
CA ALA B 515 24.12 2.10 -8.98
C ALA B 515 25.64 2.04 -9.07
N GLU B 516 26.28 1.28 -8.18
CA GLU B 516 27.76 1.27 -8.15
C GLU B 516 28.28 0.28 -9.21
N PHE B 517 27.38 -0.45 -9.88
CA PHE B 517 27.73 -1.55 -10.81
C PHE B 517 27.05 -1.30 -12.16
N MET B 518 27.76 -1.60 -13.23
CA MET B 518 27.28 -1.37 -14.62
C MET B 518 28.24 -2.11 -15.56
N ASP B 519 27.72 -2.90 -16.49
CA ASP B 519 28.61 -3.74 -17.34
C ASP B 519 29.47 -2.90 -18.30
N ALA B 520 30.59 -3.49 -18.75
CA ALA B 520 31.58 -2.78 -19.61
C ALA B 520 30.91 -2.25 -20.88
N GLU B 521 29.98 -3.04 -21.46
CA GLU B 521 29.30 -2.67 -22.74
C GLU B 521 28.51 -1.35 -22.52
N THR B 522 27.82 -1.24 -21.39
CA THR B 522 27.00 -0.03 -21.11
C THR B 522 27.93 1.12 -20.71
N GLN B 523 29.02 0.87 -19.98
CA GLN B 523 29.96 1.95 -19.62
C GLN B 523 30.62 2.48 -20.90
N ASN B 524 30.96 1.60 -21.84
CA ASN B 524 31.52 2.00 -23.15
C ASN B 524 30.48 2.78 -23.96
N LEU B 525 29.22 2.33 -23.99
CA LEU B 525 28.17 3.01 -24.78
C LEU B 525 28.04 4.44 -24.25
N LEU B 526 27.97 4.62 -22.93
CA LEU B 526 27.73 5.98 -22.39
C LEU B 526 28.98 6.85 -22.65
N SER B 527 30.18 6.26 -22.58
CA SER B 527 31.46 6.96 -22.89
C SER B 527 31.40 7.52 -24.31
N GLU B 528 31.07 6.68 -25.28
CA GLU B 528 31.00 7.06 -26.72
C GLU B 528 29.90 8.12 -26.91
N PHE B 529 28.76 7.94 -26.26
CA PHE B 529 27.62 8.91 -26.37
C PHE B 529 28.07 10.35 -26.05
N VAL B 530 28.78 10.55 -24.94
CA VAL B 530 29.21 11.90 -24.52
C VAL B 530 30.33 12.39 -25.46
N LEU B 531 31.34 11.55 -25.73
CA LEU B 531 32.52 12.00 -26.51
C LEU B 531 32.05 12.44 -27.89
N ASN B 532 31.01 11.81 -28.43
CA ASN B 532 30.46 12.12 -29.79
C ASN B 532 29.56 13.36 -29.80
N GLY B 533 29.19 13.97 -28.67
CA GLY B 533 28.34 15.17 -28.64
C GLY B 533 27.11 15.06 -27.75
N GLY B 534 26.86 13.96 -27.05
CA GLY B 534 25.65 13.80 -26.23
C GLY B 534 25.78 14.48 -24.87
N ASN B 535 24.63 14.81 -24.27
CA ASN B 535 24.48 15.47 -22.95
C ASN B 535 23.92 14.42 -22.00
N LEU B 536 24.76 14.01 -21.05
CA LEU B 536 24.49 12.90 -20.11
C LEU B 536 24.24 13.48 -18.74
N ILE B 537 23.14 13.04 -18.14
CA ILE B 537 22.81 13.32 -16.72
C ILE B 537 22.91 11.98 -16.00
N LEU B 538 23.82 11.86 -15.02
CA LEU B 538 24.14 10.58 -14.37
C LEU B 538 24.17 10.76 -12.85
N TYR B 539 23.37 9.95 -12.15
CA TYR B 539 23.25 9.99 -10.68
C TYR B 539 22.61 8.68 -10.24
N PRO B 540 22.66 8.29 -8.96
CA PRO B 540 23.46 8.94 -7.90
C PRO B 540 24.92 8.53 -7.78
N ALA B 541 25.39 7.65 -8.66
CA ALA B 541 26.78 7.15 -8.58
C ALA B 541 27.42 7.01 -9.97
N VAL B 542 28.69 7.42 -10.07
CA VAL B 542 29.57 6.86 -11.12
C VAL B 542 29.82 5.41 -10.75
N PRO B 543 29.52 4.43 -11.63
CA PRO B 543 29.73 3.03 -11.29
C PRO B 543 31.23 2.70 -11.35
N THR B 544 31.66 1.74 -10.56
CA THR B 544 33.10 1.31 -10.50
C THR B 544 33.21 -0.22 -10.53
N LEU B 545 32.09 -0.95 -10.66
CA LEU B 545 32.03 -2.42 -10.71
C LEU B 545 31.18 -2.85 -11.92
N ASP B 546 31.36 -4.11 -12.35
CA ASP B 546 30.56 -4.75 -13.41
C ASP B 546 29.43 -5.54 -12.75
N ASN B 547 28.66 -6.29 -13.54
CA ASN B 547 27.45 -6.98 -13.02
C ASN B 547 27.82 -8.08 -12.02
N TYR B 548 29.10 -8.51 -11.95
CA TYR B 548 29.57 -9.59 -11.05
C TYR B 548 30.31 -8.94 -9.89
N LEU B 549 30.25 -7.61 -9.83
CA LEU B 549 30.86 -6.78 -8.77
C LEU B 549 32.38 -6.89 -8.81
N ASN B 550 32.95 -7.09 -9.98
CA ASN B 550 34.42 -7.04 -10.23
C ASN B 550 34.77 -5.65 -10.76
N ARG B 551 36.00 -5.18 -10.54
CA ARG B 551 36.39 -3.78 -10.90
C ARG B 551 36.04 -3.49 -12.36
N CYS B 552 35.34 -2.38 -12.61
CA CYS B 552 35.14 -1.85 -13.99
C CYS B 552 34.94 -0.34 -13.92
N GLU B 553 35.94 0.42 -14.36
CA GLU B 553 35.99 1.88 -14.14
C GLU B 553 36.17 2.56 -15.49
N ILE B 554 35.64 1.96 -16.57
CA ILE B 554 35.73 2.51 -17.95
C ILE B 554 35.12 3.90 -18.03
N LEU B 555 33.88 4.08 -17.57
CA LEU B 555 33.22 5.41 -17.66
C LEU B 555 33.97 6.44 -16.79
N LYS B 556 34.30 6.09 -15.57
CA LYS B 556 35.06 6.92 -14.58
C LYS B 556 36.34 7.41 -15.24
N ASN B 557 37.13 6.49 -15.83
CA ASN B 557 38.47 6.82 -16.38
C ASN B 557 38.31 7.64 -17.66
N ASN B 558 37.39 7.27 -18.55
CA ASN B 558 37.15 7.95 -19.85
C ASN B 558 36.71 9.39 -19.61
N PHE B 559 36.04 9.68 -18.50
CA PHE B 559 35.52 11.02 -18.12
C PHE B 559 36.49 11.75 -17.17
N GLY B 560 37.64 11.19 -16.81
CA GLY B 560 38.59 11.93 -15.96
C GLY B 560 38.02 12.24 -14.59
N ILE B 561 37.17 11.37 -14.05
CA ILE B 561 36.51 11.50 -12.75
C ILE B 561 37.36 10.85 -11.66
N GLU B 562 37.51 11.59 -10.56
CA GLU B 562 37.98 11.08 -9.27
C GLU B 562 36.98 11.44 -8.18
N PHE B 563 36.80 10.55 -7.23
CA PHE B 563 35.88 10.80 -6.09
C PHE B 563 36.29 9.94 -4.90
N ILE B 564 35.87 10.40 -3.72
CA ILE B 564 35.89 9.65 -2.44
C ILE B 564 34.43 9.56 -1.99
N THR B 565 34.02 8.42 -1.46
CA THR B 565 32.67 8.27 -0.84
C THR B 565 32.76 8.69 0.63
N LYS B 566 32.00 9.69 1.04
CA LYS B 566 32.04 10.25 2.41
C LYS B 566 30.62 10.45 2.92
N ASP B 567 30.45 10.30 4.22
CA ASP B 567 29.16 10.49 4.95
C ASP B 567 28.91 11.97 5.23
N SER B 568 27.68 12.44 5.06
CA SER B 568 27.26 13.84 5.36
C SER B 568 25.77 13.85 5.66
N SER B 569 25.25 14.99 6.08
CA SER B 569 23.80 15.26 6.21
C SER B 569 23.11 14.77 4.93
N HIS B 570 21.86 14.31 5.07
CA HIS B 570 20.98 13.94 3.93
C HIS B 570 20.70 15.14 3.00
N LYS B 571 20.67 16.37 3.49
CA LYS B 571 20.32 17.56 2.69
C LYS B 571 21.57 18.07 1.96
N VAL B 572 21.43 18.41 0.69
CA VAL B 572 22.46 19.12 -0.11
C VAL B 572 21.87 20.37 -0.74
N SER B 573 22.73 21.21 -1.30
CA SER B 573 22.27 22.28 -2.23
C SER B 573 22.72 21.87 -3.63
N ALA B 574 21.92 22.20 -4.66
CA ALA B 574 22.19 21.86 -6.07
C ALA B 574 21.61 22.94 -6.97
N PHE B 575 22.46 23.54 -7.81
CA PHE B 575 22.07 24.60 -8.77
C PHE B 575 21.37 25.73 -8.01
N GLY B 576 21.83 25.98 -6.78
CA GLY B 576 21.32 27.06 -5.90
C GLY B 576 20.00 26.73 -5.26
N ILE B 577 19.49 25.51 -5.43
CA ILE B 577 18.33 25.01 -4.62
C ILE B 577 18.85 24.57 -3.27
N GLU B 578 18.42 25.20 -2.18
CA GLU B 578 18.81 24.79 -0.82
C GLU B 578 17.88 23.66 -0.33
N ASP B 579 18.39 22.84 0.57
CA ASP B 579 17.58 21.86 1.34
C ASP B 579 16.98 20.82 0.40
N VAL B 580 17.81 20.26 -0.47
CA VAL B 580 17.40 19.10 -1.31
C VAL B 580 17.65 17.82 -0.51
N PHE B 581 16.59 17.12 -0.10
CA PHE B 581 16.72 15.90 0.74
C PHE B 581 17.17 14.74 -0.15
N THR B 582 18.25 14.06 0.24
CA THR B 582 18.81 12.93 -0.52
C THR B 582 18.73 11.66 0.32
N ALA B 583 18.70 10.50 -0.34
CA ALA B 583 18.35 9.21 0.25
C ALA B 583 19.46 8.73 1.19
N PHE B 584 20.73 9.04 0.92
CA PHE B 584 21.89 8.40 1.62
C PHE B 584 22.75 9.45 2.32
N SER B 585 23.24 9.06 3.50
CA SER B 585 24.38 9.76 4.14
C SER B 585 25.64 9.69 3.26
N LYS B 586 25.98 8.53 2.70
CA LYS B 586 27.17 8.35 1.81
C LYS B 586 26.90 9.10 0.49
N LYS B 587 27.87 9.88 0.05
CA LYS B 587 27.79 10.59 -1.24
C LYS B 587 29.15 10.52 -1.94
N GLN B 588 29.15 10.68 -3.26
CA GLN B 588 30.41 10.82 -4.03
C GLN B 588 30.84 12.29 -3.98
N ILE B 589 32.04 12.55 -3.46
CA ILE B 589 32.69 13.88 -3.44
C ILE B 589 33.75 13.93 -4.54
N TYR B 590 33.55 14.81 -5.52
CA TYR B 590 34.31 14.81 -6.79
C TYR B 590 35.47 15.80 -6.72
N ASN B 591 36.60 15.37 -7.27
CA ASN B 591 37.72 16.27 -7.65
C ASN B 591 37.17 17.20 -8.73
N ASP B 592 37.38 18.51 -8.65
CA ASP B 592 36.72 19.42 -9.62
C ASP B 592 37.71 20.01 -10.63
N THR B 593 38.90 19.43 -10.74
CA THR B 593 39.82 19.85 -11.82
C THR B 593 39.06 19.76 -13.15
N ASN B 594 39.16 20.81 -13.97
CA ASN B 594 38.59 20.80 -15.34
C ASN B 594 37.07 20.67 -15.28
N SER B 595 36.46 20.99 -14.15
CA SER B 595 35.02 20.74 -13.91
C SER B 595 34.40 21.98 -13.27
N LYS B 596 33.09 22.10 -13.33
CA LYS B 596 32.34 23.14 -12.60
C LYS B 596 31.54 22.50 -11.47
N PRO B 597 31.80 22.85 -10.20
CA PRO B 597 31.02 22.31 -9.08
C PRO B 597 29.62 22.91 -9.07
N ILE B 598 28.61 22.07 -8.94
CA ILE B 598 27.20 22.55 -9.01
C ILE B 598 26.34 21.99 -7.87
N ALA B 599 26.89 21.20 -6.93
CA ALA B 599 26.15 20.67 -5.78
C ALA B 599 27.12 20.51 -4.61
N PHE B 600 26.60 20.76 -3.40
CA PHE B 600 27.41 20.92 -2.17
C PHE B 600 26.75 20.26 -0.97
N THR B 601 27.57 19.60 -0.16
CA THR B 601 27.15 19.05 1.15
C THR B 601 26.93 20.22 2.12
N GLN B 602 26.41 19.89 3.30
CA GLN B 602 26.18 20.90 4.37
C GLN B 602 27.53 21.54 4.73
N GLU B 603 28.66 20.82 4.63
CA GLU B 603 30.01 21.39 4.89
C GLU B 603 30.69 21.86 3.61
N ASN B 604 29.95 22.01 2.52
CA ASN B 604 30.40 22.60 1.22
C ASN B 604 31.41 21.69 0.48
N GLU B 605 31.36 20.38 0.67
CA GLU B 605 32.12 19.44 -0.17
C GLU B 605 31.34 19.29 -1.48
N ILE B 606 32.06 19.03 -2.56
CA ILE B 606 31.52 19.01 -3.95
C ILE B 606 30.90 17.64 -4.21
N CYS B 607 29.56 17.57 -4.28
CA CYS B 607 28.86 16.30 -4.55
C CYS B 607 28.15 16.38 -5.90
N GLY B 608 28.52 17.33 -6.76
CA GLY B 608 28.06 17.29 -8.15
C GLY B 608 28.88 18.20 -9.02
N ILE B 609 29.14 17.79 -10.26
CA ILE B 609 29.94 18.59 -11.20
C ILE B 609 29.33 18.55 -12.59
N ARG B 610 29.66 19.56 -13.38
CA ARG B 610 29.45 19.53 -14.84
C ARG B 610 30.82 19.60 -15.50
N LYS B 611 30.90 19.06 -16.68
CA LYS B 611 32.18 18.89 -17.42
C LYS B 611 31.93 18.81 -18.91
N LYS B 612 32.84 19.35 -19.69
CA LYS B 612 32.91 19.09 -21.15
C LYS B 612 33.84 17.91 -21.39
N ILE B 613 33.37 16.92 -22.14
CA ILE B 613 34.17 15.72 -22.52
C ILE B 613 33.98 15.54 -24.02
N GLY B 614 35.08 15.62 -24.79
CA GLY B 614 35.00 15.63 -26.26
C GLY B 614 34.03 16.69 -26.72
N LYS B 615 33.09 16.33 -27.57
CA LYS B 615 32.08 17.25 -28.11
C LYS B 615 30.86 17.33 -27.18
N GLY B 616 30.80 16.54 -26.11
CA GLY B 616 29.57 16.45 -25.27
C GLY B 616 29.69 17.03 -23.85
N GLU B 617 28.66 16.77 -23.04
CA GLU B 617 28.42 17.38 -21.72
C GLU B 617 28.07 16.27 -20.74
N LEU B 618 28.61 16.40 -19.54
CA LEU B 618 28.38 15.47 -18.43
C LEU B 618 27.86 16.29 -17.24
N THR B 619 26.75 15.84 -16.63
CA THR B 619 26.27 16.35 -15.34
C THR B 619 26.26 15.13 -14.42
N ILE B 620 27.11 15.11 -13.38
CA ILE B 620 27.17 13.98 -12.42
C ILE B 620 26.69 14.47 -11.07
N LEU B 621 25.69 13.82 -10.47
CA LEU B 621 25.27 14.12 -9.08
C LEU B 621 25.61 12.89 -8.21
N GLY B 622 26.40 13.08 -7.16
CA GLY B 622 26.83 12.02 -6.23
C GLY B 622 25.87 11.79 -5.11
N PHE B 623 24.57 12.01 -5.34
CA PHE B 623 23.51 11.86 -4.31
C PHE B 623 22.25 11.39 -5.02
N ALA B 624 21.34 10.78 -4.25
CA ALA B 624 20.09 10.17 -4.74
C ALA B 624 18.89 11.01 -4.30
N PHE B 625 18.05 11.41 -5.24
CA PHE B 625 16.75 12.04 -4.94
C PHE B 625 15.71 11.43 -5.83
N GLY B 626 14.48 11.36 -5.32
CA GLY B 626 13.31 10.94 -6.09
C GLY B 626 12.38 12.09 -6.24
N TYR B 627 11.10 11.86 -5.93
CA TYR B 627 10.13 12.99 -5.83
C TYR B 627 9.40 12.84 -4.49
N THR B 628 9.94 13.46 -3.44
CA THR B 628 9.30 13.49 -2.11
C THR B 628 9.25 14.87 -1.50
N SER B 629 9.57 15.92 -2.25
CA SER B 629 9.51 17.34 -1.87
C SER B 629 9.34 18.19 -3.11
N ASP B 630 8.88 19.44 -2.94
CA ASP B 630 8.84 20.42 -4.05
C ASP B 630 10.26 20.71 -4.55
N GLU B 631 11.30 20.67 -3.69
CA GLU B 631 12.69 20.92 -4.16
C GLU B 631 13.05 19.86 -5.23
N HIS B 632 12.57 18.64 -5.13
CA HIS B 632 12.90 17.60 -6.15
C HIS B 632 12.35 18.02 -7.51
N LEU B 633 11.11 18.52 -7.58
CA LEU B 633 10.56 19.01 -8.87
C LEU B 633 11.38 20.21 -9.34
N GLU B 634 11.78 21.11 -8.43
CA GLU B 634 12.62 22.25 -8.85
C GLU B 634 13.93 21.74 -9.47
N LEU B 635 14.53 20.72 -8.87
CA LEU B 635 15.85 20.19 -9.35
C LEU B 635 15.68 19.53 -10.73
N ILE B 636 14.64 18.73 -10.92
CA ILE B 636 14.40 18.08 -12.24
C ILE B 636 14.22 19.17 -13.28
N ASP B 637 13.43 20.17 -12.97
CA ASP B 637 13.12 21.29 -13.88
C ASP B 637 14.42 22.01 -14.29
N LYS B 638 15.29 22.34 -13.34
CA LYS B 638 16.62 22.94 -13.62
C LYS B 638 17.50 22.05 -14.50
N LEU B 639 17.55 20.75 -14.21
CA LEU B 639 18.36 19.79 -15.00
C LEU B 639 17.87 19.78 -16.45
N VAL B 640 16.54 19.68 -16.67
CA VAL B 640 15.96 19.68 -18.04
C VAL B 640 16.35 20.98 -18.74
N LYS B 641 16.31 22.10 -18.03
CA LYS B 641 16.54 23.42 -18.64
C LYS B 641 18.04 23.64 -18.92
N LEU B 642 18.96 22.83 -18.37
CA LEU B 642 20.40 22.96 -18.74
C LEU B 642 20.53 22.82 -20.25
N ASN B 643 19.71 22.02 -20.96
CA ASN B 643 19.86 21.90 -22.43
C ASN B 643 18.64 22.50 -23.14
N LYS B 644 17.99 23.47 -22.49
CA LYS B 644 17.03 24.42 -23.11
C LYS B 644 15.84 23.64 -23.68
N ILE B 645 15.43 22.59 -22.99
CA ILE B 645 14.22 21.80 -23.35
C ILE B 645 13.01 22.55 -22.80
N LYS B 646 11.96 22.63 -23.61
CA LYS B 646 10.77 23.46 -23.29
C LYS B 646 9.57 22.52 -23.31
N ARG B 647 8.59 22.77 -22.43
CA ARG B 647 7.28 22.05 -22.51
C ARG B 647 6.57 22.52 -23.79
N GLU B 648 5.61 21.77 -24.31
CA GLU B 648 4.96 22.22 -25.58
C GLU B 648 3.96 23.35 -25.31
N LEU B 649 3.34 23.39 -24.13
CA LEU B 649 2.30 24.39 -23.82
C LEU B 649 2.68 25.13 -22.56
N PHE B 650 2.22 26.37 -22.43
CA PHE B 650 2.06 27.10 -21.15
C PHE B 650 0.63 26.83 -20.71
N VAL B 651 0.48 26.19 -19.57
CA VAL B 651 -0.85 25.91 -18.97
C VAL B 651 -0.86 26.61 -17.62
N SER B 652 -1.89 27.41 -17.33
CA SER B 652 -1.89 28.36 -16.19
C SER B 652 -1.92 27.60 -14.85
N ASP B 653 -2.45 26.37 -14.81
CA ASP B 653 -2.54 25.57 -13.55
C ASP B 653 -1.47 24.47 -13.66
N LYS B 654 -0.45 24.50 -12.81
CA LYS B 654 0.69 23.54 -12.92
C LYS B 654 0.23 22.13 -12.57
N ASP B 655 -0.94 21.95 -11.94
CA ASP B 655 -1.39 20.60 -11.49
C ASP B 655 -2.30 19.95 -12.55
N ILE B 656 -2.52 20.61 -13.67
CA ILE B 656 -3.09 19.96 -14.91
C ILE B 656 -1.98 19.21 -15.67
N GLN B 657 -2.19 17.93 -15.96
CA GLN B 657 -1.30 17.15 -16.82
C GLN B 657 -1.81 17.28 -18.25
N PHE B 658 -0.86 17.44 -19.19
CA PHE B 658 -1.22 17.42 -20.62
C PHE B 658 -0.23 16.53 -21.37
N VAL B 659 -0.72 16.05 -22.51
CA VAL B 659 0.07 15.33 -23.52
C VAL B 659 -0.32 15.89 -24.88
N VAL B 660 0.69 16.37 -25.62
CA VAL B 660 0.50 16.76 -27.04
C VAL B 660 0.96 15.61 -27.91
N ARG B 661 0.05 15.09 -28.70
CA ARG B 661 0.33 14.01 -29.68
C ARG B 661 0.13 14.65 -31.06
N GLU B 662 1.11 14.52 -31.96
CA GLU B 662 0.96 15.09 -33.31
C GLU B 662 1.53 14.17 -34.37
N ASN B 663 1.13 14.44 -35.61
CA ASN B 663 1.83 13.99 -36.84
C ASN B 663 1.96 15.22 -37.73
N ASN B 664 2.23 15.04 -39.02
CA ASN B 664 2.39 16.16 -40.00
C ASN B 664 1.14 17.05 -40.03
N LYS B 665 -0.06 16.48 -39.88
CA LYS B 665 -1.37 17.13 -40.20
C LYS B 665 -2.20 17.47 -38.94
N SER B 666 -2.10 16.65 -37.89
CA SER B 666 -3.11 16.59 -36.80
C SER B 666 -2.37 16.79 -35.47
N ARG B 667 -3.01 17.49 -34.54
CA ARG B 667 -2.47 17.55 -33.15
C ARG B 667 -3.65 17.24 -32.25
N TYR B 668 -3.41 16.44 -31.21
CA TYR B 668 -4.37 16.20 -30.12
C TYR B 668 -3.71 16.74 -28.85
N ILE B 669 -4.48 17.50 -28.09
CA ILE B 669 -4.04 17.90 -26.73
C ILE B 669 -4.94 17.18 -25.73
N PHE B 670 -4.34 16.32 -24.91
CA PHE B 670 -5.04 15.60 -23.83
C PHE B 670 -4.77 16.35 -22.52
N PHE B 671 -5.81 16.87 -21.90
CA PHE B 671 -5.75 17.50 -20.55
C PHE B 671 -6.32 16.51 -19.56
N LEU B 672 -5.57 16.24 -18.48
CA LEU B 672 -5.93 15.20 -17.48
C LEU B 672 -5.94 15.85 -16.12
N ASN B 673 -7.06 15.76 -15.39
CA ASN B 673 -7.17 16.31 -14.01
C ASN B 673 -7.20 15.15 -13.03
N TYR B 674 -6.05 14.85 -12.42
CA TYR B 674 -5.89 13.71 -11.52
C TYR B 674 -6.23 14.08 -10.07
N HIS B 675 -6.95 15.17 -9.85
CA HIS B 675 -7.13 15.81 -8.53
C HIS B 675 -8.63 15.90 -8.18
N ASN B 676 -8.99 15.82 -6.90
CA ASN B 676 -10.39 16.04 -6.43
C ASN B 676 -10.64 17.55 -6.32
N GLU B 677 -10.69 18.24 -7.45
CA GLU B 677 -10.87 19.71 -7.50
C GLU B 677 -11.37 20.02 -8.91
N ARG B 678 -12.43 20.80 -9.02
CA ARG B 678 -12.80 21.38 -10.32
C ARG B 678 -11.76 22.45 -10.66
N LYS B 679 -11.04 22.30 -11.76
CA LYS B 679 -9.99 23.27 -12.15
C LYS B 679 -10.39 24.01 -13.42
N THR B 680 -10.11 25.30 -13.40
CA THR B 680 -10.27 26.23 -14.53
C THR B 680 -8.90 26.77 -14.90
N PHE B 681 -8.52 26.66 -16.17
CA PHE B 681 -7.21 27.12 -16.61
C PHE B 681 -7.28 27.59 -18.06
N ASN B 682 -6.18 28.21 -18.50
CA ASN B 682 -5.98 28.58 -19.91
C ASN B 682 -4.66 27.98 -20.39
N TYR B 683 -4.48 27.86 -21.70
CA TYR B 683 -3.27 27.28 -22.33
C TYR B 683 -2.96 28.04 -23.63
N ARG B 684 -1.71 27.97 -24.07
CA ARG B 684 -1.23 28.54 -25.37
C ARG B 684 0.04 27.77 -25.71
N LYS B 685 0.52 27.84 -26.95
CA LYS B 685 1.80 27.19 -27.37
C LYS B 685 2.96 27.92 -26.67
N SER B 686 4.06 27.24 -26.39
CA SER B 686 5.18 27.82 -25.60
C SER B 686 5.68 29.14 -26.22
N GLU B 695 -9.26 30.69 -24.68
CA GLU B 695 -8.22 29.65 -24.46
C GLU B 695 -8.38 29.10 -23.02
N GLU B 696 -9.62 29.08 -22.46
CA GLU B 696 -10.05 29.06 -21.01
C GLU B 696 -11.06 27.93 -20.71
N ILE B 697 -10.68 26.94 -19.90
CA ILE B 697 -11.37 25.60 -19.90
C ILE B 697 -11.58 25.12 -18.46
N SER B 698 -12.69 24.45 -18.17
CA SER B 698 -12.99 23.90 -16.82
C SER B 698 -13.07 22.39 -16.91
N ILE B 699 -12.38 21.67 -16.00
CA ILE B 699 -12.35 20.19 -15.96
C ILE B 699 -12.79 19.74 -14.57
N ALA B 700 -13.72 18.81 -14.54
CA ALA B 700 -14.26 18.17 -13.32
C ALA B 700 -13.13 17.42 -12.61
N PRO B 701 -13.30 17.13 -11.30
CA PRO B 701 -12.41 16.20 -10.60
C PRO B 701 -12.23 14.90 -11.38
N PHE B 702 -11.00 14.36 -11.36
CA PHE B 702 -10.68 13.02 -11.89
C PHE B 702 -11.25 12.86 -13.30
N SER B 703 -11.03 13.88 -14.12
CA SER B 703 -11.66 13.97 -15.46
C SER B 703 -10.66 14.46 -16.51
N TYR B 704 -11.16 14.71 -17.71
CA TYR B 704 -10.30 14.93 -18.89
C TYR B 704 -11.00 15.86 -19.86
N LYS B 705 -10.22 16.38 -20.79
CA LYS B 705 -10.70 17.13 -21.98
C LYS B 705 -9.72 16.88 -23.10
N VAL B 706 -10.21 16.65 -24.30
CA VAL B 706 -9.34 16.42 -25.49
C VAL B 706 -9.67 17.51 -26.51
N ILE B 707 -8.66 18.22 -26.94
CA ILE B 707 -8.72 19.30 -27.97
C ILE B 707 -8.01 18.81 -29.23
N LYS B 708 -8.61 19.05 -30.39
CA LYS B 708 -7.97 18.84 -31.72
C LYS B 708 -7.53 20.17 -32.33
N GLU B 709 -6.34 20.19 -32.93
CA GLU B 709 -5.79 21.35 -33.67
C GLU B 709 -5.30 20.82 -35.03
N ASN B 710 -5.67 21.48 -36.13
CA ASN B 710 -5.11 21.14 -37.46
C ASN B 710 -3.84 21.98 -37.63
N LYS B 711 -2.80 21.43 -38.27
CA LYS B 711 -1.47 22.09 -38.27
C LYS B 711 -1.29 22.99 -39.51
O7 7OQ C . 11.03 11.09 10.04
C12 7OQ C . 9.65 11.01 10.27
C10 7OQ C . 9.08 10.14 11.21
C8 7OQ C . 7.69 10.13 11.45
C11 7OQ C . 8.78 11.85 9.55
C9 7OQ C . 7.39 11.79 9.76
C7 7OQ C . 6.81 10.93 10.71
O4 7OQ C . 5.43 10.99 10.90
C5 7OQ C . 4.65 9.95 11.54
O1 7OQ C . 4.31 9.03 10.50
C3 7OQ C . 3.36 10.45 12.17
O5 7OQ C . 3.60 11.35 13.29
C1 7OQ C . 2.47 9.25 12.62
O2 7OQ C . 1.23 9.71 13.10
C2 7OQ C . 2.26 8.25 11.46
O3 7OQ C . 1.56 7.09 11.92
C4 7OQ C . 3.62 7.85 10.93
C6 7OQ C . 3.61 6.94 9.68
O6 7OQ C . 2.74 7.57 8.69
CA CA D . 40.27 14.37 -13.25
O7 7OQ E . -2.43 -16.49 -6.51
C12 7OQ E . -2.75 -15.51 -7.41
C10 7OQ E . -2.29 -15.60 -8.72
C8 7OQ E . -2.59 -14.62 -9.65
C11 7OQ E . -3.50 -14.42 -7.01
C9 7OQ E . -3.80 -13.42 -7.93
C7 7OQ E . -3.37 -13.51 -9.26
O4 7OQ E . -3.69 -12.54 -10.20
C5 7OQ E . -2.59 -11.69 -10.60
O1 7OQ E . -2.35 -10.75 -9.52
C3 7OQ E . -2.84 -10.90 -11.91
O5 7OQ E . -3.03 -11.76 -13.06
C1 7OQ E . -1.61 -10.05 -12.21
O2 7OQ E . -1.79 -9.26 -13.39
C2 7OQ E . -1.30 -9.11 -11.02
O3 7OQ E . -0.15 -8.20 -11.29
C4 7OQ E . -1.15 -9.98 -9.76
C6 7OQ E . -0.84 -9.13 -8.52
O6 7OQ E . -1.92 -8.25 -8.34
#